data_9QQT
#
_entry.id   9QQT
#
_cell.length_a   81.621
_cell.length_b   189.823
_cell.length_c   83.930
_cell.angle_alpha   90.00
_cell.angle_beta   114.36
_cell.angle_gamma   90.00
#
_symmetry.space_group_name_H-M   'P 1 21 1'
#
loop_
_entity.id
_entity.type
_entity.pdbx_description
1 polymer 'Methyl-coenzyme M reductase subunit alpha'
2 polymer 'Methyl-coenzyme M reductase subunit beta'
3 polymer 'Methyl-coenzyme M reductase subunit gamma'
4 polymer 'Methyl-coenzyme M reductase subunit alpha'
5 non-polymer 'POTASSIUM ION'
6 non-polymer 'FACTOR 430'
7 non-polymer 1,2-ETHANEDIOL
8 non-polymer 'Coenzyme B'
9 non-polymer '1-THIOETHANESULFONIC ACID'
10 non-polymer O-PHOSPHONO-N-{(2E)-7-[(2-SULFOETHYL)DITHIO]HEPT-2-ENOYL}-L-THREONINE
11 water water
#
loop_
_entity_poly.entity_id
_entity_poly.type
_entity_poly.pdbx_seq_one_letter_code
_entity_poly.pdbx_strand_id
1 'polypeptide(L)'
;MAEPRFKKSMETKYAKEWGSNKVGSTAKAKITDKKTKYLRLGYQQNPRKVEMAK(CSO)GAAITKKRGLQAYDPKLHLAG
IPMGQRQLTPYTISGTDIVCDGDDLHFVNNAAMQQEWDDIRRTCVVGLDLAHETLEKRLGKEVTPETINYYLEVLNHAMP
GAAIVQEHMVETHPALVDDCYVKIFTGDETLQDEVDKQFVINIDNEFPANQAKQIKAAVGKTSWQAVHIPTIVTRTEDGP
GTSRWMAMQVGMTFISAYHMCAGEAAVGELAFTAK(MHS)AGLVEMGDMIPAR(AGM)ARGPNEPGGLSFGHMADIVQTN
RKGPEDPVNVVLQTASAATMLYDQIWLGGYMSGGVGFTMYATPAYTNDIVDDFLYWGNDYAAKKYGGNGKAKATIDTVKD
IATETTLYGLEAYEKYPTTLEDHFGGSQRATVISIAAGGATALATGHSQAGLSA(TRX)YLSMYLHKEAHGRLGFY
(GL3)YDLQ(DYA)Q(SMC)GATNVFSIASDEGCIGECRGANYPNYAMNVGHQGGYTSVVAAAHAGKDAFCVNPLVKTCF
ADELINFDFADPRAAFGKAALREWDRCAGERAFVIPAK
;
A
2 'polypeptide(L)'
;MADTIDLYSDRGAKLKSGVDINDISPMRNAAIKSIVTGIKRTAAVDLAGIEKTLATSAIGGKGRKIPGREMKLDIVKNAA
AIQKAVNELVQVDSGDDTVVKALNGGKQLIVQVPSVRIDVAAEYVSSLTCTASAVTQALVSQFNIGMFDAPTIKSAVWGQ
YPQTLDMVGGNVKSIVDIPQKDEGFGYTLRNVMANHLAATCKKSAMNTAALCSILENTGVFEMGDAIGNQTRHRLLAFSH
QGLNANNLVYGTTKALGKTGTIGSAVHACVEKAIADKVISADKKFASGYTTYKTNDVGKWNAYCAAGTLVATLINCGAQR
APQSVSAVLLYFNDLIEKETSLPGCDFGKVQGAAVGFSFFSHSIYGGGGPGVFNGNHVVTRHSKGLAVPCVAAAVALDAG
VQIYSPEKTSGLVGDVFSSVDEFREPIKAVAGAV
;
B,E
3 'polypeptide(L)'
;MAYKPQYYPGSTSVAKNRRKHMSDDVEKMRDISDEDLTALLGHRAPGSDYPSTHPPLSEIGEPACSVREVVEPTPGAAAG
DRLRYVQWSDSMYNAPSVPYWRSYHAAINFRGVDPGTLSGRQVNEMRERDMEEYAKRQAETEMTDWGLAGMRGCTVHG
(A1I9G)SLRLQEDGVMFDMLDRRRLEGGVIVSDKDQVGVPIDRKVNLGKPMSEAEAAKRTTFYRVDNVAFRSDKEVIEH
VQKVWELRTKYGFVPKA
;
C,F
4 'polypeptide(L)'
;MAEPRFKKSMETKYAKEWGSNKVGSTAKAKITDKKTKYLRLGYQQNPRKVEMAKCGAAITKKRGLQAYDPKLHLAGIPMG
QRQLTPYTISGTDIVCDGDDLHFVNNAAMQQEWDDIRRTCVVGLDLAHETLEKRLGKEVTPETINYYLEVLNHAMPGAAI
VQEHMVETHPALVDDCYVKIFTGDETLQDEVDKQFVINIDNEFPANQAKQIKAAVGKTSWQAVHIPTIVTRTEDGPGTSR
WMAMQVGMTFISAYHMCAGEAAVGELAFTAK(MHS)AGLVEMGDMIPAR(AGM)ARGPNEPGGLSFGHMADIVQTNRKGP
EDPVNVVLQTASAATMLYDQIWLGGYMSGGVGFTMYATPAYTNDIVDDFLYWGNDYAAKKYGGNGKAKATIDTVKDIATE
TTLYGLEAYEKYPTTLEDHFGGSQRATVISIAAGGATALATGHSQAGLSA(TRX)YLSMYLHKEAHGRLGFY(GL3)YDL
Q(DYA)Q(SMC)GATNVFSIASDEGCIGECRGANYPNYAMNVGHQGGYTSVVAAAHAGKDAFCVNPLVKTCFADELINFD
FADPRAAFGKAALREWDRCAGERAFVIPAK
;
D
#
# COMPACT_ATOMS: atom_id res chain seq x y z
N ALA A 2 -13.15 -48.32 -14.66
CA ALA A 2 -13.07 -48.48 -13.17
C ALA A 2 -14.12 -47.57 -12.58
N GLU A 3 -14.41 -47.77 -11.31
CA GLU A 3 -15.36 -46.85 -10.67
C GLU A 3 -14.69 -45.48 -10.63
N PRO A 4 -15.47 -44.40 -10.65
CA PRO A 4 -14.89 -43.06 -10.55
C PRO A 4 -14.14 -42.89 -9.24
N ARG A 5 -13.16 -41.96 -9.21
N ARG A 5 -13.17 -41.97 -9.21
CA ARG A 5 -12.32 -41.81 -8.01
CA ARG A 5 -12.32 -41.81 -8.01
C ARG A 5 -13.16 -41.34 -6.81
C ARG A 5 -13.15 -41.33 -6.82
N PHE A 6 -14.29 -40.68 -7.07
CA PHE A 6 -15.14 -40.11 -6.05
C PHE A 6 -16.18 -41.08 -5.51
N LYS A 7 -16.15 -42.35 -5.94
CA LYS A 7 -17.18 -43.31 -5.46
C LYS A 7 -17.21 -43.40 -3.92
N LYS A 8 -16.04 -43.61 -3.30
CA LYS A 8 -16.01 -43.76 -1.86
C LYS A 8 -16.48 -42.49 -1.15
N SER A 9 -15.98 -41.34 -1.59
CA SER A 9 -16.36 -40.09 -0.94
CA SER A 9 -16.36 -40.10 -0.93
C SER A 9 -17.86 -39.84 -1.06
N MET A 10 -18.46 -40.16 -2.21
CA MET A 10 -19.89 -39.98 -2.35
C MET A 10 -20.68 -40.94 -1.49
N GLU A 11 -20.17 -42.16 -1.30
CA GLU A 11 -20.82 -43.10 -0.39
C GLU A 11 -20.74 -42.59 1.06
N THR A 12 -19.58 -42.07 1.46
CA THR A 12 -19.45 -41.51 2.81
C THR A 12 -20.43 -40.37 3.00
N LYS A 13 -20.56 -39.50 2.00
CA LYS A 13 -21.35 -38.30 2.16
C LYS A 13 -22.85 -38.59 2.09
N TYR A 14 -23.26 -39.51 1.22
CA TYR A 14 -24.67 -39.64 0.88
CA TYR A 14 -24.66 -39.65 0.88
C TYR A 14 -25.24 -41.04 1.12
N ALA A 15 -24.47 -41.96 1.67
CA ALA A 15 -24.98 -43.29 1.95
C ALA A 15 -24.49 -43.80 3.29
N LYS A 16 -23.93 -42.95 4.14
CA LYS A 16 -23.52 -43.29 5.48
C LYS A 16 -23.96 -42.19 6.42
N GLU A 17 -24.26 -42.55 7.66
CA GLU A 17 -24.68 -41.59 8.66
C GLU A 17 -23.58 -40.57 8.93
N TRP A 18 -23.98 -39.33 9.18
CA TRP A 18 -23.08 -38.31 9.69
C TRP A 18 -23.83 -37.56 10.78
N GLY A 19 -23.33 -37.67 12.01
CA GLY A 19 -24.09 -37.16 13.14
C GLY A 19 -25.37 -37.97 13.28
N SER A 20 -26.51 -37.29 13.30
CA SER A 20 -27.82 -37.96 13.30
CA SER A 20 -27.84 -37.88 13.34
C SER A 20 -28.64 -37.53 12.09
N ASN A 21 -27.98 -37.39 10.95
CA ASN A 21 -28.62 -36.94 9.72
C ASN A 21 -29.46 -37.98 9.01
N LYS A 22 -29.50 -39.23 9.46
CA LYS A 22 -30.30 -40.31 8.91
C LYS A 22 -29.85 -40.75 7.52
N VAL A 23 -28.69 -40.29 7.04
CA VAL A 23 -28.24 -40.67 5.70
C VAL A 23 -27.72 -42.09 5.66
N GLY A 24 -27.54 -42.74 6.82
CA GLY A 24 -27.31 -44.18 6.84
C GLY A 24 -28.53 -45.06 6.69
N SER A 25 -29.73 -44.47 6.72
CA SER A 25 -30.98 -45.23 6.68
C SER A 25 -32.07 -44.48 5.93
N THR A 26 -32.83 -43.65 6.64
CA THR A 26 -33.99 -43.01 6.03
C THR A 26 -33.65 -42.26 4.75
N ALA A 27 -32.51 -41.56 4.75
CA ALA A 27 -32.09 -40.68 3.67
C ALA A 27 -30.91 -41.24 2.91
N LYS A 28 -30.62 -42.54 3.06
CA LYS A 28 -29.56 -43.17 2.29
C LYS A 28 -29.92 -43.10 0.80
N ALA A 29 -28.89 -42.97 -0.04
CA ALA A 29 -29.13 -42.97 -1.49
C ALA A 29 -28.06 -43.78 -2.21
N LYS A 30 -28.40 -44.24 -3.41
CA LYS A 30 -27.35 -44.75 -4.30
C LYS A 30 -26.72 -43.48 -4.88
N ILE A 31 -25.44 -43.52 -5.25
CA ILE A 31 -24.77 -42.24 -5.65
C ILE A 31 -25.25 -41.74 -7.02
N THR A 32 -26.04 -42.53 -7.76
CA THR A 32 -26.65 -42.13 -9.00
C THR A 32 -28.10 -41.67 -8.86
N ASP A 33 -28.70 -41.76 -7.66
CA ASP A 33 -30.10 -41.38 -7.50
C ASP A 33 -30.30 -39.87 -7.74
N LYS A 34 -31.36 -39.54 -8.50
CA LYS A 34 -31.71 -38.15 -8.79
C LYS A 34 -32.58 -37.51 -7.74
N LYS A 35 -33.19 -38.31 -6.86
CA LYS A 35 -34.10 -37.80 -5.83
C LYS A 35 -33.58 -38.16 -4.45
N THR A 36 -34.00 -37.38 -3.45
CA THR A 36 -33.69 -37.69 -2.08
C THR A 36 -34.79 -37.13 -1.19
N LYS A 37 -34.60 -37.28 0.11
CA LYS A 37 -35.53 -36.76 1.10
C LYS A 37 -34.96 -35.49 1.72
N TYR A 38 -35.86 -34.60 2.13
CA TYR A 38 -35.55 -33.34 2.81
C TYR A 38 -36.29 -33.42 4.15
N LEU A 39 -35.58 -33.88 5.17
CA LEU A 39 -36.21 -34.24 6.43
C LEU A 39 -36.35 -33.07 7.39
N ARG A 40 -35.72 -31.93 7.12
CA ARG A 40 -35.87 -30.72 7.96
C ARG A 40 -35.57 -31.00 9.42
N LEU A 41 -34.44 -31.65 9.65
CA LEU A 41 -34.02 -31.98 11.00
C LEU A 41 -33.42 -30.78 11.72
N GLY A 42 -32.99 -29.75 10.99
CA GLY A 42 -32.36 -28.58 11.59
C GLY A 42 -30.93 -28.85 12.02
N TYR A 43 -30.34 -27.86 12.70
CA TYR A 43 -28.88 -27.96 12.99
C TYR A 43 -28.60 -29.09 13.99
N GLN A 44 -29.60 -29.51 14.77
CA GLN A 44 -29.36 -30.48 15.83
CA GLN A 44 -29.37 -30.48 15.83
C GLN A 44 -28.93 -31.85 15.30
N GLN A 45 -29.05 -32.10 13.99
CA GLN A 45 -28.54 -33.34 13.41
C GLN A 45 -27.02 -33.40 13.39
N ASN A 46 -26.34 -32.28 13.62
CA ASN A 46 -24.90 -32.16 13.36
C ASN A 46 -24.18 -31.77 14.64
N PRO A 47 -23.40 -32.66 15.24
CA PRO A 47 -22.74 -32.32 16.51
C PRO A 47 -21.89 -31.07 16.45
N ARG A 48 -21.22 -30.79 15.33
CA ARG A 48 -20.40 -29.58 15.25
C ARG A 48 -21.28 -28.34 15.36
N LYS A 49 -22.40 -28.28 14.60
CA LYS A 49 -23.33 -27.16 14.74
C LYS A 49 -23.84 -27.05 16.16
N VAL A 50 -24.11 -28.18 16.80
CA VAL A 50 -24.62 -28.11 18.18
C VAL A 50 -23.59 -27.50 19.11
N GLU A 51 -22.32 -27.90 18.96
CA GLU A 51 -21.24 -27.31 19.73
C GLU A 51 -21.18 -25.81 19.51
N MET A 52 -21.33 -25.38 18.26
CA MET A 52 -21.25 -23.94 17.93
C MET A 52 -22.43 -23.21 18.58
N ALA A 53 -23.62 -23.78 18.49
CA ALA A 53 -24.81 -23.15 19.06
C ALA A 53 -24.66 -23.00 20.57
N LYS A 54 -24.20 -24.07 21.23
CA LYS A 54 -24.00 -24.01 22.67
C LYS A 54 -22.97 -22.95 23.05
N GLY A 56 -22.23 -20.27 21.29
CA GLY A 56 -22.84 -18.97 21.02
C GLY A 56 -23.76 -18.54 22.15
N ALA A 57 -24.62 -19.46 22.63
CA ALA A 57 -25.55 -19.10 23.68
C ALA A 57 -24.80 -18.73 24.96
N ALA A 58 -23.68 -19.42 25.23
CA ALA A 58 -22.88 -19.11 26.42
C ALA A 58 -22.22 -17.73 26.29
N ILE A 59 -21.78 -17.36 25.09
CA ILE A 59 -21.21 -16.03 24.86
C ILE A 59 -22.27 -14.98 25.09
N THR A 60 -23.45 -15.15 24.49
CA THR A 60 -24.51 -14.17 24.67
C THR A 60 -24.75 -13.90 26.16
N LYS A 61 -24.82 -14.97 26.94
CA LYS A 61 -25.13 -14.85 28.36
C LYS A 61 -23.98 -14.19 29.13
N LYS A 62 -22.75 -14.61 28.83
CA LYS A 62 -21.60 -14.10 29.58
C LYS A 62 -21.38 -12.62 29.31
N ARG A 63 -21.46 -12.19 28.07
CA ARG A 63 -21.11 -10.81 27.76
C ARG A 63 -22.31 -9.87 27.79
N GLY A 64 -23.53 -10.40 27.85
CA GLY A 64 -24.70 -9.54 27.82
C GLY A 64 -24.99 -8.91 26.47
N LEU A 65 -24.58 -9.54 25.38
CA LEU A 65 -24.76 -9.01 24.04
C LEU A 65 -24.88 -10.20 23.10
N GLN A 66 -25.96 -10.19 22.32
CA GLN A 66 -26.30 -11.23 21.35
C GLN A 66 -25.09 -11.70 20.57
N ALA A 67 -24.96 -13.03 20.48
CA ALA A 67 -23.93 -13.68 19.69
C ALA A 67 -24.61 -14.73 18.79
N TYR A 68 -23.83 -15.71 18.31
CA TYR A 68 -24.35 -16.71 17.38
C TYR A 68 -25.62 -17.35 17.90
N ASP A 69 -26.60 -17.48 17.01
CA ASP A 69 -27.84 -18.21 17.26
C ASP A 69 -28.43 -18.64 15.92
N PRO A 70 -28.49 -19.96 15.63
CA PRO A 70 -28.99 -20.40 14.34
C PRO A 70 -30.42 -19.96 14.04
N LYS A 71 -31.18 -19.61 15.07
CA LYS A 71 -32.58 -19.14 14.89
C LYS A 71 -32.61 -17.74 14.25
N LEU A 72 -31.48 -17.05 14.15
CA LEU A 72 -31.44 -15.74 13.52
C LEU A 72 -31.20 -15.83 12.01
N HIS A 73 -31.24 -17.03 11.43
CA HIS A 73 -31.34 -17.16 10.00
C HIS A 73 -32.56 -16.42 9.47
N LEU A 74 -32.43 -15.95 8.25
CA LEU A 74 -33.56 -15.36 7.52
C LEU A 74 -34.79 -16.25 7.65
N ALA A 75 -35.94 -15.61 7.91
CA ALA A 75 -37.25 -16.24 8.10
C ALA A 75 -37.35 -17.07 9.36
N GLY A 76 -36.31 -17.11 10.19
CA GLY A 76 -36.34 -17.96 11.35
C GLY A 76 -36.28 -19.43 11.03
N ILE A 77 -35.85 -19.78 9.81
CA ILE A 77 -35.76 -21.17 9.37
C ILE A 77 -34.28 -21.55 9.41
N PRO A 78 -33.84 -22.35 10.40
CA PRO A 78 -32.42 -22.64 10.52
CA PRO A 78 -32.42 -22.65 10.53
C PRO A 78 -31.85 -23.58 9.44
N MET A 79 -30.54 -23.47 9.29
CA MET A 79 -29.84 -24.39 8.38
C MET A 79 -30.07 -25.84 8.85
N GLY A 80 -29.94 -26.75 7.89
CA GLY A 80 -30.26 -28.13 8.13
C GLY A 80 -31.67 -28.51 7.71
N GLN A 81 -32.26 -27.74 6.79
CA GLN A 81 -33.52 -28.17 6.18
C GLN A 81 -33.27 -29.35 5.25
N ARG A 82 -32.29 -29.24 4.35
CA ARG A 82 -31.67 -30.42 3.76
C ARG A 82 -30.75 -31.06 4.79
N GLN A 83 -30.34 -32.31 4.56
CA GLN A 83 -29.43 -32.94 5.50
C GLN A 83 -28.04 -32.31 5.40
N LEU A 84 -27.39 -32.24 6.56
CA LEU A 84 -26.03 -31.72 6.66
C LEU A 84 -25.06 -32.89 6.51
N THR A 85 -24.21 -32.81 5.51
CA THR A 85 -23.39 -33.93 5.08
C THR A 85 -21.91 -33.55 5.10
N PRO A 86 -21.02 -34.57 5.19
CA PRO A 86 -19.60 -34.31 5.45
C PRO A 86 -18.78 -34.19 4.17
N TYR A 87 -17.47 -34.05 4.45
N TYR A 87 -17.46 -34.09 4.42
CA TYR A 87 -16.45 -33.99 3.38
CA TYR A 87 -16.48 -33.97 3.33
C TYR A 87 -15.32 -34.95 3.72
C TYR A 87 -15.28 -34.85 3.68
N THR A 88 -14.75 -35.60 2.72
CA THR A 88 -13.55 -36.41 2.85
C THR A 88 -12.39 -35.63 2.25
N ILE A 89 -11.28 -35.52 2.98
CA ILE A 89 -10.10 -34.88 2.38
C ILE A 89 -9.61 -35.76 1.23
N SER A 90 -9.43 -35.19 0.06
CA SER A 90 -9.11 -35.97 -1.11
C SER A 90 -7.82 -36.74 -0.93
N GLY A 91 -7.82 -37.98 -1.39
CA GLY A 91 -6.69 -38.86 -1.26
C GLY A 91 -6.53 -39.46 0.11
N THR A 92 -7.47 -39.23 1.02
CA THR A 92 -7.38 -39.71 2.37
C THR A 92 -8.70 -40.33 2.82
N ASP A 93 -8.69 -40.88 4.04
CA ASP A 93 -9.91 -41.32 4.70
C ASP A 93 -10.30 -40.41 5.85
N ILE A 94 -9.85 -39.16 5.82
CA ILE A 94 -10.21 -38.18 6.85
C ILE A 94 -11.57 -37.57 6.47
N VAL A 95 -12.55 -37.73 7.35
CA VAL A 95 -13.91 -37.25 7.16
C VAL A 95 -14.20 -36.17 8.20
N CYS A 96 -14.75 -35.04 7.76
CA CYS A 96 -14.98 -33.92 8.66
C CYS A 96 -16.15 -33.08 8.15
N ASP A 97 -16.51 -32.06 8.93
CA ASP A 97 -17.49 -31.09 8.50
C ASP A 97 -16.83 -29.95 7.72
N GLY A 98 -17.63 -29.24 6.92
CA GLY A 98 -17.14 -28.02 6.30
C GLY A 98 -16.63 -27.03 7.32
N ASP A 99 -17.30 -26.97 8.47
CA ASP A 99 -16.92 -26.08 9.56
C ASP A 99 -15.50 -26.34 10.09
N ASP A 100 -14.95 -27.51 9.85
CA ASP A 100 -13.60 -27.79 10.30
C ASP A 100 -12.55 -27.30 9.29
N LEU A 101 -13.00 -26.72 8.20
CA LEU A 101 -12.16 -26.30 7.08
C LEU A 101 -12.21 -24.81 6.81
N HIS A 102 -12.98 -24.03 7.58
CA HIS A 102 -12.88 -22.57 7.47
C HIS A 102 -11.49 -22.16 7.93
N PHE A 103 -10.87 -21.17 7.28
CA PHE A 103 -9.54 -20.79 7.73
C PHE A 103 -9.52 -20.35 9.18
N VAL A 104 -10.57 -19.71 9.67
CA VAL A 104 -10.59 -19.24 11.06
C VAL A 104 -10.54 -20.42 12.01
N ASN A 105 -11.14 -21.54 11.62
CA ASN A 105 -11.31 -22.69 12.49
C ASN A 105 -10.24 -23.76 12.33
N ASN A 106 -9.28 -23.55 11.44
CA ASN A 106 -8.33 -24.59 11.05
C ASN A 106 -6.91 -24.02 11.18
N ALA A 107 -6.21 -24.46 12.22
CA ALA A 107 -4.93 -23.84 12.54
C ALA A 107 -3.88 -24.13 11.49
N ALA A 108 -3.93 -25.30 10.84
CA ALA A 108 -2.96 -25.55 9.78
C ALA A 108 -3.11 -24.57 8.62
N MET A 109 -4.35 -24.21 8.27
CA MET A 109 -4.56 -23.21 7.21
C MET A 109 -3.97 -21.88 7.59
N GLN A 110 -4.19 -21.44 8.84
CA GLN A 110 -3.58 -20.19 9.27
C GLN A 110 -2.06 -20.30 9.23
N GLN A 111 -1.49 -21.43 9.66
CA GLN A 111 -0.05 -21.56 9.67
C GLN A 111 0.54 -21.62 8.28
N GLU A 112 -0.16 -22.22 7.32
CA GLU A 112 0.32 -22.16 5.94
C GLU A 112 0.59 -20.72 5.52
N TRP A 113 -0.39 -19.85 5.75
CA TRP A 113 -0.21 -18.45 5.38
C TRP A 113 0.87 -17.79 6.23
N ASP A 114 0.88 -18.00 7.54
CA ASP A 114 1.92 -17.39 8.37
C ASP A 114 3.31 -17.80 7.89
N ASP A 115 3.49 -19.06 7.49
CA ASP A 115 4.80 -19.54 7.07
C ASP A 115 5.25 -18.90 5.77
N ILE A 116 4.32 -18.53 4.87
CA ILE A 116 4.67 -17.77 3.68
C ILE A 116 4.95 -16.31 4.05
N ARG A 117 4.04 -15.71 4.81
CA ARG A 117 4.11 -14.28 5.15
C ARG A 117 5.40 -13.96 5.89
N ARG A 118 5.84 -14.87 6.78
CA ARG A 118 6.98 -14.63 7.65
C ARG A 118 8.31 -15.02 7.02
N THR A 119 8.35 -15.33 5.75
CA THR A 119 9.55 -15.86 5.11
C THR A 119 10.06 -14.92 4.02
N CYS A 120 11.40 -14.86 3.95
CA CYS A 120 12.05 -14.19 2.79
C CYS A 120 13.38 -14.90 2.57
N VAL A 121 13.98 -14.69 1.41
CA VAL A 121 15.28 -15.24 1.01
C VAL A 121 16.22 -14.06 0.82
N VAL A 122 17.46 -14.19 1.29
CA VAL A 122 18.40 -13.07 1.36
CA VAL A 122 18.38 -13.07 1.29
C VAL A 122 19.79 -13.55 0.99
N GLY A 123 20.37 -12.97 -0.05
CA GLY A 123 21.68 -13.38 -0.49
C GLY A 123 22.76 -13.10 0.53
N LEU A 124 23.82 -13.89 0.40
CA LEU A 124 25.04 -13.65 1.18
C LEU A 124 26.19 -13.07 0.36
N ASP A 125 26.20 -13.28 -0.96
CA ASP A 125 27.38 -12.92 -1.73
C ASP A 125 27.69 -11.42 -1.68
N LEU A 126 26.68 -10.57 -1.88
CA LEU A 126 26.92 -9.14 -1.88
C LEU A 126 27.37 -8.65 -0.50
N ALA A 127 26.81 -9.22 0.57
CA ALA A 127 27.24 -8.84 1.91
C ALA A 127 28.71 -9.20 2.14
N HIS A 128 29.10 -10.39 1.72
CA HIS A 128 30.50 -10.80 1.90
C HIS A 128 31.42 -9.95 1.04
N GLU A 129 30.98 -9.60 -0.17
CA GLU A 129 31.76 -8.70 -1.02
C GLU A 129 31.95 -7.33 -0.35
N THR A 130 30.90 -6.83 0.30
CA THR A 130 30.99 -5.55 0.99
C THR A 130 32.05 -5.60 2.09
N LEU A 131 32.02 -6.66 2.90
CA LEU A 131 33.01 -6.83 3.96
C LEU A 131 34.43 -6.93 3.42
N GLU A 132 34.61 -7.71 2.35
CA GLU A 132 35.93 -7.87 1.77
C GLU A 132 36.46 -6.55 1.22
N LYS A 133 35.64 -5.84 0.46
CA LYS A 133 36.11 -4.62 -0.21
C LYS A 133 36.28 -3.46 0.77
N ARG A 134 35.28 -3.21 1.60
CA ARG A 134 35.33 -2.01 2.42
C ARG A 134 36.25 -2.17 3.63
N LEU A 135 36.24 -3.35 4.27
CA LEU A 135 37.02 -3.58 5.48
C LEU A 135 38.23 -4.48 5.26
N GLY A 136 38.32 -5.20 4.16
CA GLY A 136 39.41 -6.15 3.97
C GLY A 136 39.24 -7.42 4.77
N LYS A 137 38.02 -7.75 5.17
CA LYS A 137 37.80 -8.93 5.97
C LYS A 137 37.95 -10.17 5.09
N GLU A 138 38.36 -11.27 5.73
CA GLU A 138 38.39 -12.60 5.10
C GLU A 138 37.19 -13.40 5.57
N VAL A 139 36.36 -13.85 4.63
CA VAL A 139 35.17 -14.64 4.91
C VAL A 139 35.51 -16.09 4.65
N THR A 140 35.23 -16.94 5.62
CA THR A 140 35.55 -18.36 5.55
C THR A 140 34.38 -19.18 6.07
N PRO A 141 34.37 -20.50 5.85
CA PRO A 141 33.34 -21.32 6.52
C PRO A 141 33.29 -21.09 8.01
N GLU A 142 34.44 -20.89 8.65
CA GLU A 142 34.46 -20.65 10.08
C GLU A 142 33.78 -19.33 10.45
N THR A 143 34.02 -18.26 9.70
CA THR A 143 33.36 -17.00 10.04
C THR A 143 31.86 -17.11 9.77
N ILE A 144 31.49 -17.82 8.70
CA ILE A 144 30.08 -18.02 8.35
C ILE A 144 29.38 -18.86 9.42
N ASN A 145 30.05 -19.91 9.95
CA ASN A 145 29.41 -20.72 10.98
C ASN A 145 29.16 -19.92 12.25
N TYR A 146 30.11 -19.07 12.65
CA TYR A 146 29.85 -18.22 13.83
C TYR A 146 28.72 -17.23 13.55
N TYR A 147 28.74 -16.60 12.37
CA TYR A 147 27.65 -15.74 11.93
C TYR A 147 26.30 -16.46 12.05
N LEU A 148 26.20 -17.69 11.57
CA LEU A 148 24.91 -18.39 11.59
C LEU A 148 24.48 -18.81 13.00
N GLU A 149 25.45 -19.14 13.85
N GLU A 149 25.38 -19.07 13.86
CA GLU A 149 25.11 -19.44 15.27
CA GLU A 149 25.03 -19.37 15.27
C GLU A 149 24.54 -18.18 15.94
C GLU A 149 24.46 -18.12 15.94
N VAL A 150 25.23 -17.05 15.81
CA VAL A 150 24.77 -15.81 16.40
C VAL A 150 23.45 -15.39 15.78
N LEU A 151 23.31 -15.55 14.45
CA LEU A 151 22.08 -15.12 13.78
C LEU A 151 20.87 -15.89 14.27
N ASN A 152 21.05 -17.19 14.58
CA ASN A 152 19.92 -17.98 15.07
C ASN A 152 19.56 -17.67 16.50
N HIS A 153 20.55 -17.25 17.31
CA HIS A 153 20.25 -16.66 18.60
C HIS A 153 19.53 -15.32 18.47
N ALA A 154 20.00 -14.46 17.56
CA ALA A 154 19.50 -13.07 17.52
C ALA A 154 18.23 -12.89 16.69
N MET A 155 18.02 -13.68 15.64
CA MET A 155 16.89 -13.45 14.75
C MET A 155 15.55 -13.41 15.48
N PRO A 156 15.29 -14.24 16.48
CA PRO A 156 13.97 -14.18 17.13
C PRO A 156 13.74 -12.93 17.96
N GLY A 157 14.80 -12.17 18.22
CA GLY A 157 14.72 -10.91 18.94
C GLY A 157 15.57 -10.89 20.20
N ALA A 158 16.84 -11.32 20.12
CA ALA A 158 17.73 -11.34 21.27
C ALA A 158 18.97 -10.49 20.99
N ALA A 159 19.59 -10.02 22.07
CA ALA A 159 20.64 -9.04 22.01
C ALA A 159 22.01 -9.67 21.79
N ILE A 160 22.82 -8.90 21.08
CA ILE A 160 24.22 -9.37 20.88
CA ILE A 160 24.22 -9.31 20.74
C ILE A 160 25.26 -8.27 21.21
N VAL A 161 24.90 -6.98 21.06
CA VAL A 161 25.96 -5.95 21.29
C VAL A 161 25.82 -5.18 22.59
N GLN A 162 24.59 -4.82 22.97
CA GLN A 162 24.42 -3.85 24.09
C GLN A 162 24.26 -4.51 25.48
N GLU A 163 23.78 -3.75 26.45
CA GLU A 163 23.73 -4.24 27.86
C GLU A 163 22.37 -3.84 28.47
N HIS A 164 21.94 -4.62 29.47
CA HIS A 164 20.67 -4.34 30.20
C HIS A 164 19.50 -4.31 29.21
N MET A 165 19.53 -5.23 28.26
CA MET A 165 18.55 -5.23 27.18
C MET A 165 17.32 -6.10 27.43
N VAL A 166 16.18 -5.59 26.94
CA VAL A 166 14.96 -6.36 26.74
C VAL A 166 15.11 -7.24 25.51
N GLU A 167 14.58 -8.47 25.60
CA GLU A 167 14.60 -9.44 24.51
C GLU A 167 13.25 -10.12 24.39
N THR A 168 12.93 -10.60 23.21
CA THR A 168 11.75 -11.46 23.09
C THR A 168 11.99 -12.74 23.88
N HIS A 169 10.91 -13.34 24.35
CA HIS A 169 11.01 -14.56 25.15
C HIS A 169 11.14 -15.76 24.22
N PRO A 170 12.23 -16.55 24.31
CA PRO A 170 12.36 -17.72 23.42
C PRO A 170 11.16 -18.63 23.39
N ALA A 171 10.47 -18.79 24.54
CA ALA A 171 9.31 -19.66 24.59
C ALA A 171 8.23 -19.24 23.59
N LEU A 172 8.21 -17.99 23.14
CA LEU A 172 7.19 -17.47 22.25
C LEU A 172 7.61 -17.47 20.79
N VAL A 173 8.89 -17.76 20.49
CA VAL A 173 9.48 -17.53 19.18
C VAL A 173 10.32 -18.72 18.70
N ASP A 174 9.94 -19.95 19.11
CA ASP A 174 10.72 -21.14 18.80
C ASP A 174 10.60 -21.57 17.35
N ASP A 175 9.73 -20.94 16.56
CA ASP A 175 9.50 -21.24 15.15
C ASP A 175 10.33 -20.34 14.24
N CYS A 176 11.11 -19.42 14.81
CA CYS A 176 11.95 -18.47 14.07
C CYS A 176 13.36 -19.01 13.95
N TYR A 177 13.91 -19.01 12.74
CA TYR A 177 15.27 -19.49 12.50
C TYR A 177 15.70 -19.07 11.10
N VAL A 178 16.99 -19.30 10.83
CA VAL A 178 17.60 -19.05 9.53
C VAL A 178 18.42 -20.28 9.13
N LYS A 179 18.19 -20.77 7.91
CA LYS A 179 19.05 -21.76 7.27
C LYS A 179 19.68 -21.14 6.03
N ILE A 180 20.63 -21.83 5.46
CA ILE A 180 21.25 -21.40 4.22
CA ILE A 180 21.33 -21.42 4.24
C ILE A 180 21.18 -22.51 3.20
N PHE A 181 21.24 -22.11 1.93
CA PHE A 181 21.48 -23.06 0.84
C PHE A 181 22.42 -22.39 -0.14
N THR A 182 23.13 -23.22 -0.90
CA THR A 182 24.16 -22.70 -1.78
C THR A 182 24.39 -23.64 -2.94
N GLY A 183 24.69 -23.07 -4.10
CA GLY A 183 25.17 -23.89 -5.18
C GLY A 183 26.64 -24.20 -5.11
N ASP A 184 27.36 -23.63 -4.15
CA ASP A 184 28.80 -23.89 -3.95
C ASP A 184 28.92 -25.17 -3.14
N GLU A 185 29.39 -26.24 -3.78
CA GLU A 185 29.37 -27.53 -3.11
C GLU A 185 30.35 -27.60 -1.97
N THR A 186 31.48 -26.87 -2.05
CA THR A 186 32.40 -26.83 -0.93
C THR A 186 31.77 -26.14 0.27
N LEU A 187 31.11 -25.02 0.02
CA LEU A 187 30.48 -24.31 1.12
C LEU A 187 29.36 -25.16 1.73
N GLN A 188 28.59 -25.86 0.88
CA GLN A 188 27.53 -26.72 1.38
C GLN A 188 28.07 -27.77 2.33
N ASP A 189 29.28 -28.29 2.06
CA ASP A 189 29.89 -29.31 2.91
C ASP A 189 30.50 -28.71 4.17
N GLU A 190 31.06 -27.51 4.08
CA GLU A 190 31.87 -26.95 5.17
C GLU A 190 31.05 -26.15 6.18
N VAL A 191 29.87 -25.66 5.81
CA VAL A 191 28.98 -25.04 6.78
C VAL A 191 28.41 -26.11 7.68
N ASP A 192 28.29 -25.81 8.97
CA ASP A 192 27.70 -26.71 9.95
C ASP A 192 26.34 -27.20 9.47
N LYS A 193 26.17 -28.53 9.45
CA LYS A 193 24.99 -29.13 8.84
C LYS A 193 23.69 -28.71 9.50
N GLN A 194 23.73 -28.26 10.75
CA GLN A 194 22.47 -27.84 11.38
C GLN A 194 21.81 -26.68 10.64
N PHE A 195 22.61 -25.89 9.93
CA PHE A 195 22.12 -24.68 9.23
C PHE A 195 21.77 -24.91 7.77
N VAL A 196 22.07 -26.08 7.20
CA VAL A 196 22.11 -26.23 5.75
C VAL A 196 20.87 -26.94 5.23
N ILE A 197 20.21 -26.32 4.25
CA ILE A 197 19.26 -27.01 3.38
C ILE A 197 20.14 -27.60 2.29
N ASN A 198 20.38 -28.91 2.37
CA ASN A 198 21.32 -29.59 1.50
C ASN A 198 20.57 -30.00 0.24
N ILE A 199 20.87 -29.34 -0.88
CA ILE A 199 20.10 -29.53 -2.11
C ILE A 199 20.20 -30.98 -2.58
N ASP A 200 21.38 -31.58 -2.42
CA ASP A 200 21.54 -32.97 -2.84
C ASP A 200 20.73 -33.93 -1.98
N ASN A 201 20.53 -33.60 -0.71
CA ASN A 201 19.76 -34.49 0.14
C ASN A 201 18.25 -34.28 -0.01
N GLU A 202 17.82 -33.07 -0.38
CA GLU A 202 16.39 -32.76 -0.36
C GLU A 202 15.70 -32.97 -1.70
N PHE A 203 16.46 -33.07 -2.79
CA PHE A 203 15.91 -33.18 -4.13
C PHE A 203 16.47 -34.40 -4.83
N PRO A 204 15.68 -35.06 -5.66
CA PRO A 204 16.24 -36.08 -6.54
C PRO A 204 17.36 -35.49 -7.38
N ALA A 205 18.26 -36.35 -7.87
CA ALA A 205 19.49 -35.86 -8.47
C ALA A 205 19.23 -34.96 -9.67
N ASN A 206 18.25 -35.30 -10.51
CA ASN A 206 17.98 -34.44 -11.67
C ASN A 206 17.48 -33.06 -11.25
N GLN A 207 16.63 -33.00 -10.23
CA GLN A 207 16.12 -31.73 -9.74
C GLN A 207 17.22 -30.94 -9.06
N ALA A 208 18.06 -31.60 -8.27
CA ALA A 208 19.18 -30.92 -7.64
C ALA A 208 20.09 -30.28 -8.69
N LYS A 209 20.42 -31.04 -9.73
CA LYS A 209 21.27 -30.52 -10.80
C LYS A 209 20.65 -29.28 -11.42
N GLN A 210 19.34 -29.33 -11.66
CA GLN A 210 18.67 -28.21 -12.31
C GLN A 210 18.66 -26.97 -11.42
N ILE A 211 18.45 -27.16 -10.12
CA ILE A 211 18.51 -26.04 -9.17
C ILE A 211 19.91 -25.45 -9.14
N LYS A 212 20.94 -26.31 -9.06
N LYS A 212 20.92 -26.32 -9.06
CA LYS A 212 22.31 -25.84 -8.97
CA LYS A 212 22.33 -25.84 -8.96
C LYS A 212 22.73 -25.09 -10.24
C LYS A 212 22.73 -25.09 -10.23
N ALA A 213 22.26 -25.54 -11.40
CA ALA A 213 22.58 -24.83 -12.63
C ALA A 213 22.00 -23.44 -12.59
N ALA A 214 20.78 -23.28 -12.06
CA ALA A 214 20.16 -21.96 -12.02
C ALA A 214 20.84 -21.05 -11.01
N VAL A 215 21.19 -21.58 -9.83
CA VAL A 215 21.77 -20.76 -8.77
C VAL A 215 23.28 -20.56 -8.93
N GLY A 216 23.94 -21.36 -9.75
CA GLY A 216 25.37 -21.19 -9.89
C GLY A 216 26.07 -21.49 -8.58
N LYS A 217 27.05 -20.64 -8.22
CA LYS A 217 27.79 -20.79 -6.96
C LYS A 217 27.28 -19.87 -5.86
N THR A 218 26.12 -19.29 -6.02
CA THR A 218 25.63 -18.28 -5.10
C THR A 218 25.05 -18.92 -3.84
N SER A 219 24.99 -18.09 -2.77
CA SER A 219 24.58 -18.55 -1.45
C SER A 219 23.49 -17.65 -0.89
N TRP A 220 22.58 -18.28 -0.13
CA TRP A 220 21.31 -17.65 0.25
C TRP A 220 20.91 -18.05 1.66
N GLN A 221 20.21 -17.14 2.33
CA GLN A 221 19.64 -17.36 3.65
C GLN A 221 18.13 -17.51 3.49
N ALA A 222 17.58 -18.58 4.07
CA ALA A 222 16.14 -18.82 4.14
C ALA A 222 15.72 -18.38 5.54
N VAL A 223 15.00 -17.27 5.62
CA VAL A 223 14.72 -16.61 6.90
C VAL A 223 13.24 -16.73 7.22
N HIS A 224 12.92 -17.13 8.45
CA HIS A 224 11.53 -17.30 8.89
C HIS A 224 11.39 -16.55 10.21
N ILE A 225 10.73 -15.39 10.18
CA ILE A 225 10.61 -14.55 11.36
C ILE A 225 9.49 -15.11 12.25
N PRO A 226 9.35 -14.69 13.51
CA PRO A 226 8.40 -15.37 14.40
C PRO A 226 6.94 -15.23 13.93
N THR A 227 6.18 -16.31 14.07
CA THR A 227 4.75 -16.27 13.78
C THR A 227 4.02 -15.24 14.65
N ILE A 228 4.38 -15.14 15.93
CA ILE A 228 3.68 -14.18 16.79
C ILE A 228 3.86 -12.76 16.27
N VAL A 229 5.02 -12.49 15.65
CA VAL A 229 5.31 -11.18 15.06
C VAL A 229 4.52 -10.98 13.77
N THR A 230 4.51 -11.97 12.86
CA THR A 230 3.79 -11.77 11.59
C THR A 230 2.30 -11.54 11.83
N ARG A 231 1.76 -12.16 12.89
CA ARG A 231 0.36 -11.99 13.25
C ARG A 231 0.12 -10.61 13.85
N THR A 232 1.02 -10.13 14.71
CA THR A 232 0.89 -8.77 15.23
C THR A 232 1.06 -7.72 14.13
N GLU A 233 1.93 -7.99 13.18
CA GLU A 233 2.32 -7.02 12.16
C GLU A 233 1.68 -7.37 10.81
N ASP A 234 2.50 -7.41 9.76
CA ASP A 234 1.99 -7.65 8.38
C ASP A 234 3.12 -8.25 7.57
N GLY A 235 2.83 -8.59 6.30
CA GLY A 235 3.88 -9.15 5.44
C GLY A 235 5.05 -8.20 5.23
N PRO A 236 4.84 -6.89 5.02
CA PRO A 236 5.98 -6.00 4.84
C PRO A 236 6.93 -5.94 6.02
N GLY A 237 6.48 -6.39 7.19
CA GLY A 237 7.41 -6.44 8.32
C GLY A 237 8.47 -7.53 8.20
N THR A 238 8.28 -8.52 7.34
CA THR A 238 9.22 -9.68 7.34
C THR A 238 10.63 -9.28 6.93
N SER A 239 10.79 -8.63 5.80
CA SER A 239 12.17 -8.34 5.34
C SER A 239 12.82 -7.32 6.29
N ARG A 240 12.03 -6.44 6.87
CA ARG A 240 12.59 -5.47 7.81
C ARG A 240 13.13 -6.17 9.05
N TRP A 241 12.36 -7.11 9.61
CA TRP A 241 12.77 -7.85 10.81
C TRP A 241 14.07 -8.60 10.51
N MET A 242 14.06 -9.32 9.40
CA MET A 242 15.25 -10.03 8.95
C MET A 242 16.45 -9.12 8.90
N ALA A 243 16.28 -7.95 8.29
CA ALA A 243 17.44 -7.13 8.00
C ALA A 243 18.04 -6.54 9.27
N MET A 244 17.23 -6.28 10.28
CA MET A 244 17.76 -5.72 11.52
C MET A 244 18.73 -6.72 12.14
N GLN A 245 18.34 -8.00 12.14
CA GLN A 245 19.11 -9.00 12.88
C GLN A 245 20.28 -9.53 12.05
N VAL A 246 20.12 -9.59 10.73
CA VAL A 246 21.26 -9.83 9.85
C VAL A 246 22.31 -8.73 10.06
N GLY A 247 21.88 -7.46 10.09
CA GLY A 247 22.83 -6.38 10.28
C GLY A 247 23.58 -6.48 11.60
N MET A 248 22.84 -6.74 12.67
CA MET A 248 23.48 -6.84 14.00
C MET A 248 24.49 -8.00 14.00
N THR A 249 24.17 -9.09 13.34
CA THR A 249 25.05 -10.25 13.37
C THR A 249 26.33 -9.99 12.58
N PHE A 250 26.22 -9.34 11.42
CA PHE A 250 27.45 -8.98 10.72
C PHE A 250 28.35 -8.09 11.58
N ILE A 251 27.76 -7.14 12.32
CA ILE A 251 28.58 -6.26 13.16
C ILE A 251 29.44 -7.08 14.12
N SER A 252 28.84 -8.06 14.77
CA SER A 252 29.57 -8.84 15.77
C SER A 252 30.52 -9.84 15.10
N ALA A 253 30.04 -10.58 14.10
CA ALA A 253 30.80 -11.66 13.51
C ALA A 253 32.03 -11.18 12.75
N TYR A 254 32.07 -9.92 12.34
CA TYR A 254 33.20 -9.36 11.57
C TYR A 254 33.84 -8.18 12.30
N HIS A 255 33.53 -8.00 13.58
CA HIS A 255 34.23 -7.02 14.42
C HIS A 255 34.19 -5.61 13.81
N MET A 256 32.99 -5.24 13.35
CA MET A 256 32.83 -3.92 12.72
C MET A 256 32.55 -2.86 13.79
N CYS A 257 32.68 -1.59 13.41
CA CYS A 257 32.08 -0.56 14.27
C CYS A 257 30.59 -0.91 14.28
N ALA A 258 29.96 -0.79 15.44
CA ALA A 258 28.51 -1.09 15.56
C ALA A 258 27.78 0.14 15.07
N GLY A 259 27.77 0.28 13.76
CA GLY A 259 27.22 1.43 13.07
C GLY A 259 28.24 2.26 12.32
N GLU A 260 28.68 1.82 11.14
CA GLU A 260 29.60 2.56 10.27
C GLU A 260 29.02 2.53 8.86
N ALA A 261 29.62 3.29 7.96
CA ALA A 261 29.11 3.35 6.59
C ALA A 261 28.97 1.96 5.96
N ALA A 262 29.94 1.06 6.23
CA ALA A 262 29.82 -0.28 5.66
C ALA A 262 28.57 -1.01 6.15
N VAL A 263 28.14 -0.77 7.39
CA VAL A 263 26.87 -1.33 7.89
C VAL A 263 25.71 -0.82 7.06
N GLY A 264 25.72 0.45 6.68
CA GLY A 264 24.66 0.95 5.82
C GLY A 264 24.61 0.25 4.48
N GLU A 265 25.77 -0.05 3.89
CA GLU A 265 25.73 -0.80 2.64
C GLU A 265 25.25 -2.23 2.84
N LEU A 266 25.57 -2.83 4.00
CA LEU A 266 24.96 -4.12 4.33
C LEU A 266 23.45 -4.01 4.52
N ALA A 267 22.94 -2.91 5.06
CA ALA A 267 21.49 -2.71 5.18
C ALA A 267 20.83 -2.66 3.81
N PHE A 268 21.41 -1.88 2.89
CA PHE A 268 20.84 -1.82 1.54
C PHE A 268 20.87 -3.21 0.89
N THR A 269 21.94 -3.97 1.14
CA THR A 269 22.05 -5.33 0.64
C THR A 269 20.89 -6.19 1.16
N ALA A 270 20.68 -6.19 2.47
CA ALA A 270 19.67 -7.07 3.06
C ALA A 270 18.25 -6.65 2.66
N LYS A 271 17.99 -5.35 2.61
CA LYS A 271 16.66 -4.84 2.43
C LYS A 271 16.27 -4.63 0.99
N ALA A 273 19.05 -5.01 -2.39
CA ALA A 273 19.79 -5.62 -3.50
C ALA A 273 19.86 -7.14 -3.43
N GLY A 274 19.99 -7.68 -2.23
CA GLY A 274 20.08 -9.12 -2.06
C GLY A 274 18.79 -9.81 -1.67
N LEU A 275 17.68 -9.10 -1.65
CA LEU A 275 16.43 -9.58 -1.08
C LEU A 275 15.49 -10.19 -2.12
N VAL A 276 14.96 -11.36 -1.79
CA VAL A 276 13.89 -12.02 -2.55
C VAL A 276 12.69 -12.12 -1.60
N GLU A 277 11.71 -11.26 -1.83
N GLU A 277 11.71 -11.25 -1.82
CA GLU A 277 10.44 -11.36 -1.08
CA GLU A 277 10.44 -11.35 -1.08
C GLU A 277 9.53 -12.33 -1.84
C GLU A 277 9.53 -12.32 -1.84
N MET A 278 8.46 -12.74 -1.20
CA MET A 278 7.51 -13.60 -1.83
C MET A 278 6.73 -12.90 -2.94
N GLY A 279 6.53 -11.59 -2.78
CA GLY A 279 5.88 -10.76 -3.79
C GLY A 279 5.99 -9.31 -3.35
N ASP A 280 5.67 -8.40 -4.28
CA ASP A 280 5.77 -6.96 -4.05
C ASP A 280 4.40 -6.33 -3.76
N MET A 281 4.41 -5.00 -3.57
CA MET A 281 3.19 -4.26 -3.25
C MET A 281 2.17 -4.35 -4.40
N ILE A 282 0.95 -3.97 -4.05
CA ILE A 282 -0.18 -3.95 -4.99
C ILE A 282 -0.83 -2.58 -4.94
N PRO A 283 -1.69 -2.24 -5.92
CA PRO A 283 -2.06 -0.82 -5.98
CA PRO A 283 -2.22 -0.87 -6.11
C PRO A 283 -3.12 -0.38 -4.98
N ALA A 284 -3.34 0.95 -5.02
CA ALA A 284 -3.96 1.66 -3.90
C ALA A 284 -5.34 1.16 -3.53
N ARG A 285 -6.17 0.81 -4.51
CA ARG A 285 -7.52 0.39 -4.16
C ARG A 285 -7.51 -0.79 -3.18
N ALA A 287 -4.62 -1.58 -1.35
CA ALA A 287 -3.28 -1.29 -0.89
C ALA A 287 -2.80 -2.28 0.16
N ARG A 288 -1.66 -2.89 -0.15
CA ARG A 288 -0.85 -3.73 0.72
C ARG A 288 0.59 -3.61 0.24
N GLY A 289 1.53 -3.80 1.13
CA GLY A 289 2.94 -3.89 0.80
C GLY A 289 3.34 -5.31 0.44
N PRO A 290 4.66 -5.55 0.37
CA PRO A 290 5.19 -6.87 0.01
C PRO A 290 4.79 -7.97 0.97
N ASN A 291 4.90 -9.19 0.46
CA ASN A 291 4.68 -10.41 1.25
C ASN A 291 3.22 -10.52 1.72
N GLU A 292 2.29 -10.05 0.89
CA GLU A 292 0.87 -10.29 1.10
C GLU A 292 0.31 -11.12 -0.06
N PRO A 293 -0.87 -11.74 0.08
CA PRO A 293 -1.25 -12.72 -0.95
C PRO A 293 -1.50 -12.09 -2.31
N GLY A 294 -2.01 -10.83 -2.36
CA GLY A 294 -2.26 -10.20 -3.63
C GLY A 294 -1.02 -10.11 -4.51
N GLY A 295 0.15 -9.90 -3.89
CA GLY A 295 1.39 -9.81 -4.63
C GLY A 295 2.04 -11.13 -4.95
N LEU A 296 1.47 -12.22 -4.48
CA LEU A 296 2.09 -13.53 -4.68
C LEU A 296 1.79 -14.05 -6.10
N SER A 297 2.84 -14.20 -6.88
CA SER A 297 2.69 -14.77 -8.21
C SER A 297 2.34 -16.25 -8.11
N PHE A 298 1.66 -16.73 -9.15
CA PHE A 298 1.30 -18.14 -9.21
C PHE A 298 2.55 -19.02 -9.29
N GLY A 299 3.59 -18.57 -10.01
CA GLY A 299 4.81 -19.33 -10.02
C GLY A 299 5.44 -19.49 -8.66
N HIS A 300 5.49 -18.40 -7.88
CA HIS A 300 6.01 -18.52 -6.53
C HIS A 300 5.16 -19.48 -5.69
N MET A 301 3.83 -19.34 -5.75
CA MET A 301 2.99 -20.23 -4.95
C MET A 301 3.21 -21.69 -5.33
N ALA A 302 3.30 -21.97 -6.62
CA ALA A 302 3.58 -23.33 -7.07
C ALA A 302 4.92 -23.82 -6.55
N ASP A 303 5.92 -22.93 -6.50
CA ASP A 303 7.25 -23.30 -6.04
C ASP A 303 7.35 -23.46 -4.53
N ILE A 304 6.49 -22.79 -3.77
CA ILE A 304 6.43 -22.99 -2.34
C ILE A 304 5.99 -24.43 -2.03
N VAL A 305 4.98 -24.93 -2.75
CA VAL A 305 4.51 -26.30 -2.55
C VAL A 305 5.61 -27.29 -2.90
N GLN A 306 5.74 -28.36 -2.10
CA GLN A 306 6.92 -29.21 -2.15
C GLN A 306 6.65 -30.64 -2.63
N THR A 307 5.43 -30.93 -3.06
CA THR A 307 5.09 -32.29 -3.49
C THR A 307 5.99 -32.78 -4.61
N ASN A 308 6.40 -31.89 -5.51
CA ASN A 308 7.16 -32.33 -6.67
C ASN A 308 8.54 -32.91 -6.32
N ARG A 309 9.13 -32.53 -5.20
CA ARG A 309 10.43 -33.11 -4.85
C ARG A 309 10.28 -34.45 -4.15
N LYS A 310 9.11 -34.73 -3.59
CA LYS A 310 8.84 -35.99 -2.90
C LYS A 310 8.22 -37.05 -3.79
N GLY A 311 7.38 -36.66 -4.74
CA GLY A 311 6.66 -37.62 -5.55
C GLY A 311 6.45 -37.17 -6.98
N PRO A 312 7.55 -36.89 -7.68
CA PRO A 312 7.45 -36.44 -9.09
C PRO A 312 6.92 -37.51 -10.01
N GLU A 313 6.91 -38.77 -9.56
CA GLU A 313 6.40 -39.86 -10.37
C GLU A 313 4.88 -39.82 -10.53
N ASP A 314 4.19 -38.98 -9.74
CA ASP A 314 2.74 -38.77 -9.88
C ASP A 314 2.52 -37.26 -10.06
N PRO A 315 2.76 -36.76 -11.28
CA PRO A 315 2.64 -35.31 -11.50
C PRO A 315 1.21 -34.82 -11.29
N VAL A 316 0.18 -35.63 -11.57
CA VAL A 316 -1.18 -35.21 -11.28
C VAL A 316 -1.35 -34.92 -9.80
N ASN A 317 -0.82 -35.80 -8.95
CA ASN A 317 -0.87 -35.53 -7.52
C ASN A 317 -0.15 -34.23 -7.14
N VAL A 318 0.99 -33.94 -7.78
CA VAL A 318 1.66 -32.67 -7.54
C VAL A 318 0.71 -31.51 -7.84
N VAL A 319 0.06 -31.56 -9.00
CA VAL A 319 -0.87 -30.50 -9.41
C VAL A 319 -2.01 -30.37 -8.42
N LEU A 320 -2.55 -31.51 -7.93
CA LEU A 320 -3.69 -31.48 -7.02
C LEU A 320 -3.32 -30.92 -5.65
N GLN A 321 -2.18 -31.34 -5.09
CA GLN A 321 -1.71 -30.77 -3.83
C GLN A 321 -1.45 -29.28 -4.01
N THR A 322 -0.91 -28.87 -5.15
CA THR A 322 -0.71 -27.44 -5.40
C THR A 322 -2.05 -26.72 -5.43
N ALA A 323 -3.03 -27.28 -6.15
CA ALA A 323 -4.35 -26.66 -6.16
C ALA A 323 -4.90 -26.51 -4.75
N SER A 324 -4.63 -27.49 -3.89
CA SER A 324 -5.15 -27.45 -2.54
C SER A 324 -4.54 -26.33 -1.71
N ALA A 325 -3.22 -26.27 -1.64
CA ALA A 325 -2.58 -25.23 -0.86
C ALA A 325 -2.87 -23.84 -1.43
N ALA A 326 -2.84 -23.71 -2.76
CA ALA A 326 -3.03 -22.40 -3.38
C ALA A 326 -4.48 -21.93 -3.30
N THR A 327 -5.44 -22.81 -3.53
CA THR A 327 -6.85 -22.41 -3.47
C THR A 327 -7.24 -22.00 -2.07
N MET A 328 -6.77 -22.75 -1.08
CA MET A 328 -7.04 -22.36 0.31
C MET A 328 -6.56 -20.94 0.54
N LEU A 329 -5.28 -20.68 0.25
CA LEU A 329 -4.73 -19.35 0.50
C LEU A 329 -5.46 -18.28 -0.29
N TYR A 330 -5.54 -18.44 -1.62
CA TYR A 330 -6.04 -17.36 -2.44
C TYR A 330 -7.53 -17.13 -2.25
N ASP A 331 -8.33 -18.21 -2.15
CA ASP A 331 -9.78 -18.02 -2.04
C ASP A 331 -10.25 -17.84 -0.59
N GLN A 332 -9.72 -18.64 0.34
CA GLN A 332 -10.24 -18.58 1.70
C GLN A 332 -9.67 -17.42 2.50
N ILE A 333 -8.35 -17.31 2.55
CA ILE A 333 -7.69 -16.31 3.37
C ILE A 333 -7.60 -14.96 2.66
N TRP A 334 -7.22 -14.95 1.40
CA TRP A 334 -7.02 -13.71 0.65
C TRP A 334 -8.37 -13.16 0.17
N LEU A 335 -9.05 -13.82 -0.77
CA LEU A 335 -10.27 -13.23 -1.29
C LEU A 335 -11.38 -13.25 -0.26
N GLY A 336 -11.50 -14.33 0.52
CA GLY A 336 -12.56 -14.50 1.50
C GLY A 336 -12.27 -13.90 2.85
N GLY A 337 -11.06 -13.38 3.02
CA GLY A 337 -10.59 -12.78 4.24
C GLY A 337 -10.16 -11.35 4.01
N TYR A 338 -8.87 -11.18 3.67
CA TYR A 338 -8.30 -9.86 3.39
C TYR A 338 -9.16 -8.97 2.51
N MET A 339 -9.73 -9.55 1.44
CA MET A 339 -10.45 -8.72 0.45
C MET A 339 -11.96 -8.74 0.68
N SER A 340 -12.46 -9.46 1.68
CA SER A 340 -13.92 -9.44 1.96
C SER A 340 -14.08 -9.79 3.44
N GLY A 341 -14.47 -11.03 3.74
CA GLY A 341 -14.59 -11.46 5.13
C GLY A 341 -15.95 -12.03 5.42
N GLY A 342 -16.26 -12.15 6.71
CA GLY A 342 -17.52 -12.78 7.14
C GLY A 342 -17.44 -14.29 7.01
N VAL A 343 -18.58 -14.89 6.69
CA VAL A 343 -18.59 -16.37 6.45
C VAL A 343 -17.54 -16.71 5.39
N GLY A 344 -17.41 -15.92 4.34
CA GLY A 344 -16.33 -16.15 3.41
C GLY A 344 -16.53 -17.33 2.49
N PHE A 345 -15.40 -17.93 2.07
CA PHE A 345 -15.33 -18.68 0.82
C PHE A 345 -14.77 -20.10 0.97
N THR A 346 -14.97 -20.72 2.13
CA THR A 346 -14.54 -22.10 2.33
C THR A 346 -14.99 -23.03 1.22
N MET A 347 -16.31 -23.05 0.96
CA MET A 347 -16.84 -23.97 -0.03
C MET A 347 -16.49 -23.62 -1.46
N TYR A 348 -16.20 -22.36 -1.78
CA TYR A 348 -15.64 -22.09 -3.08
C TYR A 348 -14.30 -22.81 -3.27
N ALA A 349 -13.58 -23.04 -2.17
CA ALA A 349 -12.24 -23.61 -2.17
C ALA A 349 -12.20 -25.13 -1.96
N THR A 350 -13.11 -25.66 -1.14
CA THR A 350 -13.08 -27.09 -0.83
C THR A 350 -13.12 -28.01 -2.04
N PRO A 351 -13.67 -27.66 -3.19
CA PRO A 351 -13.55 -28.58 -4.34
C PRO A 351 -12.11 -28.92 -4.67
N ALA A 352 -11.16 -28.05 -4.32
CA ALA A 352 -9.78 -28.34 -4.64
C ALA A 352 -9.18 -29.43 -3.75
N TYR A 353 -9.78 -29.76 -2.62
CA TYR A 353 -9.14 -30.68 -1.69
C TYR A 353 -10.11 -31.61 -0.97
N THR A 354 -11.36 -31.75 -1.44
CA THR A 354 -12.31 -32.65 -0.84
C THR A 354 -13.04 -33.48 -1.89
N ASN A 355 -13.38 -34.70 -1.49
CA ASN A 355 -14.32 -35.60 -2.15
C ASN A 355 -13.85 -36.20 -3.47
N ASP A 356 -12.60 -35.96 -3.87
CA ASP A 356 -11.94 -36.68 -4.97
C ASP A 356 -12.54 -36.39 -6.34
N ILE A 357 -13.35 -35.33 -6.48
CA ILE A 357 -14.06 -35.07 -7.72
C ILE A 357 -13.14 -34.41 -8.74
N VAL A 358 -12.49 -33.28 -8.38
CA VAL A 358 -11.54 -32.69 -9.32
C VAL A 358 -10.44 -33.70 -9.62
N ASP A 359 -10.08 -34.50 -8.62
CA ASP A 359 -9.04 -35.49 -8.83
C ASP A 359 -9.46 -36.47 -9.93
N ASP A 360 -10.69 -36.98 -9.86
CA ASP A 360 -11.20 -37.83 -10.93
C ASP A 360 -11.04 -37.17 -12.30
N PHE A 361 -11.47 -35.91 -12.42
CA PHE A 361 -11.52 -35.27 -13.71
C PHE A 361 -10.11 -35.05 -14.26
N LEU A 362 -9.18 -34.61 -13.38
CA LEU A 362 -7.83 -34.32 -13.85
C LEU A 362 -7.06 -35.60 -14.20
N TYR A 363 -7.17 -36.66 -13.38
CA TYR A 363 -6.61 -37.94 -13.79
C TYR A 363 -7.20 -38.37 -15.13
N TRP A 364 -8.50 -38.18 -15.35
CA TRP A 364 -9.11 -38.58 -16.63
C TRP A 364 -8.50 -37.79 -17.79
N GLY A 365 -8.41 -36.47 -17.65
CA GLY A 365 -7.86 -35.67 -18.73
C GLY A 365 -6.41 -36.00 -19.01
N ASN A 366 -5.63 -36.19 -17.96
CA ASN A 366 -4.24 -36.58 -18.16
C ASN A 366 -4.13 -37.94 -18.84
N ASP A 367 -4.96 -38.90 -18.45
N ASP A 367 -4.94 -38.92 -18.40
CA ASP A 367 -4.89 -40.19 -19.12
CA ASP A 367 -4.95 -40.22 -19.08
C ASP A 367 -5.27 -40.07 -20.59
C ASP A 367 -5.25 -40.05 -20.57
N TYR A 368 -6.30 -39.28 -20.89
CA TYR A 368 -6.68 -39.03 -22.28
C TYR A 368 -5.52 -38.46 -23.08
N ALA A 369 -4.92 -37.39 -22.55
CA ALA A 369 -3.90 -36.67 -23.30
C ALA A 369 -2.60 -37.45 -23.36
N ALA A 370 -2.25 -38.14 -22.28
CA ALA A 370 -1.02 -38.91 -22.28
C ALA A 370 -1.09 -40.02 -23.32
N LYS A 371 -2.21 -40.73 -23.36
N LYS A 371 -2.24 -40.68 -23.40
CA LYS A 371 -2.37 -41.81 -24.35
CA LYS A 371 -2.34 -41.81 -24.36
C LYS A 371 -2.41 -41.24 -25.76
C LYS A 371 -2.42 -41.25 -25.79
N LYS A 372 -3.12 -40.13 -25.96
CA LYS A 372 -3.32 -39.61 -27.31
C LYS A 372 -2.03 -39.05 -27.90
N TYR A 373 -1.27 -38.28 -27.13
CA TYR A 373 -0.10 -37.58 -27.61
C TYR A 373 1.22 -38.28 -27.27
N GLY A 374 1.20 -39.41 -26.57
CA GLY A 374 2.42 -40.16 -26.31
C GLY A 374 3.21 -39.70 -25.10
N GLY A 375 2.54 -39.25 -24.04
CA GLY A 375 3.14 -39.01 -22.75
C GLY A 375 3.16 -37.52 -22.36
N ASN A 376 3.36 -37.28 -21.07
CA ASN A 376 3.46 -35.94 -20.54
C ASN A 376 4.56 -35.17 -21.25
N GLY A 377 4.27 -33.92 -21.58
CA GLY A 377 5.24 -33.06 -22.19
C GLY A 377 5.43 -33.23 -23.68
N LYS A 378 4.74 -34.20 -24.30
CA LYS A 378 5.01 -34.55 -25.68
C LYS A 378 4.01 -33.94 -26.68
N ALA A 379 2.96 -33.29 -26.22
CA ALA A 379 1.97 -32.73 -27.11
C ALA A 379 2.41 -31.35 -27.56
N LYS A 380 2.31 -31.10 -28.87
CA LYS A 380 2.70 -29.77 -29.40
C LYS A 380 1.76 -28.70 -28.84
N ALA A 381 2.31 -27.55 -28.50
CA ALA A 381 1.57 -26.41 -27.94
C ALA A 381 0.99 -25.61 -29.08
N THR A 382 -0.20 -26.04 -29.51
CA THR A 382 -0.90 -25.46 -30.64
C THR A 382 -2.38 -25.34 -30.29
N ILE A 383 -3.07 -24.52 -31.07
CA ILE A 383 -4.52 -24.39 -30.94
C ILE A 383 -5.20 -25.75 -31.02
N ASP A 384 -4.78 -26.60 -31.95
CA ASP A 384 -5.46 -27.88 -32.12
C ASP A 384 -5.32 -28.76 -30.88
N THR A 385 -4.13 -28.80 -30.29
CA THR A 385 -3.91 -29.56 -29.07
C THR A 385 -4.80 -29.04 -27.95
N VAL A 386 -4.78 -27.74 -27.74
CA VAL A 386 -5.58 -27.12 -26.69
C VAL A 386 -7.06 -27.43 -26.89
N LYS A 387 -7.55 -27.24 -28.11
CA LYS A 387 -8.96 -27.45 -28.40
C LYS A 387 -9.36 -28.88 -28.07
N ASP A 388 -8.53 -29.84 -28.46
CA ASP A 388 -8.85 -31.24 -28.24
C ASP A 388 -8.92 -31.59 -26.75
N ILE A 389 -7.84 -31.32 -26.02
CA ILE A 389 -7.79 -31.75 -24.62
C ILE A 389 -8.86 -31.02 -23.83
N ALA A 390 -9.01 -29.71 -24.04
CA ALA A 390 -10.00 -28.94 -23.29
C ALA A 390 -11.39 -29.44 -23.59
N THR A 391 -11.72 -29.69 -24.86
CA THR A 391 -13.10 -30.05 -25.16
C THR A 391 -13.42 -31.42 -24.57
N GLU A 392 -12.53 -32.41 -24.75
CA GLU A 392 -12.88 -33.75 -24.30
C GLU A 392 -12.90 -33.83 -22.78
N THR A 393 -12.00 -33.11 -22.11
CA THR A 393 -12.01 -33.12 -20.65
C THR A 393 -13.25 -32.42 -20.11
N THR A 394 -13.65 -31.32 -20.73
CA THR A 394 -14.86 -30.62 -20.32
C THR A 394 -16.09 -31.52 -20.47
N LEU A 395 -16.24 -32.17 -21.61
CA LEU A 395 -17.37 -33.08 -21.81
C LEU A 395 -17.37 -34.20 -20.77
N TYR A 396 -16.21 -34.78 -20.47
CA TYR A 396 -16.15 -35.78 -19.42
C TYR A 396 -16.70 -35.24 -18.09
N GLY A 397 -16.24 -34.06 -17.68
CA GLY A 397 -16.65 -33.51 -16.40
C GLY A 397 -18.13 -33.19 -16.34
N LEU A 398 -18.65 -32.56 -17.40
CA LEU A 398 -20.07 -32.26 -17.46
C LEU A 398 -20.88 -33.54 -17.34
N GLU A 399 -20.52 -34.53 -18.15
CA GLU A 399 -21.25 -35.79 -18.12
C GLU A 399 -21.14 -36.49 -16.76
N ALA A 400 -20.03 -36.30 -16.04
CA ALA A 400 -19.92 -36.88 -14.71
C ALA A 400 -20.91 -36.25 -13.74
N TYR A 401 -20.97 -34.92 -13.70
CA TYR A 401 -21.95 -34.26 -12.85
C TYR A 401 -23.36 -34.70 -13.19
N GLU A 402 -23.64 -34.94 -14.47
CA GLU A 402 -24.97 -35.36 -14.90
C GLU A 402 -25.25 -36.81 -14.53
N LYS A 403 -24.24 -37.68 -14.62
N LYS A 403 -24.24 -37.69 -14.62
CA LYS A 403 -24.42 -39.10 -14.30
CA LYS A 403 -24.43 -39.10 -14.30
C LYS A 403 -24.51 -39.35 -12.80
C LYS A 403 -24.50 -39.36 -12.80
N TYR A 404 -23.86 -38.51 -11.99
CA TYR A 404 -23.78 -38.69 -10.55
C TYR A 404 -24.37 -37.47 -9.84
N PRO A 405 -25.67 -37.48 -9.58
CA PRO A 405 -26.32 -36.36 -8.88
C PRO A 405 -25.66 -36.00 -7.57
N THR A 406 -25.02 -36.95 -6.88
CA THR A 406 -24.31 -36.67 -5.65
C THR A 406 -23.17 -35.66 -5.88
N THR A 407 -22.42 -35.80 -6.97
CA THR A 407 -21.35 -34.86 -7.25
C THR A 407 -21.90 -33.45 -7.54
N LEU A 408 -23.00 -33.39 -8.27
N LEU A 408 -23.00 -33.39 -8.27
CA LEU A 408 -23.64 -32.09 -8.60
CA LEU A 408 -23.64 -32.09 -8.60
C LEU A 408 -24.15 -31.42 -7.33
C LEU A 408 -24.14 -31.41 -7.32
N GLU A 409 -24.65 -32.21 -6.38
CA GLU A 409 -25.17 -31.67 -5.13
C GLU A 409 -24.04 -31.24 -4.19
N ASP A 410 -22.89 -31.93 -4.23
CA ASP A 410 -21.74 -31.50 -3.45
C ASP A 410 -21.24 -30.15 -3.97
N HIS A 411 -20.99 -30.08 -5.28
CA HIS A 411 -20.56 -28.85 -5.96
C HIS A 411 -21.81 -28.10 -6.42
N PHE A 412 -22.57 -27.66 -5.41
CA PHE A 412 -23.89 -27.12 -5.66
C PHE A 412 -23.89 -25.76 -6.33
N GLY A 413 -22.78 -25.02 -6.22
CA GLY A 413 -22.65 -23.75 -6.88
C GLY A 413 -21.98 -23.93 -8.23
N GLY A 414 -22.49 -23.25 -9.25
CA GLY A 414 -21.87 -23.36 -10.56
C GLY A 414 -20.42 -22.92 -10.55
N SER A 415 -20.08 -21.96 -9.70
CA SER A 415 -18.69 -21.55 -9.65
C SER A 415 -17.78 -22.72 -9.27
N GLN A 416 -18.23 -23.57 -8.34
CA GLN A 416 -17.45 -24.72 -7.93
C GLN A 416 -17.23 -25.64 -9.11
N ARG A 417 -18.30 -25.94 -9.83
CA ARG A 417 -18.24 -26.84 -10.98
C ARG A 417 -17.33 -26.32 -12.06
N ALA A 418 -17.42 -25.02 -12.34
CA ALA A 418 -16.60 -24.41 -13.38
C ALA A 418 -15.13 -24.42 -13.02
N THR A 419 -14.81 -24.17 -11.75
CA THR A 419 -13.44 -24.26 -11.26
C THR A 419 -12.91 -25.68 -11.43
N VAL A 420 -13.70 -26.66 -11.00
CA VAL A 420 -13.28 -28.06 -11.03
C VAL A 420 -12.97 -28.49 -12.45
N ILE A 421 -13.90 -28.22 -13.36
CA ILE A 421 -13.72 -28.68 -14.74
C ILE A 421 -12.55 -27.96 -15.41
N SER A 422 -12.40 -26.66 -15.17
CA SER A 422 -11.32 -25.91 -15.79
C SER A 422 -9.95 -26.27 -15.20
N ILE A 423 -9.88 -26.62 -13.90
CA ILE A 423 -8.63 -27.15 -13.35
C ILE A 423 -8.23 -28.40 -14.13
N ALA A 424 -9.21 -29.28 -14.37
CA ALA A 424 -8.94 -30.52 -15.10
C ALA A 424 -8.52 -30.25 -16.54
N ALA A 425 -9.26 -29.39 -17.26
CA ALA A 425 -8.92 -29.10 -18.66
C ALA A 425 -7.59 -28.38 -18.79
N GLY A 426 -7.41 -27.34 -17.96
CA GLY A 426 -6.17 -26.57 -18.02
C GLY A 426 -4.98 -27.38 -17.56
N GLY A 427 -5.15 -28.13 -16.46
CA GLY A 427 -4.06 -28.94 -15.94
C GLY A 427 -3.66 -30.04 -16.89
N ALA A 428 -4.64 -30.72 -17.49
CA ALA A 428 -4.30 -31.76 -18.46
C ALA A 428 -3.58 -31.18 -19.66
N THR A 429 -3.99 -29.99 -20.11
CA THR A 429 -3.35 -29.38 -21.27
C THR A 429 -1.93 -28.95 -20.93
N ALA A 430 -1.73 -28.34 -19.75
CA ALA A 430 -0.38 -27.92 -19.36
C ALA A 430 0.54 -29.11 -19.16
N LEU A 431 0.05 -30.19 -18.55
CA LEU A 431 0.89 -31.39 -18.40
CA LEU A 431 0.90 -31.37 -18.39
C LEU A 431 1.23 -31.99 -19.75
N ALA A 432 0.31 -31.96 -20.68
CA ALA A 432 0.56 -32.58 -21.98
C ALA A 432 1.58 -31.78 -22.78
N THR A 433 1.52 -30.45 -22.68
CA THR A 433 2.34 -29.58 -23.50
C THR A 433 3.58 -29.05 -22.79
N GLY A 434 3.64 -29.13 -21.46
CA GLY A 434 4.67 -28.43 -20.70
C GLY A 434 4.63 -26.94 -20.83
N HIS A 435 3.43 -26.36 -21.02
CA HIS A 435 3.29 -24.98 -21.48
C HIS A 435 2.17 -24.29 -20.69
N SER A 436 2.55 -23.31 -19.87
CA SER A 436 1.56 -22.67 -19.02
C SER A 436 0.54 -21.90 -19.84
N GLN A 437 0.98 -21.25 -20.92
CA GLN A 437 0.07 -20.44 -21.72
C GLN A 437 -0.97 -21.33 -22.38
N ALA A 438 -0.53 -22.47 -22.91
CA ALA A 438 -1.48 -23.43 -23.46
C ALA A 438 -2.51 -23.88 -22.41
N GLY A 439 -2.06 -24.10 -21.19
CA GLY A 439 -3.00 -24.46 -20.14
C GLY A 439 -4.04 -23.39 -19.84
N LEU A 440 -3.63 -22.12 -19.85
CA LEU A 440 -4.60 -21.05 -19.64
C LEU A 440 -5.59 -20.99 -20.79
N SER A 441 -5.13 -21.21 -22.02
CA SER A 441 -6.03 -21.16 -23.16
C SER A 441 -7.11 -22.23 -23.03
N ALA A 442 -6.70 -23.42 -22.56
CA ALA A 442 -7.62 -24.51 -22.33
C ALA A 442 -8.62 -24.17 -21.23
N TYR A 444 -9.90 -21.33 -20.43
CA TYR A 444 -10.97 -20.47 -20.94
C TYR A 444 -11.91 -21.18 -21.92
N LEU A 445 -11.37 -21.99 -22.84
CA LEU A 445 -12.25 -22.76 -23.71
C LEU A 445 -13.20 -23.65 -22.89
N SER A 446 -12.69 -24.28 -21.85
CA SER A 446 -13.53 -25.08 -20.98
C SER A 446 -14.70 -24.28 -20.44
N MET A 447 -14.42 -23.08 -19.90
CA MET A 447 -15.47 -22.24 -19.37
C MET A 447 -16.54 -21.94 -20.44
N TYR A 448 -16.11 -21.64 -21.66
CA TYR A 448 -17.07 -21.27 -22.68
C TYR A 448 -17.96 -22.45 -23.04
N LEU A 449 -17.39 -23.64 -23.15
CA LEU A 449 -18.18 -24.84 -23.41
C LEU A 449 -19.16 -25.10 -22.27
N HIS A 450 -18.68 -24.96 -21.03
CA HIS A 450 -19.49 -25.20 -19.84
C HIS A 450 -20.72 -24.29 -19.81
N LYS A 451 -20.52 -23.00 -20.08
CA LYS A 451 -21.63 -22.05 -20.09
C LYS A 451 -22.71 -22.50 -21.08
N GLU A 452 -22.31 -22.87 -22.30
CA GLU A 452 -23.31 -23.29 -23.29
C GLU A 452 -23.98 -24.59 -22.90
N ALA A 453 -23.26 -25.50 -22.26
CA ALA A 453 -23.86 -26.80 -21.95
C ALA A 453 -24.98 -26.66 -20.92
N HIS A 454 -24.72 -25.91 -19.86
CA HIS A 454 -25.63 -25.83 -18.74
C HIS A 454 -26.49 -24.58 -18.77
N GLY A 455 -26.23 -23.62 -19.66
CA GLY A 455 -26.99 -22.39 -19.68
C GLY A 455 -26.78 -21.55 -18.46
N ARG A 456 -25.64 -21.71 -17.81
CA ARG A 456 -25.24 -21.06 -16.57
C ARG A 456 -23.74 -21.36 -16.43
N LEU A 457 -23.06 -20.55 -15.63
CA LEU A 457 -21.65 -20.81 -15.34
C LEU A 457 -21.46 -20.66 -13.84
N GLY A 458 -20.96 -19.51 -13.38
CA GLY A 458 -20.75 -19.32 -11.98
C GLY A 458 -21.65 -18.25 -11.39
N PHE A 459 -21.17 -17.63 -10.29
CA PHE A 459 -21.93 -16.52 -9.65
C PHE A 459 -21.97 -15.31 -10.62
N TYR A 460 -22.64 -14.25 -10.20
N TYR A 460 -22.68 -14.26 -10.22
CA TYR A 460 -22.94 -13.10 -11.07
CA TYR A 460 -22.95 -13.10 -11.08
C TYR A 460 -21.69 -12.60 -11.79
C TYR A 460 -21.68 -12.60 -11.78
N TYR A 462 -18.51 -14.18 -11.93
CA TYR A 462 -17.48 -15.21 -11.98
C TYR A 462 -16.61 -15.10 -13.22
N ASP A 463 -17.23 -14.88 -14.38
CA ASP A 463 -16.52 -14.93 -15.66
C ASP A 463 -16.13 -13.56 -16.19
N LEU A 464 -15.85 -12.58 -15.32
CA LEU A 464 -15.14 -11.39 -15.78
C LEU A 464 -13.83 -11.81 -16.44
N GLN A 465 -12.99 -12.53 -15.70
CA GLN A 465 -11.73 -12.95 -16.25
C GLN A 465 -11.95 -13.96 -17.37
N GLN A 467 -14.29 -14.10 -19.68
CA GLN A 467 -14.64 -13.51 -20.97
C GLN A 467 -13.48 -12.65 -21.51
N GLY A 469 -10.65 -13.74 -21.00
CA GLY A 469 -9.59 -14.72 -20.86
C GLY A 469 -8.92 -15.16 -22.12
N ALA A 470 -9.72 -15.67 -23.05
CA ALA A 470 -9.12 -16.23 -24.27
C ALA A 470 -8.27 -15.19 -24.98
N THR A 471 -8.82 -13.98 -25.15
CA THR A 471 -8.13 -12.94 -25.90
C THR A 471 -6.88 -12.46 -25.17
N ASN A 472 -6.84 -12.54 -23.84
CA ASN A 472 -5.68 -12.07 -23.10
C ASN A 472 -4.61 -13.14 -22.87
N VAL A 473 -4.81 -14.38 -23.30
CA VAL A 473 -3.77 -15.37 -23.05
C VAL A 473 -2.49 -15.03 -23.81
N PHE A 474 -2.63 -14.64 -25.08
CA PHE A 474 -1.51 -14.34 -25.95
C PHE A 474 -1.44 -12.87 -26.36
N SER A 475 -2.16 -12.01 -25.64
CA SER A 475 -2.02 -10.59 -25.85
C SER A 475 -0.63 -10.16 -25.42
N ILE A 476 -0.10 -9.12 -26.07
CA ILE A 476 1.13 -8.48 -25.61
C ILE A 476 0.88 -7.08 -25.07
N ALA A 477 -0.37 -6.71 -24.85
CA ALA A 477 -0.66 -5.36 -24.35
C ALA A 477 -0.03 -5.13 -22.98
N SER A 478 0.16 -3.85 -22.66
CA SER A 478 0.85 -3.47 -21.45
C SER A 478 0.40 -4.27 -20.23
N ASP A 479 -0.91 -4.24 -19.95
CA ASP A 479 -1.48 -4.84 -18.76
C ASP A 479 -2.24 -6.11 -19.05
N GLU A 480 -1.97 -6.73 -20.20
CA GLU A 480 -2.53 -8.02 -20.56
C GLU A 480 -1.45 -9.05 -20.81
N GLY A 481 -0.38 -8.67 -21.48
CA GLY A 481 0.69 -9.60 -21.77
C GLY A 481 1.38 -10.02 -20.48
N CYS A 482 1.50 -11.33 -20.29
CA CYS A 482 2.27 -11.83 -19.15
C CYS A 482 2.38 -13.33 -19.28
N ILE A 483 3.61 -13.84 -19.26
CA ILE A 483 3.78 -15.29 -19.24
C ILE A 483 3.09 -15.86 -18.00
N GLY A 484 2.55 -17.07 -18.14
CA GLY A 484 1.69 -17.64 -17.09
C GLY A 484 2.32 -17.69 -15.72
N GLU A 485 3.58 -18.11 -15.66
CA GLU A 485 4.27 -18.29 -14.39
C GLU A 485 4.35 -16.99 -13.60
N CYS A 486 4.35 -15.85 -14.31
CA CYS A 486 4.47 -14.53 -13.69
C CYS A 486 3.13 -13.86 -13.42
N ARG A 487 2.03 -14.43 -13.90
CA ARG A 487 0.72 -13.95 -13.48
C ARG A 487 0.53 -14.26 -12.01
N GLY A 488 -0.38 -13.55 -11.38
CA GLY A 488 -0.69 -13.79 -9.99
C GLY A 488 -1.97 -13.08 -9.62
N ALA A 489 -2.14 -12.89 -8.30
CA ALA A 489 -3.38 -12.35 -7.76
C ALA A 489 -3.56 -10.84 -8.00
N ASN A 490 -2.58 -10.21 -8.66
CA ASN A 490 -2.72 -8.81 -9.06
C ASN A 490 -2.72 -8.65 -10.57
N TYR A 491 -2.67 -9.73 -11.33
CA TYR A 491 -2.87 -9.61 -12.77
C TYR A 491 -4.27 -9.02 -12.93
N PRO A 492 -4.44 -7.97 -13.72
CA PRO A 492 -5.65 -7.15 -13.61
C PRO A 492 -6.94 -7.94 -13.65
N ASN A 493 -7.11 -8.77 -14.66
CA ASN A 493 -8.35 -9.50 -14.81
C ASN A 493 -8.61 -10.45 -13.64
N TYR A 494 -7.55 -10.86 -12.92
CA TYR A 494 -7.63 -11.85 -11.87
C TYR A 494 -7.78 -11.24 -10.48
N ALA A 495 -7.85 -9.91 -10.35
CA ALA A 495 -7.64 -9.26 -9.07
C ALA A 495 -8.82 -9.34 -8.11
N MET A 496 -9.97 -9.87 -8.50
CA MET A 496 -11.17 -9.81 -7.66
C MET A 496 -11.80 -11.14 -7.29
N ASN A 497 -11.81 -12.15 -8.15
CA ASN A 497 -12.86 -13.17 -8.01
C ASN A 497 -12.36 -14.56 -7.61
N VAL A 498 -13.23 -15.24 -6.84
CA VAL A 498 -12.97 -16.60 -6.39
C VAL A 498 -12.93 -17.57 -7.58
N GLY A 499 -12.39 -18.76 -7.30
CA GLY A 499 -12.50 -19.86 -8.22
C GLY A 499 -11.42 -19.98 -9.26
N HIS A 500 -10.43 -19.08 -9.24
CA HIS A 500 -9.46 -18.99 -10.33
C HIS A 500 -8.00 -19.01 -9.90
N GLN A 501 -7.60 -18.22 -8.89
CA GLN A 501 -6.18 -18.01 -8.59
C GLN A 501 -5.48 -19.30 -8.22
N GLY A 502 -6.07 -20.10 -7.34
CA GLY A 502 -5.47 -21.39 -6.99
C GLY A 502 -5.52 -22.37 -8.14
N GLY A 503 -6.56 -22.28 -8.96
CA GLY A 503 -6.63 -23.12 -10.15
C GLY A 503 -5.53 -22.79 -11.13
N TYR A 504 -5.29 -21.49 -11.41
CA TYR A 504 -4.19 -21.13 -12.28
C TYR A 504 -2.86 -21.57 -11.72
N THR A 505 -2.69 -21.48 -10.40
CA THR A 505 -1.44 -21.95 -9.79
C THR A 505 -1.23 -23.41 -10.10
N SER A 506 -2.29 -24.21 -10.03
CA SER A 506 -2.18 -25.64 -10.36
C SER A 506 -1.86 -25.82 -11.85
N VAL A 507 -2.38 -24.97 -12.74
CA VAL A 507 -2.06 -25.06 -14.18
C VAL A 507 -0.58 -24.75 -14.41
N VAL A 508 -0.05 -23.73 -13.70
CA VAL A 508 1.38 -23.40 -13.78
C VAL A 508 2.20 -24.58 -13.29
N ALA A 509 1.82 -25.16 -12.14
CA ALA A 509 2.51 -26.34 -11.63
C ALA A 509 2.44 -27.48 -12.64
N ALA A 510 1.29 -27.65 -13.32
CA ALA A 510 1.13 -28.73 -14.29
C ALA A 510 2.07 -28.60 -15.47
N ALA A 511 2.47 -27.39 -15.84
CA ALA A 511 3.42 -27.22 -16.93
C ALA A 511 4.83 -27.65 -16.57
N HIS A 512 5.09 -27.94 -15.30
CA HIS A 512 6.43 -28.30 -14.80
C HIS A 512 6.48 -29.58 -13.98
N ALA A 513 5.35 -30.06 -13.47
CA ALA A 513 5.36 -31.18 -12.53
C ALA A 513 5.92 -32.42 -13.19
N GLY A 514 6.77 -33.13 -12.46
CA GLY A 514 7.44 -34.32 -12.98
C GLY A 514 8.47 -34.09 -14.06
N LYS A 515 8.72 -32.85 -14.46
CA LYS A 515 9.66 -32.51 -15.52
C LYS A 515 10.74 -31.58 -15.02
N ASP A 516 10.37 -30.53 -14.28
CA ASP A 516 11.30 -29.55 -13.78
C ASP A 516 11.24 -29.48 -12.25
N ALA A 517 12.35 -29.03 -11.67
CA ALA A 517 12.45 -28.87 -10.23
C ALA A 517 11.66 -27.67 -9.70
N PHE A 518 11.36 -26.70 -10.55
CA PHE A 518 10.67 -25.46 -10.15
C PHE A 518 10.00 -24.90 -11.41
N CYS A 519 9.05 -23.99 -11.17
CA CYS A 519 8.30 -23.30 -12.21
C CYS A 519 8.89 -21.94 -12.56
N VAL A 520 9.34 -21.20 -11.54
CA VAL A 520 9.78 -19.83 -11.77
C VAL A 520 10.92 -19.36 -10.90
N ASN A 521 11.13 -19.94 -9.72
CA ASN A 521 12.15 -19.38 -8.83
C ASN A 521 12.82 -20.48 -8.01
N PRO A 522 14.06 -20.86 -8.36
CA PRO A 522 14.73 -21.91 -7.57
C PRO A 522 15.03 -21.48 -6.16
N LEU A 523 15.10 -20.18 -5.91
CA LEU A 523 15.41 -19.72 -4.56
C LEU A 523 14.22 -19.94 -3.65
N VAL A 524 13.01 -19.64 -4.13
CA VAL A 524 11.79 -19.93 -3.38
C VAL A 524 11.63 -21.43 -3.18
N LYS A 525 11.82 -22.18 -4.25
CA LYS A 525 11.69 -23.64 -4.17
C LYS A 525 12.57 -24.22 -3.09
N THR A 526 13.84 -23.80 -3.04
CA THR A 526 14.78 -24.41 -2.10
C THR A 526 14.50 -23.95 -0.67
N CYS A 527 14.14 -22.68 -0.51
CA CYS A 527 13.80 -22.13 0.80
C CYS A 527 12.78 -22.98 1.53
N PHE A 528 11.75 -23.46 0.84
CA PHE A 528 10.67 -24.20 1.47
C PHE A 528 10.92 -25.71 1.55
N ALA A 529 12.08 -26.18 1.10
CA ALA A 529 12.42 -27.60 1.14
C ALA A 529 13.06 -27.92 2.49
N ASP A 530 12.21 -27.86 3.52
CA ASP A 530 12.70 -27.80 4.90
C ASP A 530 11.60 -28.30 5.84
N GLU A 531 11.85 -29.45 6.47
CA GLU A 531 10.84 -30.06 7.38
C GLU A 531 10.68 -29.26 8.68
N LEU A 532 11.59 -28.35 8.98
CA LEU A 532 11.41 -27.56 10.19
C LEU A 532 10.30 -26.51 10.01
N ILE A 533 9.94 -26.17 8.78
CA ILE A 533 8.85 -25.21 8.57
C ILE A 533 7.56 -25.83 9.12
N ASN A 534 6.82 -25.07 9.93
CA ASN A 534 5.70 -25.65 10.68
C ASN A 534 4.65 -26.32 9.80
N PHE A 535 4.25 -25.67 8.70
CA PHE A 535 3.27 -26.23 7.80
C PHE A 535 3.95 -27.15 6.78
N ASP A 536 3.39 -28.34 6.56
CA ASP A 536 3.98 -29.31 5.64
C ASP A 536 3.55 -28.99 4.21
N PHE A 537 4.41 -28.22 3.53
CA PHE A 537 4.15 -27.82 2.16
C PHE A 537 4.26 -28.96 1.16
N ALA A 538 4.79 -30.11 1.57
CA ALA A 538 4.80 -31.28 0.69
C ALA A 538 3.47 -32.03 0.70
N ASP A 539 2.68 -31.90 1.77
CA ASP A 539 1.41 -32.63 1.89
C ASP A 539 0.40 -31.72 2.54
N PRO A 540 -0.02 -30.67 1.84
CA PRO A 540 -0.97 -29.74 2.46
C PRO A 540 -2.30 -30.42 2.79
N ARG A 541 -2.77 -31.34 1.95
CA ARG A 541 -4.02 -32.02 2.25
C ARG A 541 -3.97 -32.72 3.61
N ALA A 542 -2.86 -33.41 3.91
CA ALA A 542 -2.78 -34.11 5.18
C ALA A 542 -2.84 -33.14 6.35
N ALA A 543 -2.19 -31.98 6.23
CA ALA A 543 -2.17 -31.01 7.30
C ALA A 543 -3.55 -30.41 7.48
N PHE A 544 -4.24 -30.06 6.38
CA PHE A 544 -5.59 -29.53 6.49
C PHE A 544 -6.47 -30.53 7.25
N GLY A 545 -6.37 -31.80 6.88
CA GLY A 545 -7.20 -32.82 7.50
C GLY A 545 -6.87 -33.07 8.96
N LYS A 546 -5.59 -33.12 9.31
CA LYS A 546 -5.23 -33.30 10.71
C LYS A 546 -5.75 -32.15 11.55
N ALA A 547 -5.66 -30.93 11.04
CA ALA A 547 -6.14 -29.77 11.78
C ALA A 547 -7.67 -29.71 11.80
N ALA A 548 -8.33 -30.27 10.79
CA ALA A 548 -9.80 -30.35 10.82
C ALA A 548 -10.25 -31.22 11.99
N LEU A 549 -9.45 -32.20 12.38
CA LEU A 549 -9.74 -33.07 13.51
C LEU A 549 -9.23 -32.49 14.84
N ARG A 550 -8.62 -31.30 14.79
CA ARG A 550 -8.09 -30.62 15.98
C ARG A 550 -6.90 -31.37 16.57
N GLU A 551 -6.21 -32.15 15.74
CA GLU A 551 -5.08 -32.97 16.15
C GLU A 551 -3.73 -32.48 15.65
N TRP A 552 -3.70 -31.47 14.81
CA TRP A 552 -2.45 -30.97 14.22
C TRP A 552 -1.76 -30.12 15.28
N ASP A 553 -0.49 -30.42 15.53
CA ASP A 553 0.18 -29.98 16.75
C ASP A 553 1.34 -29.02 16.47
N ARG A 554 1.40 -28.38 15.31
CA ARG A 554 2.56 -27.57 14.94
C ARG A 554 2.21 -26.08 14.84
N CYS A 555 1.11 -25.68 15.51
CA CYS A 555 0.73 -24.26 15.50
C CYS A 555 1.76 -23.43 16.24
N ALA A 556 2.20 -22.33 15.63
CA ALA A 556 3.13 -21.40 16.24
C ALA A 556 2.40 -20.13 16.64
N GLY A 557 3.08 -19.30 17.45
CA GLY A 557 2.64 -17.95 17.66
C GLY A 557 1.66 -17.69 18.78
N GLU A 558 1.24 -18.71 19.54
CA GLU A 558 0.27 -18.47 20.58
C GLU A 558 0.85 -17.67 21.73
N ARG A 559 -0.03 -17.01 22.48
CA ARG A 559 0.35 -16.23 23.65
C ARG A 559 0.19 -16.99 24.96
N ALA A 560 -0.15 -18.28 24.91
CA ALA A 560 -0.37 -19.10 26.09
C ALA A 560 0.67 -18.91 27.20
N PHE A 561 1.94 -18.83 26.82
CA PHE A 561 3.01 -18.78 27.82
C PHE A 561 2.90 -17.56 28.74
N VAL A 562 2.31 -16.46 28.25
CA VAL A 562 2.28 -15.20 28.98
C VAL A 562 0.89 -14.77 29.40
N ILE A 563 -0.08 -15.69 29.38
CA ILE A 563 -1.42 -15.39 29.86
C ILE A 563 -1.86 -16.50 30.81
N PRO A 564 -2.85 -16.23 31.65
CA PRO A 564 -3.33 -17.28 32.56
C PRO A 564 -3.97 -18.41 31.79
N ALA A 565 -3.98 -19.57 32.42
CA ALA A 565 -4.78 -20.68 31.96
C ALA A 565 -6.26 -20.32 31.85
N ALA B 2 -6.52 5.06 -47.16
CA ALA B 2 -6.78 5.69 -45.89
C ALA B 2 -8.19 5.42 -45.44
N ASP B 3 -8.41 5.57 -44.15
CA ASP B 3 -9.73 5.37 -43.55
C ASP B 3 -10.31 6.73 -43.23
N THR B 4 -11.50 6.98 -43.76
CA THR B 4 -12.19 8.23 -43.50
C THR B 4 -13.56 7.98 -42.90
N ILE B 5 -14.05 9.02 -42.24
CA ILE B 5 -15.36 9.03 -41.60
C ILE B 5 -15.95 10.43 -41.77
N ASP B 6 -17.27 10.51 -41.64
CA ASP B 6 -17.96 11.78 -41.45
C ASP B 6 -18.20 12.00 -39.95
N LEU B 7 -18.00 13.22 -39.48
CA LEU B 7 -18.25 13.56 -38.09
C LEU B 7 -19.63 14.21 -37.98
N TYR B 8 -20.42 13.73 -37.03
CA TYR B 8 -21.75 14.23 -36.74
C TYR B 8 -21.85 14.78 -35.33
N SER B 9 -22.76 15.74 -35.15
CA SER B 9 -23.01 16.34 -33.86
C SER B 9 -23.74 15.38 -32.92
N ASP B 10 -23.90 15.86 -31.68
CA ASP B 10 -24.68 15.12 -30.69
C ASP B 10 -26.11 14.87 -31.12
N ARG B 11 -26.63 15.56 -32.14
CA ARG B 11 -28.01 15.33 -32.57
C ARG B 11 -28.07 15.01 -34.06
N GLY B 12 -26.99 14.49 -34.61
CA GLY B 12 -27.03 13.93 -35.95
C GLY B 12 -26.92 14.94 -37.07
N ALA B 13 -26.39 16.14 -36.82
CA ALA B 13 -26.09 17.08 -37.89
C ALA B 13 -24.68 16.80 -38.40
N LYS B 14 -24.53 16.72 -39.72
CA LYS B 14 -23.20 16.44 -40.26
C LYS B 14 -22.34 17.68 -40.06
N LEU B 15 -21.18 17.50 -39.43
CA LEU B 15 -20.26 18.61 -39.17
C LEU B 15 -19.08 18.65 -40.15
N LYS B 16 -18.49 17.51 -40.49
CA LYS B 16 -17.30 17.43 -41.33
C LYS B 16 -17.39 16.13 -42.14
N SER B 17 -16.92 16.18 -43.39
CA SER B 17 -17.00 15.06 -44.29
C SER B 17 -15.61 14.59 -44.70
N GLY B 18 -15.45 13.26 -44.81
CA GLY B 18 -14.22 12.73 -45.37
C GLY B 18 -13.01 12.95 -44.48
N VAL B 19 -13.20 12.87 -43.18
CA VAL B 19 -12.13 13.10 -42.22
C VAL B 19 -11.29 11.84 -42.09
N ASP B 20 -9.98 11.97 -42.24
CA ASP B 20 -9.11 10.82 -42.04
C ASP B 20 -9.12 10.50 -40.53
N ILE B 21 -9.26 9.21 -40.18
CA ILE B 21 -9.32 8.87 -38.75
C ILE B 21 -8.05 9.30 -38.03
N ASN B 22 -6.93 9.40 -38.75
CA ASN B 22 -5.70 9.83 -38.12
C ASN B 22 -5.81 11.25 -37.56
N ASP B 23 -6.73 12.07 -38.09
CA ASP B 23 -6.90 13.45 -37.66
C ASP B 23 -7.81 13.61 -36.46
N ILE B 24 -8.45 12.52 -35.99
CA ILE B 24 -9.10 12.53 -34.70
C ILE B 24 -8.28 11.80 -33.63
N SER B 25 -7.06 11.40 -33.93
CA SER B 25 -6.22 10.78 -32.94
C SER B 25 -5.94 11.76 -31.79
N PRO B 26 -5.84 11.25 -30.56
CA PRO B 26 -5.31 12.10 -29.48
C PRO B 26 -3.94 12.68 -29.81
N MET B 27 -3.17 12.01 -30.66
CA MET B 27 -1.82 12.47 -30.97
C MET B 27 -1.77 13.53 -32.06
N ARG B 28 -2.92 13.91 -32.64
CA ARG B 28 -2.96 14.93 -33.70
C ARG B 28 -4.07 15.97 -33.54
N ASN B 29 -5.20 15.63 -32.97
CA ASN B 29 -6.34 16.56 -32.99
C ASN B 29 -6.11 17.66 -31.97
N ALA B 30 -6.23 18.91 -32.42
CA ALA B 30 -5.90 20.03 -31.55
C ALA B 30 -6.88 20.17 -30.41
N ALA B 31 -8.13 19.80 -30.63
CA ALA B 31 -9.10 19.92 -29.55
C ALA B 31 -8.92 18.84 -28.48
N ILE B 32 -8.52 17.63 -28.87
CA ILE B 32 -8.18 16.64 -27.84
C ILE B 32 -7.00 17.15 -27.02
N LYS B 33 -5.99 17.72 -27.66
CA LYS B 33 -4.89 18.31 -26.90
C LYS B 33 -5.40 19.39 -25.94
N SER B 34 -6.30 20.28 -26.42
CA SER B 34 -6.83 21.35 -25.59
C SER B 34 -7.64 20.81 -24.41
N ILE B 35 -8.47 19.79 -24.64
CA ILE B 35 -9.30 19.20 -23.60
C ILE B 35 -8.42 18.51 -22.56
N VAL B 36 -7.46 17.68 -23.00
CA VAL B 36 -6.64 16.92 -22.06
C VAL B 36 -5.75 17.85 -21.26
N THR B 37 -5.03 18.76 -21.92
CA THR B 37 -4.17 19.68 -21.21
C THR B 37 -5.01 20.64 -20.36
N GLY B 38 -6.19 21.04 -20.84
CA GLY B 38 -7.07 21.87 -20.04
C GLY B 38 -7.44 21.19 -18.74
N ILE B 39 -7.86 19.93 -18.84
CA ILE B 39 -8.21 19.18 -17.64
C ILE B 39 -7.03 19.08 -16.69
N LYS B 40 -5.82 18.82 -17.20
CA LYS B 40 -4.65 18.74 -16.35
C LYS B 40 -4.44 20.02 -15.56
N ARG B 41 -4.76 21.17 -16.17
CA ARG B 41 -4.50 22.48 -15.59
C ARG B 41 -5.60 22.99 -14.66
N THR B 42 -6.75 22.34 -14.57
CA THR B 42 -7.93 22.90 -13.92
C THR B 42 -8.13 22.34 -12.53
N ALA B 43 -8.47 23.22 -11.59
CA ALA B 43 -8.85 22.86 -10.24
C ALA B 43 -10.09 23.65 -9.83
N ALA B 44 -10.89 23.03 -8.98
CA ALA B 44 -12.06 23.63 -8.36
C ALA B 44 -11.75 24.00 -6.93
N VAL B 45 -12.13 25.21 -6.53
CA VAL B 45 -11.97 25.68 -5.15
C VAL B 45 -13.35 25.91 -4.57
N ASP B 46 -13.63 25.28 -3.42
CA ASP B 46 -14.90 25.47 -2.73
C ASP B 46 -14.67 26.55 -1.65
N LEU B 47 -14.91 27.82 -2.01
CA LEU B 47 -14.78 28.90 -1.02
C LEU B 47 -15.81 28.76 0.09
N ALA B 48 -17.07 28.45 -0.26
CA ALA B 48 -18.08 28.21 0.76
C ALA B 48 -17.67 27.04 1.65
N GLY B 49 -17.05 26.02 1.04
CA GLY B 49 -16.58 24.89 1.84
C GLY B 49 -15.47 25.24 2.80
N ILE B 50 -14.51 26.05 2.36
CA ILE B 50 -13.48 26.51 3.28
C ILE B 50 -14.10 27.28 4.44
N GLU B 51 -15.03 28.19 4.11
CA GLU B 51 -15.65 29.01 5.14
CA GLU B 51 -15.66 29.01 5.13
C GLU B 51 -16.36 28.14 6.16
N LYS B 52 -17.09 27.13 5.70
CA LYS B 52 -17.82 26.23 6.61
C LYS B 52 -16.87 25.34 7.40
N THR B 53 -15.86 24.78 6.73
CA THR B 53 -14.83 23.99 7.41
C THR B 53 -14.23 24.78 8.57
N LEU B 54 -13.84 26.03 8.31
CA LEU B 54 -13.22 26.84 9.34
C LEU B 54 -14.20 27.18 10.47
N ALA B 55 -15.44 27.54 10.12
CA ALA B 55 -16.40 27.99 11.13
C ALA B 55 -16.77 26.85 12.07
N THR B 56 -16.74 25.61 11.57
CA THR B 56 -17.13 24.43 12.35
C THR B 56 -15.92 23.62 12.80
N SER B 57 -14.70 24.11 12.53
CA SER B 57 -13.44 23.42 12.78
C SER B 57 -13.48 21.96 12.35
N ALA B 58 -14.11 21.70 11.20
CA ALA B 58 -14.30 20.35 10.67
C ALA B 58 -13.09 19.96 9.81
N ILE B 59 -11.92 20.07 10.43
CA ILE B 59 -10.65 19.97 9.72
CA ILE B 59 -10.66 19.97 9.69
C ILE B 59 -10.33 18.49 9.45
N GLY B 60 -10.18 18.14 8.17
CA GLY B 60 -9.81 16.81 7.76
C GLY B 60 -10.94 15.89 7.36
N GLY B 61 -12.19 16.28 7.56
CA GLY B 61 -13.27 15.43 7.10
C GLY B 61 -13.47 14.15 7.91
N LYS B 62 -14.31 13.29 7.35
CA LYS B 62 -14.56 11.96 7.94
C LYS B 62 -14.93 12.06 9.43
N GLY B 63 -15.83 13.01 9.74
CA GLY B 63 -16.38 13.16 11.05
C GLY B 63 -15.61 14.06 11.99
N ARG B 64 -14.51 14.64 11.56
CA ARG B 64 -13.64 15.37 12.46
C ARG B 64 -14.20 16.73 12.85
N LYS B 65 -13.84 17.13 14.06
CA LYS B 65 -14.01 18.46 14.61
C LYS B 65 -12.90 18.68 15.63
N ILE B 66 -12.21 19.82 15.52
CA ILE B 66 -11.18 20.20 16.51
C ILE B 66 -11.75 21.27 17.43
N PRO B 67 -12.11 20.95 18.67
CA PRO B 67 -12.67 21.99 19.56
C PRO B 67 -11.67 23.10 19.79
N GLY B 68 -12.16 24.34 19.74
CA GLY B 68 -11.34 25.49 20.07
C GLY B 68 -10.65 26.17 18.92
N ARG B 69 -10.69 25.57 17.74
CA ARG B 69 -9.97 26.07 16.59
C ARG B 69 -10.88 26.70 15.56
N GLU B 70 -12.16 26.94 15.89
CA GLU B 70 -13.09 27.56 14.95
C GLU B 70 -12.61 28.95 14.57
N MET B 71 -12.85 29.32 13.34
CA MET B 71 -12.53 30.65 12.80
C MET B 71 -13.64 31.12 11.90
N LYS B 72 -14.11 32.35 12.09
CA LYS B 72 -15.17 32.91 11.27
C LYS B 72 -14.57 33.91 10.32
N LEU B 73 -14.52 33.56 9.04
N LEU B 73 -14.53 33.53 9.03
CA LEU B 73 -14.02 34.42 7.98
CA LEU B 73 -14.00 34.41 7.97
C LEU B 73 -15.11 34.58 6.93
C LEU B 73 -15.12 34.60 6.94
N ASP B 74 -15.32 35.83 6.49
CA ASP B 74 -16.34 36.16 5.46
C ASP B 74 -15.74 35.92 4.08
N ILE B 75 -15.55 34.66 3.73
CA ILE B 75 -14.81 34.32 2.52
C ILE B 75 -15.66 34.55 1.28
N VAL B 76 -16.87 33.96 1.24
CA VAL B 76 -17.69 34.06 0.05
C VAL B 76 -18.03 35.51 -0.25
N LYS B 77 -18.29 36.30 0.79
CA LYS B 77 -18.62 37.73 0.57
C LYS B 77 -17.44 38.46 -0.09
N ASN B 78 -16.21 37.99 0.15
CA ASN B 78 -15.01 38.61 -0.39
C ASN B 78 -14.44 37.86 -1.58
N ALA B 79 -15.29 37.12 -2.28
CA ALA B 79 -14.79 36.27 -3.36
C ALA B 79 -14.07 37.06 -4.45
N ALA B 80 -14.52 38.27 -4.77
CA ALA B 80 -13.88 39.01 -5.85
C ALA B 80 -12.44 39.35 -5.50
N ALA B 81 -12.21 39.78 -4.26
CA ALA B 81 -10.85 40.09 -3.84
C ALA B 81 -10.00 38.85 -3.76
N ILE B 82 -10.58 37.73 -3.38
CA ILE B 82 -9.83 36.47 -3.33
CA ILE B 82 -9.81 36.49 -3.34
C ILE B 82 -9.48 36.02 -4.75
N GLN B 83 -10.44 36.13 -5.67
CA GLN B 83 -10.18 35.80 -7.07
CA GLN B 83 -10.17 35.80 -7.07
C GLN B 83 -8.97 36.58 -7.59
N LYS B 84 -8.94 37.88 -7.34
CA LYS B 84 -7.86 38.72 -7.86
C LYS B 84 -6.53 38.29 -7.28
N ALA B 85 -6.50 38.03 -5.97
CA ALA B 85 -5.25 37.63 -5.34
C ALA B 85 -4.80 36.27 -5.82
N VAL B 86 -5.72 35.32 -5.93
CA VAL B 86 -5.34 33.99 -6.44
C VAL B 86 -4.83 34.10 -7.88
N ASN B 87 -5.50 34.90 -8.68
CA ASN B 87 -5.03 35.11 -10.07
C ASN B 87 -3.56 35.58 -10.06
N GLU B 88 -3.21 36.57 -9.22
CA GLU B 88 -1.84 37.06 -9.18
C GLU B 88 -0.85 36.03 -8.67
N LEU B 89 -1.28 35.16 -7.76
CA LEU B 89 -0.39 34.15 -7.19
C LEU B 89 -0.20 32.96 -8.10
N VAL B 90 -1.22 32.57 -8.86
CA VAL B 90 -1.12 31.39 -9.70
C VAL B 90 -0.42 31.71 -11.02
N GLN B 91 -0.56 32.94 -11.49
CA GLN B 91 0.07 33.24 -12.79
C GLN B 91 1.60 33.22 -12.68
N VAL B 92 2.27 32.98 -13.79
CA VAL B 92 3.72 33.15 -13.89
C VAL B 92 4.07 34.53 -14.39
N ASP B 93 3.46 34.94 -15.49
CA ASP B 93 3.55 36.31 -15.97
C ASP B 93 2.17 36.92 -16.08
N SER B 94 2.07 38.20 -15.75
N SER B 94 2.09 38.21 -15.72
CA SER B 94 0.80 38.88 -15.98
CA SER B 94 0.80 38.92 -15.94
C SER B 94 0.44 38.70 -17.44
C SER B 94 0.42 38.78 -17.41
N GLY B 95 -0.83 38.45 -17.69
CA GLY B 95 -1.30 38.28 -19.03
C GLY B 95 -1.14 36.90 -19.64
N ASP B 96 -0.54 35.94 -18.91
CA ASP B 96 -0.39 34.59 -19.44
C ASP B 96 -1.74 33.87 -19.44
N ASP B 97 -1.72 32.57 -19.72
CA ASP B 97 -2.95 31.77 -19.92
C ASP B 97 -3.62 31.29 -18.62
N THR B 98 -3.24 31.85 -17.49
CA THR B 98 -3.95 31.59 -16.24
C THR B 98 -5.39 32.05 -16.35
N VAL B 99 -6.30 31.26 -15.79
CA VAL B 99 -7.69 31.66 -15.59
C VAL B 99 -8.04 31.51 -14.11
N VAL B 100 -8.62 32.54 -13.51
CA VAL B 100 -9.25 32.41 -12.20
C VAL B 100 -10.57 33.14 -12.29
N LYS B 101 -11.67 32.45 -12.01
N LYS B 101 -11.67 32.45 -12.00
CA LYS B 101 -13.00 33.05 -12.10
CA LYS B 101 -12.99 33.06 -12.08
C LYS B 101 -13.85 32.57 -10.93
C LYS B 101 -13.86 32.57 -10.94
N ALA B 102 -14.52 33.52 -10.28
CA ALA B 102 -15.52 33.19 -9.27
C ALA B 102 -16.79 32.71 -9.96
N LEU B 103 -17.39 31.64 -9.43
CA LEU B 103 -18.63 31.06 -9.93
C LEU B 103 -19.68 31.01 -8.83
N ASN B 104 -20.94 30.96 -9.26
CA ASN B 104 -22.08 30.64 -8.40
C ASN B 104 -22.10 31.49 -7.14
N GLY B 105 -22.13 32.80 -7.35
CA GLY B 105 -22.31 33.72 -6.25
C GLY B 105 -21.09 33.84 -5.37
N GLY B 106 -19.91 33.54 -5.91
CA GLY B 106 -18.69 33.56 -5.13
C GLY B 106 -18.45 32.33 -4.28
N LYS B 107 -19.29 31.31 -4.44
CA LYS B 107 -19.12 30.11 -3.58
C LYS B 107 -17.93 29.26 -4.06
N GLN B 108 -17.54 29.39 -5.32
CA GLN B 108 -16.48 28.59 -5.93
C GLN B 108 -15.55 29.46 -6.76
N LEU B 109 -14.34 28.95 -6.96
CA LEU B 109 -13.49 29.42 -8.05
C LEU B 109 -13.19 28.27 -9.00
N ILE B 110 -13.11 28.58 -10.29
CA ILE B 110 -12.35 27.76 -11.23
C ILE B 110 -10.96 28.39 -11.33
N VAL B 111 -9.94 27.54 -11.26
CA VAL B 111 -8.58 27.93 -11.51
C VAL B 111 -8.03 27.07 -12.63
N GLN B 112 -7.49 27.70 -13.66
CA GLN B 112 -6.68 27.00 -14.65
C GLN B 112 -5.27 27.58 -14.54
N VAL B 113 -4.35 26.76 -14.06
CA VAL B 113 -2.96 27.19 -13.90
C VAL B 113 -2.37 27.46 -15.27
N PRO B 114 -1.37 28.35 -15.38
CA PRO B 114 -0.78 28.56 -16.69
C PRO B 114 -0.13 27.26 -17.19
N SER B 115 -0.12 27.12 -18.50
N SER B 115 -0.14 27.11 -18.51
CA SER B 115 0.34 25.89 -19.14
CA SER B 115 0.36 25.86 -19.14
C SER B 115 1.76 25.52 -18.73
C SER B 115 1.78 25.50 -18.70
N VAL B 116 2.65 26.50 -18.51
CA VAL B 116 4.04 26.19 -18.18
C VAL B 116 4.12 25.37 -16.88
N ARG B 117 3.16 25.54 -15.96
CA ARG B 117 3.20 24.77 -14.72
C ARG B 117 2.90 23.29 -14.93
N ILE B 118 2.32 22.94 -16.09
N ILE B 118 2.33 22.95 -16.10
CA ILE B 118 2.16 21.49 -16.42
CA ILE B 118 2.14 21.50 -16.43
C ILE B 118 3.25 21.08 -17.43
C ILE B 118 3.24 21.08 -17.43
N ASP B 119 3.70 22.00 -18.28
CA ASP B 119 4.71 21.58 -19.25
C ASP B 119 6.04 21.27 -18.58
N VAL B 120 6.48 22.12 -17.66
CA VAL B 120 7.75 21.95 -16.98
C VAL B 120 7.49 21.32 -15.63
N ALA B 121 7.04 20.08 -15.67
CA ALA B 121 6.50 19.36 -14.52
C ALA B 121 6.33 17.91 -14.95
N ALA B 122 6.32 16.99 -14.01
CA ALA B 122 6.14 15.58 -14.37
C ALA B 122 4.70 15.21 -14.70
N GLU B 123 3.75 15.75 -13.96
CA GLU B 123 2.35 15.32 -14.20
CA GLU B 123 2.35 15.30 -13.89
C GLU B 123 1.38 16.53 -14.11
N TYR B 124 0.20 16.34 -13.55
CA TYR B 124 -0.82 17.38 -13.59
CA TYR B 124 -0.83 17.36 -13.60
C TYR B 124 -1.01 18.06 -12.25
N VAL B 125 -0.40 17.55 -11.18
CA VAL B 125 -0.78 17.91 -9.82
C VAL B 125 -0.49 19.34 -9.42
N SER B 126 0.30 20.09 -10.21
CA SER B 126 0.46 21.51 -9.91
CA SER B 126 0.48 21.51 -9.92
C SER B 126 -0.85 22.26 -9.95
N SER B 127 -1.83 21.76 -10.73
CA SER B 127 -3.15 22.41 -10.69
CA SER B 127 -3.18 22.38 -10.72
C SER B 127 -3.78 22.38 -9.29
N LEU B 128 -3.58 21.28 -8.57
CA LEU B 128 -4.05 21.18 -7.20
C LEU B 128 -3.15 21.95 -6.24
N THR B 129 -1.84 21.76 -6.35
CA THR B 129 -0.94 22.27 -5.31
C THR B 129 -0.75 23.78 -5.42
N CYS B 130 -0.58 24.29 -6.63
CA CYS B 130 -0.42 25.73 -6.78
CA CYS B 130 -0.41 25.73 -6.81
C CYS B 130 -1.70 26.46 -6.44
N THR B 131 -2.86 25.86 -6.76
CA THR B 131 -4.13 26.43 -6.35
C THR B 131 -4.26 26.44 -4.83
N ALA B 132 -4.00 25.30 -4.18
CA ALA B 132 -4.13 25.23 -2.73
C ALA B 132 -3.19 26.20 -2.04
N SER B 133 -1.94 26.30 -2.51
CA SER B 133 -1.02 27.27 -1.93
C SER B 133 -1.50 28.70 -2.15
N ALA B 134 -1.92 29.02 -3.37
CA ALA B 134 -2.40 30.38 -3.67
C ALA B 134 -3.60 30.73 -2.81
N VAL B 135 -4.55 29.80 -2.65
CA VAL B 135 -5.72 30.08 -1.84
C VAL B 135 -5.32 30.28 -0.39
N THR B 136 -4.44 29.41 0.14
CA THR B 136 -3.99 29.54 1.52
C THR B 136 -3.33 30.89 1.76
N GLN B 137 -2.38 31.26 0.89
CA GLN B 137 -1.71 32.53 1.07
C GLN B 137 -2.70 33.69 0.94
N ALA B 138 -3.61 33.64 -0.05
CA ALA B 138 -4.56 34.73 -0.25
C ALA B 138 -5.45 34.89 0.96
N LEU B 139 -5.89 33.78 1.60
CA LEU B 139 -6.74 33.89 2.77
C LEU B 139 -5.98 34.48 3.95
N VAL B 140 -4.74 34.03 4.15
CA VAL B 140 -3.95 34.57 5.25
C VAL B 140 -3.79 36.08 5.10
N SER B 141 -3.53 36.54 3.86
CA SER B 141 -3.36 37.97 3.60
CA SER B 141 -3.35 37.96 3.62
CA SER B 141 -3.34 37.97 3.64
C SER B 141 -4.67 38.72 3.72
N GLN B 142 -5.73 38.22 3.11
CA GLN B 142 -7.00 38.93 3.07
C GLN B 142 -7.56 39.14 4.47
N PHE B 143 -7.39 38.15 5.35
CA PHE B 143 -7.99 38.16 6.68
C PHE B 143 -6.98 38.42 7.77
N ASN B 144 -5.75 38.82 7.41
CA ASN B 144 -4.71 39.17 8.37
CA ASN B 144 -4.70 39.15 8.36
C ASN B 144 -4.56 38.09 9.44
N ILE B 145 -4.41 36.84 8.98
CA ILE B 145 -4.30 35.70 9.88
C ILE B 145 -2.91 35.65 10.49
N GLY B 146 -2.83 35.49 11.80
CA GLY B 146 -1.56 35.40 12.47
C GLY B 146 -0.91 34.03 12.39
N MET B 147 0.37 34.00 12.69
CA MET B 147 1.17 32.79 12.55
C MET B 147 0.54 31.60 13.27
N PHE B 148 0.06 31.77 14.51
CA PHE B 148 -0.39 30.61 15.26
C PHE B 148 -1.67 30.01 14.67
N ASP B 149 -2.40 30.77 13.87
CA ASP B 149 -3.62 30.31 13.22
C ASP B 149 -3.41 29.87 11.79
N ALA B 150 -2.26 30.18 11.20
CA ALA B 150 -2.07 29.86 9.79
C ALA B 150 -2.16 28.38 9.50
N PRO B 151 -1.69 27.46 10.36
CA PRO B 151 -1.89 26.03 10.04
C PRO B 151 -3.35 25.62 9.99
N THR B 152 -4.22 26.31 10.72
CA THR B 152 -5.67 26.04 10.67
C THR B 152 -6.21 26.35 9.29
N ILE B 153 -5.84 27.53 8.75
CA ILE B 153 -6.22 27.88 7.37
C ILE B 153 -5.70 26.84 6.39
N LYS B 154 -4.42 26.49 6.51
CA LYS B 154 -3.80 25.57 5.56
C LYS B 154 -4.50 24.21 5.58
N SER B 155 -4.77 23.68 6.76
CA SER B 155 -5.45 22.39 6.82
C SER B 155 -6.94 22.48 6.41
N ALA B 156 -7.58 23.63 6.56
CA ALA B 156 -8.93 23.79 6.01
C ALA B 156 -8.95 23.70 4.48
N VAL B 157 -7.88 24.17 3.83
CA VAL B 157 -7.79 24.17 2.37
C VAL B 157 -7.29 22.82 1.85
N TRP B 158 -6.20 22.32 2.43
CA TRP B 158 -5.50 21.14 1.96
C TRP B 158 -6.04 19.84 2.59
N GLY B 159 -6.91 19.92 3.58
CA GLY B 159 -7.30 18.73 4.31
C GLY B 159 -6.16 18.11 5.09
N GLN B 160 -6.16 16.77 5.20
CA GLN B 160 -5.20 16.06 6.02
C GLN B 160 -3.84 15.90 5.35
N TYR B 161 -3.66 16.39 4.15
CA TYR B 161 -2.35 16.28 3.47
C TYR B 161 -1.36 17.12 4.27
N PRO B 162 -0.17 16.57 4.65
CA PRO B 162 0.49 15.37 4.11
C PRO B 162 0.39 14.14 5.01
N GLN B 163 -0.39 14.13 6.07
CA GLN B 163 -0.58 12.86 6.78
C GLN B 163 -1.19 11.79 5.87
N THR B 164 -2.17 12.20 5.06
CA THR B 164 -2.75 11.41 3.98
C THR B 164 -2.05 11.78 2.66
N LEU B 165 -2.16 10.89 1.69
CA LEU B 165 -1.60 11.13 0.36
C LEU B 165 -2.44 12.13 -0.44
N ASP B 166 -3.74 12.21 -0.18
CA ASP B 166 -4.63 13.12 -0.86
C ASP B 166 -5.13 14.18 0.11
N MET B 167 -5.88 15.14 -0.43
N MET B 167 -5.86 15.15 -0.44
CA MET B 167 -6.37 16.28 0.34
CA MET B 167 -6.37 16.28 0.35
C MET B 167 -7.70 15.94 1.01
C MET B 167 -7.71 15.92 0.98
N VAL B 168 -7.67 14.91 1.87
CA VAL B 168 -8.89 14.40 2.51
C VAL B 168 -9.47 15.50 3.38
N GLY B 169 -10.76 15.84 3.17
CA GLY B 169 -11.42 16.89 3.92
C GLY B 169 -11.08 18.28 3.45
N GLY B 170 -10.33 18.40 2.39
CA GLY B 170 -9.93 19.69 1.84
C GLY B 170 -10.99 20.26 0.91
N ASN B 171 -10.62 21.35 0.27
CA ASN B 171 -11.56 22.16 -0.49
C ASN B 171 -11.02 22.55 -1.86
N VAL B 172 -10.04 21.79 -2.37
CA VAL B 172 -9.50 21.98 -3.71
C VAL B 172 -9.54 20.61 -4.37
N LYS B 173 -10.21 20.51 -5.52
N LYS B 173 -10.23 20.53 -5.51
CA LYS B 173 -10.46 19.21 -6.14
CA LYS B 173 -10.43 19.21 -6.13
C LYS B 173 -10.36 19.28 -7.65
C LYS B 173 -10.40 19.26 -7.65
N SER B 174 -10.07 18.13 -8.26
CA SER B 174 -10.14 17.94 -9.69
C SER B 174 -11.06 16.75 -9.99
N ILE B 175 -11.49 16.65 -11.24
CA ILE B 175 -12.15 15.42 -11.69
C ILE B 175 -11.19 14.24 -11.76
N VAL B 176 -9.89 14.47 -11.88
N VAL B 176 -9.88 14.48 -11.87
CA VAL B 176 -8.87 13.42 -11.89
CA VAL B 176 -8.88 13.43 -11.90
C VAL B 176 -8.44 13.16 -10.47
C VAL B 176 -8.42 13.17 -10.47
N ASP B 177 -8.16 11.91 -10.17
CA ASP B 177 -7.67 11.50 -8.86
C ASP B 177 -6.13 11.55 -8.83
N ILE B 178 -5.55 11.24 -7.67
CA ILE B 178 -4.07 11.39 -7.50
C ILE B 178 -3.30 10.28 -8.25
N PRO B 179 -2.14 10.61 -8.81
N PRO B 179 -2.12 10.59 -8.82
CA PRO B 179 -1.47 9.57 -9.58
CA PRO B 179 -1.43 9.58 -9.58
C PRO B 179 -1.09 8.32 -8.78
C PRO B 179 -1.07 8.31 -8.78
N GLN B 180 -0.91 8.40 -7.45
CA GLN B 180 -0.52 7.21 -6.71
C GLN B 180 -1.61 6.17 -6.73
N LYS B 181 -2.84 6.53 -7.07
N LYS B 181 -2.84 6.53 -7.07
CA LYS B 181 -3.93 5.57 -7.12
CA LYS B 181 -3.94 5.58 -7.11
C LYS B 181 -4.03 4.83 -8.44
C LYS B 181 -4.04 4.84 -8.44
N ASP B 182 -3.16 5.14 -9.40
CA ASP B 182 -3.20 4.44 -10.69
C ASP B 182 -2.99 2.95 -10.49
N GLU B 183 -3.79 2.17 -11.19
CA GLU B 183 -3.65 0.73 -11.21
C GLU B 183 -2.44 0.30 -12.02
N GLY B 184 -1.97 1.13 -12.92
CA GLY B 184 -0.86 0.79 -13.77
C GLY B 184 -0.47 1.99 -14.60
N PHE B 185 0.49 1.78 -15.50
CA PHE B 185 0.97 2.85 -16.36
C PHE B 185 -0.14 3.32 -17.28
N GLY B 186 -0.34 4.65 -17.36
CA GLY B 186 -1.27 5.24 -18.33
C GLY B 186 -2.68 5.38 -17.81
N TYR B 187 -2.90 5.12 -16.53
CA TYR B 187 -4.29 5.12 -16.00
C TYR B 187 -4.75 6.42 -15.37
N THR B 188 -3.90 7.47 -15.37
CA THR B 188 -4.32 8.70 -14.67
C THR B 188 -5.55 9.32 -15.32
N LEU B 189 -5.57 9.49 -16.65
CA LEU B 189 -6.72 10.11 -17.34
C LEU B 189 -7.93 9.16 -17.35
N ARG B 190 -7.69 7.91 -16.94
CA ARG B 190 -8.79 6.92 -16.87
C ARG B 190 -9.40 6.90 -15.46
N ASN B 191 -8.91 7.74 -14.54
N ASN B 191 -8.91 7.75 -14.55
CA ASN B 191 -9.41 7.69 -13.14
CA ASN B 191 -9.41 7.67 -13.13
C ASN B 191 -10.38 8.84 -12.89
C ASN B 191 -10.47 8.73 -12.83
N VAL B 192 -11.31 9.04 -13.83
CA VAL B 192 -12.31 10.12 -13.67
C VAL B 192 -13.67 9.46 -13.43
N MET B 193 -14.24 9.66 -12.25
CA MET B 193 -15.52 9.06 -11.88
CA MET B 193 -15.52 9.04 -11.91
CA MET B 193 -15.53 9.06 -11.89
C MET B 193 -16.60 9.35 -12.94
N ALA B 194 -17.40 8.34 -13.25
CA ALA B 194 -18.48 8.53 -14.22
C ALA B 194 -19.42 9.66 -13.82
N ASN B 195 -19.74 9.80 -12.53
CA ASN B 195 -20.60 10.91 -12.12
C ASN B 195 -19.97 12.26 -12.45
N HIS B 196 -18.65 12.38 -12.31
CA HIS B 196 -17.99 13.65 -12.61
C HIS B 196 -18.15 14.01 -14.09
N LEU B 197 -18.07 13.01 -14.96
CA LEU B 197 -18.23 13.24 -16.39
C LEU B 197 -19.63 13.65 -16.76
N ALA B 198 -20.63 12.99 -16.20
CA ALA B 198 -22.01 13.39 -16.48
C ALA B 198 -22.28 14.80 -16.02
N ALA B 199 -21.73 15.19 -14.86
CA ALA B 199 -21.94 16.55 -14.38
C ALA B 199 -21.20 17.57 -15.24
N THR B 200 -20.02 17.22 -15.72
CA THR B 200 -19.23 18.14 -16.56
C THR B 200 -19.96 18.43 -17.87
N CYS B 201 -20.67 17.46 -18.39
CA CYS B 201 -21.43 17.56 -19.64
C CYS B 201 -22.90 17.94 -19.46
N LYS B 202 -23.31 18.29 -18.25
CA LYS B 202 -24.67 18.70 -17.98
C LYS B 202 -25.66 17.64 -18.42
N LYS B 203 -25.27 16.36 -18.27
CA LYS B 203 -26.12 15.21 -18.50
CA LYS B 203 -26.12 15.21 -18.50
C LYS B 203 -26.59 15.09 -19.95
N SER B 204 -25.84 15.65 -20.89
CA SER B 204 -26.02 15.30 -22.30
C SER B 204 -25.34 13.96 -22.53
N ALA B 205 -26.09 12.91 -22.81
CA ALA B 205 -25.53 11.57 -22.86
C ALA B 205 -24.47 11.44 -23.96
N MET B 206 -24.72 12.02 -25.13
CA MET B 206 -23.75 11.89 -26.22
C MET B 206 -22.45 12.61 -25.87
N ASN B 207 -22.55 13.81 -25.31
CA ASN B 207 -21.33 14.53 -24.92
C ASN B 207 -20.59 13.86 -23.77
N THR B 208 -21.34 13.28 -22.82
CA THR B 208 -20.71 12.57 -21.70
C THR B 208 -19.93 11.38 -22.25
N ALA B 209 -20.53 10.59 -23.15
CA ALA B 209 -19.82 9.47 -23.76
C ALA B 209 -18.58 9.96 -24.47
N ALA B 210 -18.68 11.08 -25.20
CA ALA B 210 -17.53 11.59 -25.94
C ALA B 210 -16.39 12.01 -25.01
N LEU B 211 -16.69 12.78 -23.96
CA LEU B 211 -15.65 13.25 -23.05
C LEU B 211 -14.98 12.03 -22.41
N CYS B 212 -15.78 11.08 -21.95
CA CYS B 212 -15.22 9.88 -21.36
C CYS B 212 -14.36 9.11 -22.37
N SER B 213 -14.87 8.97 -23.59
CA SER B 213 -14.13 8.24 -24.63
C SER B 213 -12.81 8.93 -24.97
N ILE B 214 -12.80 10.26 -25.05
CA ILE B 214 -11.55 10.98 -25.29
C ILE B 214 -10.53 10.67 -24.20
N LEU B 215 -10.96 10.73 -22.94
CA LEU B 215 -10.04 10.48 -21.83
C LEU B 215 -9.57 9.02 -21.83
N GLU B 216 -10.52 8.09 -21.99
CA GLU B 216 -10.20 6.65 -22.01
C GLU B 216 -9.19 6.34 -23.11
N ASN B 217 -9.47 6.83 -24.32
CA ASN B 217 -8.61 6.51 -25.45
C ASN B 217 -7.28 7.22 -25.39
N THR B 218 -7.23 8.44 -24.84
CA THR B 218 -5.94 9.08 -24.58
C THR B 218 -5.15 8.24 -23.57
N GLY B 219 -5.86 7.70 -22.58
CA GLY B 219 -5.22 6.79 -21.63
C GLY B 219 -4.67 5.55 -22.29
N VAL B 220 -5.44 4.92 -23.20
CA VAL B 220 -4.93 3.76 -23.92
C VAL B 220 -3.63 4.08 -24.65
N PHE B 221 -3.54 5.27 -25.27
CA PHE B 221 -2.27 5.70 -25.86
C PHE B 221 -1.16 5.76 -24.80
N GLU B 222 -1.43 6.37 -23.66
CA GLU B 222 -0.41 6.54 -22.61
C GLU B 222 0.01 5.20 -22.01
N MET B 223 -0.90 4.22 -22.01
CA MET B 223 -0.61 2.86 -21.62
C MET B 223 0.35 2.14 -22.54
N GLY B 224 0.62 2.69 -23.73
CA GLY B 224 1.43 2.01 -24.70
C GLY B 224 0.67 1.03 -25.56
N ASP B 225 -0.66 1.13 -25.56
CA ASP B 225 -1.51 0.13 -26.20
C ASP B 225 -2.15 0.59 -27.50
N ALA B 226 -1.60 1.65 -28.10
CA ALA B 226 -2.02 2.12 -29.42
C ALA B 226 -0.85 2.20 -30.39
N ILE B 227 0.15 1.35 -30.20
CA ILE B 227 1.36 1.30 -31.01
C ILE B 227 1.19 0.32 -32.17
N GLY B 228 1.77 0.64 -33.32
CA GLY B 228 1.98 -0.37 -34.36
C GLY B 228 0.70 -1.01 -34.85
N ASN B 229 0.60 -2.33 -34.61
CA ASN B 229 -0.56 -3.07 -35.10
C ASN B 229 -1.86 -2.79 -34.34
N GLN B 230 -1.82 -1.90 -33.36
CA GLN B 230 -3.03 -1.47 -32.66
C GLN B 230 -3.55 -0.10 -33.05
N THR B 231 -2.75 0.74 -33.74
CA THR B 231 -3.14 2.16 -33.84
C THR B 231 -4.47 2.33 -34.57
N ARG B 232 -4.55 1.83 -35.79
CA ARG B 232 -5.77 1.93 -36.58
C ARG B 232 -6.96 1.32 -35.84
N HIS B 233 -6.74 0.17 -35.22
CA HIS B 233 -7.78 -0.51 -34.46
C HIS B 233 -8.35 0.41 -33.38
N ARG B 234 -7.47 1.08 -32.63
CA ARG B 234 -7.92 1.99 -31.58
C ARG B 234 -8.72 3.14 -32.16
N LEU B 235 -8.21 3.76 -33.25
CA LEU B 235 -8.86 4.96 -33.79
C LEU B 235 -10.21 4.67 -34.40
N LEU B 236 -10.37 3.50 -34.99
CA LEU B 236 -11.69 3.12 -35.50
C LEU B 236 -12.69 3.00 -34.36
N ALA B 237 -12.35 2.26 -33.30
CA ALA B 237 -13.30 2.09 -32.20
C ALA B 237 -13.60 3.39 -31.48
N PHE B 238 -12.55 4.18 -31.24
CA PHE B 238 -12.73 5.49 -30.59
C PHE B 238 -13.68 6.36 -31.40
N SER B 239 -13.43 6.51 -32.71
CA SER B 239 -14.25 7.41 -33.51
C SER B 239 -15.68 6.91 -33.63
N HIS B 240 -15.86 5.58 -33.74
CA HIS B 240 -17.20 5.04 -33.91
C HIS B 240 -18.00 5.03 -32.62
N GLN B 241 -17.38 4.75 -31.47
CA GLN B 241 -18.13 4.74 -30.23
C GLN B 241 -18.24 6.13 -29.61
N GLY B 242 -17.14 6.89 -29.60
CA GLY B 242 -17.06 8.13 -28.84
C GLY B 242 -17.39 9.39 -29.62
N LEU B 243 -17.17 9.38 -30.95
CA LEU B 243 -17.30 10.57 -31.77
C LEU B 243 -18.43 10.46 -32.79
N ASN B 244 -19.34 9.50 -32.62
CA ASN B 244 -20.52 9.44 -33.47
C ASN B 244 -20.15 9.39 -34.95
N ALA B 245 -19.09 8.65 -35.25
CA ALA B 245 -18.65 8.56 -36.64
C ALA B 245 -19.78 8.05 -37.51
N ASN B 246 -20.00 8.72 -38.64
CA ASN B 246 -21.00 8.33 -39.62
C ASN B 246 -22.41 8.30 -39.04
N ASN B 247 -22.61 8.96 -37.90
CA ASN B 247 -23.91 9.01 -37.22
C ASN B 247 -24.42 7.64 -36.80
N LEU B 248 -23.53 6.65 -36.70
CA LEU B 248 -24.02 5.32 -36.37
C LEU B 248 -24.64 5.28 -34.98
N VAL B 249 -24.01 5.89 -34.00
CA VAL B 249 -24.57 5.86 -32.65
C VAL B 249 -25.89 6.63 -32.59
N TYR B 250 -25.87 7.91 -32.97
CA TYR B 250 -27.06 8.72 -32.74
C TYR B 250 -28.18 8.31 -33.69
N GLY B 251 -27.85 8.08 -34.96
CA GLY B 251 -28.87 7.68 -35.93
C GLY B 251 -29.56 6.39 -35.53
N THR B 252 -28.78 5.40 -35.08
CA THR B 252 -29.39 4.13 -34.70
C THR B 252 -30.19 4.28 -33.42
N THR B 253 -29.66 5.04 -32.45
CA THR B 253 -30.42 5.32 -31.22
C THR B 253 -31.77 5.96 -31.54
N LYS B 254 -31.78 6.92 -32.45
CA LYS B 254 -33.04 7.56 -32.83
C LYS B 254 -33.98 6.55 -33.48
N ALA B 255 -33.47 5.75 -34.42
CA ALA B 255 -34.33 4.78 -35.10
C ALA B 255 -34.92 3.76 -34.15
N LEU B 256 -34.18 3.39 -33.11
CA LEU B 256 -34.59 2.36 -32.15
C LEU B 256 -35.19 2.94 -30.88
N GLY B 257 -35.34 4.27 -30.80
CA GLY B 257 -35.62 4.89 -29.52
C GLY B 257 -37.02 4.73 -29.00
N LYS B 258 -37.99 4.32 -29.83
CA LYS B 258 -39.34 4.10 -29.35
C LYS B 258 -39.62 2.65 -28.99
N THR B 259 -39.13 1.69 -29.80
CA THR B 259 -39.53 0.30 -29.60
C THR B 259 -38.34 -0.63 -29.38
N GLY B 260 -37.12 -0.14 -29.50
CA GLY B 260 -35.97 -1.01 -29.53
C GLY B 260 -35.55 -1.52 -28.16
N THR B 261 -35.06 -2.74 -28.16
CA THR B 261 -34.47 -3.43 -27.02
C THR B 261 -32.97 -3.64 -27.25
N ILE B 262 -32.28 -4.18 -26.24
CA ILE B 262 -30.89 -4.58 -26.43
C ILE B 262 -30.78 -5.47 -27.67
N GLY B 263 -31.70 -6.42 -27.81
CA GLY B 263 -31.68 -7.28 -28.97
C GLY B 263 -31.87 -6.54 -30.28
N SER B 264 -32.75 -5.53 -30.31
CA SER B 264 -32.87 -4.70 -31.50
C SER B 264 -31.54 -4.07 -31.89
N ALA B 265 -30.78 -3.61 -30.89
CA ALA B 265 -29.48 -3.01 -31.16
C ALA B 265 -28.49 -4.03 -31.72
N VAL B 266 -28.50 -5.25 -31.17
CA VAL B 266 -27.67 -6.33 -31.72
C VAL B 266 -27.97 -6.52 -33.20
N HIS B 267 -29.26 -6.66 -33.50
CA HIS B 267 -29.68 -6.96 -34.86
C HIS B 267 -29.36 -5.81 -35.79
N ALA B 268 -29.53 -4.58 -35.32
CA ALA B 268 -29.21 -3.41 -36.16
C ALA B 268 -27.73 -3.35 -36.48
N CYS B 269 -26.88 -3.71 -35.51
CA CYS B 269 -25.43 -3.70 -35.73
C CYS B 269 -25.04 -4.75 -36.78
N VAL B 270 -25.58 -5.97 -36.66
CA VAL B 270 -25.31 -7.01 -37.67
C VAL B 270 -25.80 -6.55 -39.04
N GLU B 271 -27.04 -6.03 -39.09
CA GLU B 271 -27.64 -5.57 -40.34
C GLU B 271 -26.74 -4.53 -41.01
N LYS B 272 -26.28 -3.55 -40.24
CA LYS B 272 -25.48 -2.46 -40.78
C LYS B 272 -24.12 -2.95 -41.25
N ALA B 273 -23.51 -3.87 -40.47
CA ALA B 273 -22.23 -4.45 -40.86
C ALA B 273 -22.34 -5.22 -42.17
N ILE B 274 -23.44 -5.95 -42.36
CA ILE B 274 -23.67 -6.62 -43.65
C ILE B 274 -23.84 -5.61 -44.77
N ALA B 275 -24.66 -4.61 -44.56
CA ALA B 275 -24.92 -3.64 -45.61
C ALA B 275 -23.66 -2.89 -46.02
N ASP B 276 -22.78 -2.60 -45.05
CA ASP B 276 -21.56 -1.85 -45.30
C ASP B 276 -20.41 -2.75 -45.71
N LYS B 277 -20.69 -4.05 -45.92
CA LYS B 277 -19.69 -5.01 -46.41
C LYS B 277 -18.53 -5.18 -45.44
N VAL B 278 -18.81 -5.04 -44.15
CA VAL B 278 -17.83 -5.33 -43.10
C VAL B 278 -17.81 -6.82 -42.78
N ILE B 279 -18.96 -7.47 -42.82
CA ILE B 279 -19.06 -8.91 -42.57
C ILE B 279 -19.93 -9.51 -43.67
N SER B 280 -19.79 -10.83 -43.85
CA SER B 280 -20.62 -11.58 -44.78
C SER B 280 -20.72 -13.03 -44.33
N ALA B 281 -21.73 -13.72 -44.87
CA ALA B 281 -21.96 -15.09 -44.45
C ALA B 281 -20.78 -15.95 -44.86
N ASP B 282 -20.45 -16.91 -44.00
CA ASP B 282 -19.33 -17.81 -44.17
C ASP B 282 -19.80 -19.26 -44.24
N LYS B 283 -19.90 -19.96 -43.13
CA LYS B 283 -20.15 -21.39 -43.13
C LYS B 283 -21.58 -21.69 -42.70
N LYS B 284 -22.35 -22.35 -43.57
CA LYS B 284 -23.73 -22.70 -43.29
C LYS B 284 -23.79 -24.08 -42.66
N PHE B 285 -24.33 -24.15 -41.45
CA PHE B 285 -24.54 -25.40 -40.75
C PHE B 285 -25.88 -26.04 -41.20
N ALA B 286 -26.03 -27.33 -40.87
CA ALA B 286 -27.20 -28.09 -41.31
C ALA B 286 -28.50 -27.46 -40.86
N SER B 287 -28.52 -26.88 -39.65
CA SER B 287 -29.73 -26.26 -39.14
C SER B 287 -30.17 -25.03 -39.92
N GLY B 288 -29.28 -24.48 -40.73
CA GLY B 288 -29.51 -23.22 -41.39
C GLY B 288 -28.76 -22.07 -40.77
N TYR B 289 -28.29 -22.23 -39.52
CA TYR B 289 -27.43 -21.22 -38.92
C TYR B 289 -26.17 -21.03 -39.75
N THR B 290 -25.79 -19.77 -40.00
CA THR B 290 -24.56 -19.49 -40.73
CA THR B 290 -24.56 -19.49 -40.73
C THR B 290 -23.61 -18.66 -39.90
N THR B 291 -22.35 -19.10 -39.84
CA THR B 291 -21.35 -18.23 -39.25
C THR B 291 -21.10 -17.07 -40.21
N TYR B 292 -20.50 -16.00 -39.70
CA TYR B 292 -20.09 -14.84 -40.48
C TYR B 292 -18.58 -14.71 -40.43
N LYS B 293 -18.01 -14.09 -41.46
CA LYS B 293 -16.60 -13.73 -41.52
C LYS B 293 -16.52 -12.23 -41.72
N THR B 294 -15.34 -11.68 -41.46
CA THR B 294 -15.10 -10.26 -41.66
C THR B 294 -13.80 -10.12 -42.44
N ASN B 295 -13.73 -9.08 -43.26
CA ASN B 295 -12.48 -8.69 -43.92
C ASN B 295 -11.82 -7.50 -43.23
N ASP B 296 -12.33 -7.07 -42.09
CA ASP B 296 -11.77 -5.90 -41.42
C ASP B 296 -12.17 -5.99 -39.93
N VAL B 297 -11.36 -6.71 -39.18
CA VAL B 297 -11.58 -6.86 -37.73
C VAL B 297 -11.71 -5.50 -37.05
N GLY B 298 -10.86 -4.54 -37.41
CA GLY B 298 -10.93 -3.25 -36.74
C GLY B 298 -12.27 -2.58 -36.94
N LYS B 299 -12.81 -2.69 -38.15
N LYS B 299 -12.81 -2.72 -38.16
CA LYS B 299 -14.10 -2.09 -38.44
CA LYS B 299 -14.10 -2.09 -38.45
C LYS B 299 -15.25 -2.84 -37.78
C LYS B 299 -15.25 -2.84 -37.78
N TRP B 300 -15.24 -4.17 -37.86
CA TRP B 300 -16.27 -4.95 -37.18
C TRP B 300 -16.28 -4.61 -35.69
N ASN B 301 -15.09 -4.59 -35.08
CA ASN B 301 -15.00 -4.27 -33.67
C ASN B 301 -15.57 -2.88 -33.38
N ALA B 302 -15.26 -1.91 -34.24
CA ALA B 302 -15.76 -0.55 -34.08
C ALA B 302 -17.28 -0.50 -34.18
N TYR B 303 -17.86 -1.28 -35.11
CA TYR B 303 -19.32 -1.34 -35.21
C TYR B 303 -19.91 -1.90 -33.91
N CYS B 304 -19.30 -2.95 -33.37
CA CYS B 304 -19.75 -3.49 -32.10
C CYS B 304 -19.61 -2.47 -30.96
N ALA B 305 -18.55 -1.64 -30.99
CA ALA B 305 -18.39 -0.60 -29.97
C ALA B 305 -19.51 0.43 -30.05
N ALA B 306 -19.84 0.86 -31.29
CA ALA B 306 -20.97 1.76 -31.48
C ALA B 306 -22.27 1.12 -31.02
N GLY B 307 -22.50 -0.15 -31.39
CA GLY B 307 -23.73 -0.83 -31.00
C GLY B 307 -23.89 -1.01 -29.50
N THR B 308 -22.78 -1.22 -28.80
CA THR B 308 -22.79 -1.32 -27.34
C THR B 308 -23.33 -0.02 -26.73
N LEU B 309 -22.91 1.12 -27.29
CA LEU B 309 -23.41 2.42 -26.83
C LEU B 309 -24.86 2.63 -27.24
N VAL B 310 -25.24 2.27 -28.49
CA VAL B 310 -26.64 2.38 -28.90
C VAL B 310 -27.53 1.65 -27.89
N ALA B 311 -27.15 0.41 -27.58
CA ALA B 311 -27.95 -0.42 -26.70
C ALA B 311 -28.07 0.23 -25.32
N THR B 312 -26.97 0.85 -24.84
CA THR B 312 -26.98 1.56 -23.58
C THR B 312 -27.98 2.69 -23.63
N LEU B 313 -27.87 3.52 -24.66
CA LEU B 313 -28.73 4.71 -24.76
C LEU B 313 -30.20 4.32 -24.78
N ILE B 314 -30.56 3.30 -25.57
CA ILE B 314 -31.98 2.96 -25.68
C ILE B 314 -32.48 2.22 -24.44
N ASN B 315 -31.64 1.39 -23.80
CA ASN B 315 -32.13 0.61 -22.65
C ASN B 315 -32.11 1.43 -21.36
N CYS B 316 -31.02 2.14 -21.11
CA CYS B 316 -30.96 3.04 -19.97
C CYS B 316 -31.89 4.23 -20.19
N GLY B 317 -31.99 4.70 -21.44
CA GLY B 317 -32.92 5.77 -21.75
C GLY B 317 -34.36 5.34 -21.46
N ALA B 318 -34.72 4.11 -21.80
CA ALA B 318 -36.08 3.64 -21.55
C ALA B 318 -36.36 3.59 -20.06
N GLN B 319 -35.40 3.13 -19.25
CA GLN B 319 -35.57 3.13 -17.79
C GLN B 319 -35.46 4.52 -17.19
N ARG B 320 -34.87 5.47 -17.89
CA ARG B 320 -34.41 6.75 -17.31
C ARG B 320 -33.67 6.48 -16.00
N ALA B 321 -32.71 5.56 -16.07
CA ALA B 321 -31.93 5.14 -14.91
C ALA B 321 -30.65 4.51 -15.42
N PRO B 322 -29.58 4.51 -14.63
CA PRO B 322 -28.31 4.00 -15.15
C PRO B 322 -27.99 2.55 -14.92
N GLN B 323 -28.58 1.90 -13.92
CA GLN B 323 -28.04 0.62 -13.45
C GLN B 323 -27.92 -0.47 -14.51
N SER B 324 -28.79 -0.47 -15.51
CA SER B 324 -28.79 -1.56 -16.46
C SER B 324 -27.59 -1.55 -17.38
N VAL B 325 -26.77 -0.49 -17.40
CA VAL B 325 -25.65 -0.44 -18.32
C VAL B 325 -24.74 -1.66 -18.15
N SER B 326 -24.59 -2.16 -16.91
CA SER B 326 -23.76 -3.35 -16.73
C SER B 326 -24.30 -4.54 -17.52
N ALA B 327 -25.61 -4.76 -17.45
CA ALA B 327 -26.23 -5.84 -18.23
C ALA B 327 -26.17 -5.56 -19.72
N VAL B 328 -26.33 -4.29 -20.14
CA VAL B 328 -26.32 -3.99 -21.57
C VAL B 328 -25.00 -4.41 -22.19
N LEU B 329 -23.90 -3.99 -21.55
CA LEU B 329 -22.57 -4.28 -22.11
C LEU B 329 -22.33 -5.78 -22.20
N LEU B 330 -22.85 -6.53 -21.24
CA LEU B 330 -22.71 -7.99 -21.24
C LEU B 330 -23.52 -8.59 -22.38
N TYR B 331 -24.83 -8.32 -22.38
CA TYR B 331 -25.74 -9.03 -23.26
C TYR B 331 -25.68 -8.57 -24.69
N PHE B 332 -25.42 -7.29 -24.97
CA PHE B 332 -25.21 -6.90 -26.38
C PHE B 332 -24.13 -7.77 -26.98
N ASN B 333 -23.00 -7.91 -26.28
CA ASN B 333 -21.84 -8.59 -26.81
C ASN B 333 -22.01 -10.11 -26.82
N ASP B 334 -22.56 -10.69 -25.76
CA ASP B 334 -22.84 -12.12 -25.76
C ASP B 334 -23.76 -12.47 -26.92
N LEU B 335 -24.85 -11.72 -27.05
CA LEU B 335 -25.82 -12.00 -28.09
C LEU B 335 -25.27 -11.78 -29.49
N ILE B 336 -24.43 -10.76 -29.71
CA ILE B 336 -23.94 -10.56 -31.08
C ILE B 336 -23.00 -11.70 -31.47
N GLU B 337 -22.26 -12.24 -30.50
CA GLU B 337 -21.43 -13.40 -30.80
C GLU B 337 -22.31 -14.60 -31.15
N LYS B 338 -23.39 -14.83 -30.38
CA LYS B 338 -24.31 -15.91 -30.69
C LYS B 338 -24.95 -15.73 -32.08
N GLU B 339 -25.24 -14.48 -32.45
CA GLU B 339 -25.88 -14.18 -33.73
C GLU B 339 -24.94 -14.37 -34.92
N THR B 340 -23.62 -14.18 -34.73
CA THR B 340 -22.70 -14.11 -35.86
C THR B 340 -21.56 -15.12 -35.86
N SER B 341 -21.19 -15.68 -34.71
CA SER B 341 -19.97 -16.44 -34.53
C SER B 341 -18.71 -15.63 -34.78
N LEU B 342 -18.79 -14.29 -34.64
CA LEU B 342 -17.63 -13.40 -34.60
C LEU B 342 -17.49 -12.88 -33.18
N PRO B 343 -16.26 -12.52 -32.77
CA PRO B 343 -16.09 -11.95 -31.43
CA PRO B 343 -16.08 -11.95 -31.44
C PRO B 343 -16.81 -10.62 -31.29
N GLY B 344 -17.33 -10.39 -30.08
CA GLY B 344 -17.94 -9.12 -29.76
C GLY B 344 -16.93 -8.03 -29.46
N CYS B 345 -17.43 -6.91 -28.92
CA CYS B 345 -16.59 -5.73 -28.77
C CYS B 345 -15.39 -6.02 -27.90
N ASP B 346 -14.20 -5.69 -28.39
CA ASP B 346 -12.97 -5.83 -27.62
C ASP B 346 -12.69 -7.31 -27.33
N PHE B 347 -13.21 -8.17 -28.18
CA PHE B 347 -12.87 -9.60 -28.21
C PHE B 347 -13.22 -10.32 -26.92
N GLY B 348 -14.29 -9.89 -26.27
CA GLY B 348 -14.71 -10.44 -24.99
C GLY B 348 -14.47 -9.52 -23.81
N LYS B 349 -13.67 -8.49 -23.96
CA LYS B 349 -13.27 -7.69 -22.80
CA LYS B 349 -13.28 -7.71 -22.79
C LYS B 349 -14.34 -6.71 -22.37
N VAL B 350 -15.18 -6.22 -23.28
CA VAL B 350 -16.35 -5.45 -22.81
C VAL B 350 -17.30 -6.36 -22.03
N GLN B 351 -17.61 -7.52 -22.60
CA GLN B 351 -18.46 -8.48 -21.92
C GLN B 351 -17.88 -8.86 -20.55
N GLY B 352 -16.57 -9.13 -20.49
CA GLY B 352 -15.94 -9.50 -19.23
C GLY B 352 -15.98 -8.39 -18.20
N ALA B 353 -15.58 -7.17 -18.59
CA ALA B 353 -15.75 -6.06 -17.69
C ALA B 353 -17.19 -5.97 -17.20
N ALA B 354 -18.16 -6.17 -18.11
CA ALA B 354 -19.56 -6.08 -17.74
C ALA B 354 -20.02 -7.16 -16.78
N VAL B 355 -19.46 -8.38 -16.87
CA VAL B 355 -19.81 -9.42 -15.91
C VAL B 355 -19.44 -8.97 -14.50
N GLY B 356 -18.19 -8.53 -14.34
CA GLY B 356 -17.76 -8.12 -13.01
C GLY B 356 -18.44 -6.84 -12.54
N PHE B 357 -18.67 -5.93 -13.48
CA PHE B 357 -19.38 -4.67 -13.17
C PHE B 357 -20.82 -4.94 -12.74
N SER B 358 -21.50 -5.86 -13.42
CA SER B 358 -22.85 -6.24 -12.99
C SER B 358 -22.80 -6.75 -11.55
N PHE B 359 -21.91 -7.68 -11.29
CA PHE B 359 -21.77 -8.25 -9.94
C PHE B 359 -21.47 -7.16 -8.90
N PHE B 360 -20.50 -6.28 -9.19
CA PHE B 360 -20.06 -5.24 -8.27
C PHE B 360 -20.95 -4.00 -8.31
N SER B 361 -22.12 -4.10 -8.94
CA SER B 361 -23.13 -3.05 -8.80
C SER B 361 -24.45 -3.62 -8.32
N HIS B 362 -24.46 -4.90 -7.92
CA HIS B 362 -25.67 -5.56 -7.45
C HIS B 362 -25.37 -6.52 -6.31
N SER B 363 -24.27 -6.31 -5.55
CA SER B 363 -23.82 -7.27 -4.54
C SER B 363 -23.26 -6.55 -3.32
N ILE B 364 -22.91 -7.33 -2.29
CA ILE B 364 -22.40 -6.77 -1.05
C ILE B 364 -20.92 -6.39 -1.12
N TYR B 365 -20.19 -6.81 -2.17
CA TYR B 365 -18.73 -6.93 -2.02
C TYR B 365 -17.93 -5.65 -2.30
N GLY B 366 -18.49 -4.71 -3.03
CA GLY B 366 -17.80 -3.49 -3.40
C GLY B 366 -18.54 -2.82 -4.53
N GLY B 367 -17.81 -1.97 -5.25
CA GLY B 367 -18.43 -1.21 -6.34
C GLY B 367 -19.44 -0.22 -5.84
N GLY B 368 -20.63 -0.27 -6.37
CA GLY B 368 -21.69 0.70 -6.12
C GLY B 368 -22.52 0.86 -7.38
N GLY B 369 -23.21 1.99 -7.51
CA GLY B 369 -23.90 2.29 -8.74
C GLY B 369 -22.93 2.65 -9.85
N PRO B 370 -23.39 2.69 -11.10
CA PRO B 370 -22.52 3.05 -12.23
C PRO B 370 -21.70 4.31 -12.02
N GLY B 371 -22.26 5.29 -11.32
CA GLY B 371 -21.61 6.56 -11.18
C GLY B 371 -20.27 6.55 -10.48
N VAL B 372 -19.97 5.53 -9.66
CA VAL B 372 -18.72 5.48 -8.91
C VAL B 372 -17.60 4.83 -9.71
N PHE B 373 -17.89 4.21 -10.84
CA PHE B 373 -16.90 3.51 -11.62
C PHE B 373 -16.15 4.48 -12.55
N ASN B 374 -15.06 3.99 -13.13
CA ASN B 374 -14.16 4.77 -13.97
C ASN B 374 -13.19 3.79 -14.64
N GLY B 375 -12.43 4.28 -15.59
CA GLY B 375 -11.49 3.43 -16.30
C GLY B 375 -10.35 2.89 -15.47
N ASN B 376 -10.06 3.48 -14.31
CA ASN B 376 -9.05 2.99 -13.39
C ASN B 376 -9.63 2.11 -12.29
N HIS B 377 -10.95 1.95 -12.23
CA HIS B 377 -11.53 1.11 -11.19
C HIS B 377 -11.19 -0.34 -11.51
N VAL B 378 -10.78 -1.10 -10.48
CA VAL B 378 -10.38 -2.49 -10.69
C VAL B 378 -11.45 -3.28 -11.41
N VAL B 379 -12.72 -2.95 -11.20
CA VAL B 379 -13.82 -3.70 -11.80
C VAL B 379 -13.96 -3.40 -13.29
N THR B 380 -13.88 -2.13 -13.69
CA THR B 380 -14.24 -1.67 -15.03
C THR B 380 -13.04 -1.30 -15.90
N ARG B 381 -11.80 -1.59 -15.49
CA ARG B 381 -10.64 -1.18 -16.24
C ARG B 381 -10.39 -2.02 -17.50
N HIS B 382 -10.98 -3.21 -17.61
CA HIS B 382 -10.40 -4.27 -18.43
C HIS B 382 -10.56 -4.06 -19.93
N SER B 383 -11.62 -3.40 -20.37
CA SER B 383 -11.71 -3.04 -21.79
C SER B 383 -10.72 -1.95 -22.09
N LYS B 384 -10.17 -1.98 -23.30
CA LYS B 384 -9.28 -0.93 -23.79
C LYS B 384 -10.10 0.28 -24.27
N GLY B 385 -10.82 0.90 -23.32
CA GLY B 385 -11.49 2.17 -23.54
C GLY B 385 -12.93 2.13 -24.04
N LEU B 386 -13.54 0.95 -24.19
CA LEU B 386 -14.80 0.81 -24.90
C LEU B 386 -15.96 0.43 -23.99
N ALA B 387 -15.78 0.49 -22.67
CA ALA B 387 -16.82 0.19 -21.70
C ALA B 387 -17.27 1.40 -20.92
N VAL B 388 -16.34 2.13 -20.30
CA VAL B 388 -16.71 3.21 -19.40
C VAL B 388 -17.43 4.36 -20.10
N PRO B 389 -17.19 4.68 -21.38
CA PRO B 389 -18.01 5.75 -22.02
C PRO B 389 -19.50 5.44 -21.95
N CYS B 390 -19.86 4.17 -22.05
CA CYS B 390 -21.26 3.76 -21.94
C CYS B 390 -21.78 3.95 -20.52
N VAL B 391 -20.92 3.64 -19.53
CA VAL B 391 -21.25 3.85 -18.11
C VAL B 391 -21.57 5.30 -17.84
N ALA B 392 -20.72 6.20 -18.33
CA ALA B 392 -20.92 7.62 -18.13
C ALA B 392 -22.21 8.12 -18.81
N ALA B 393 -22.45 7.68 -20.05
CA ALA B 393 -23.69 8.04 -20.73
C ALA B 393 -24.91 7.55 -19.97
N ALA B 394 -24.85 6.34 -19.41
CA ALA B 394 -25.96 5.81 -18.63
C ALA B 394 -26.27 6.69 -17.42
N VAL B 395 -25.23 7.14 -16.72
CA VAL B 395 -25.42 8.06 -15.61
C VAL B 395 -26.18 9.31 -16.04
N ALA B 396 -25.81 9.86 -17.21
CA ALA B 396 -26.43 11.07 -17.69
C ALA B 396 -27.93 10.92 -17.82
N LEU B 397 -28.41 9.71 -18.10
CA LEU B 397 -29.83 9.42 -18.38
C LEU B 397 -30.70 9.21 -17.13
N ASP B 398 -30.13 9.31 -15.92
CA ASP B 398 -30.89 9.06 -14.70
C ASP B 398 -31.90 10.19 -14.49
N ALA B 399 -33.15 9.83 -14.25
CA ALA B 399 -34.18 10.79 -13.84
C ALA B 399 -34.35 10.89 -12.34
N GLY B 400 -33.59 10.12 -11.56
CA GLY B 400 -33.62 10.24 -10.12
C GLY B 400 -33.61 8.95 -9.31
N VAL B 401 -33.06 7.87 -9.85
CA VAL B 401 -33.07 6.58 -9.15
C VAL B 401 -31.90 6.43 -8.18
N GLN B 402 -30.71 6.90 -8.55
CA GLN B 402 -29.52 6.58 -7.75
C GLN B 402 -29.41 7.46 -6.52
N ILE B 403 -28.93 6.86 -5.42
CA ILE B 403 -28.55 7.63 -4.24
C ILE B 403 -27.26 8.40 -4.50
N TYR B 404 -26.22 7.70 -4.92
CA TYR B 404 -24.92 8.32 -5.12
C TYR B 404 -24.84 8.85 -6.55
N SER B 405 -25.60 9.92 -6.76
CA SER B 405 -25.75 10.60 -8.03
C SER B 405 -24.68 11.66 -8.18
N PRO B 406 -24.58 12.28 -9.36
CA PRO B 406 -23.66 13.42 -9.50
C PRO B 406 -24.00 14.59 -8.59
N GLU B 407 -25.27 14.75 -8.24
N GLU B 407 -25.26 14.75 -8.24
CA GLU B 407 -25.61 15.82 -7.26
CA GLU B 407 -25.62 15.82 -7.28
C GLU B 407 -24.97 15.48 -5.89
C GLU B 407 -24.98 15.52 -5.91
N LYS B 408 -24.87 14.25 -5.54
N LYS B 408 -24.84 14.25 -5.56
CA LYS B 408 -24.26 13.90 -4.26
CA LYS B 408 -24.26 13.90 -4.24
C LYS B 408 -22.74 13.89 -4.31
C LYS B 408 -22.73 13.81 -4.28
N THR B 409 -22.14 13.36 -5.39
CA THR B 409 -20.71 13.09 -5.41
C THR B 409 -19.87 14.14 -6.13
N SER B 410 -20.50 14.99 -6.93
CA SER B 410 -19.77 15.73 -7.96
C SER B 410 -20.19 17.18 -8.11
N GLY B 411 -20.81 17.76 -7.09
CA GLY B 411 -21.30 19.13 -7.25
C GLY B 411 -20.21 20.14 -7.54
N LEU B 412 -19.15 20.15 -6.72
CA LEU B 412 -18.09 21.14 -6.90
C LEU B 412 -17.38 20.97 -8.24
N VAL B 413 -16.90 19.76 -8.52
CA VAL B 413 -16.13 19.60 -9.73
C VAL B 413 -17.04 19.73 -10.95
N GLY B 414 -18.27 19.25 -10.87
CA GLY B 414 -19.19 19.43 -11.99
C GLY B 414 -19.46 20.89 -12.27
N ASP B 415 -19.70 21.67 -11.22
CA ASP B 415 -19.99 23.10 -11.43
C ASP B 415 -18.81 23.80 -12.11
N VAL B 416 -17.59 23.47 -11.68
CA VAL B 416 -16.39 24.11 -12.22
C VAL B 416 -16.09 23.59 -13.62
N PHE B 417 -15.99 22.28 -13.80
CA PHE B 417 -15.53 21.77 -15.09
C PHE B 417 -16.59 21.95 -16.19
N SER B 418 -17.89 21.94 -15.84
CA SER B 418 -18.93 22.17 -16.85
C SER B 418 -18.91 23.62 -17.36
N SER B 419 -18.24 24.54 -16.67
CA SER B 419 -18.17 25.91 -17.13
C SER B 419 -17.24 26.08 -18.32
N VAL B 420 -16.44 25.09 -18.64
CA VAL B 420 -15.48 25.15 -19.71
C VAL B 420 -16.12 24.56 -20.97
N ASP B 421 -16.33 25.39 -22.01
CA ASP B 421 -17.06 24.97 -23.19
C ASP B 421 -16.53 23.68 -23.81
N GLU B 422 -15.21 23.57 -24.00
CA GLU B 422 -14.71 22.39 -24.69
C GLU B 422 -14.87 21.11 -23.87
N PHE B 423 -14.85 21.20 -22.54
CA PHE B 423 -15.07 20.01 -21.71
C PHE B 423 -16.54 19.59 -21.80
N ARG B 424 -17.46 20.56 -21.78
CA ARG B 424 -18.89 20.30 -21.73
C ARG B 424 -19.40 19.86 -23.10
N GLU B 425 -18.81 20.37 -24.17
CA GLU B 425 -19.23 20.14 -25.54
C GLU B 425 -18.09 19.62 -26.40
N PRO B 426 -17.60 18.42 -26.07
CA PRO B 426 -16.38 17.93 -26.72
C PRO B 426 -16.60 17.48 -28.15
N ILE B 427 -17.77 17.00 -28.50
CA ILE B 427 -17.98 16.55 -29.89
C ILE B 427 -17.76 17.74 -30.84
N LYS B 428 -18.42 18.86 -30.51
CA LYS B 428 -18.26 20.09 -31.30
C LYS B 428 -16.81 20.50 -31.37
N ALA B 429 -16.10 20.40 -30.27
CA ALA B 429 -14.70 20.83 -30.26
C ALA B 429 -13.84 19.97 -31.15
N VAL B 430 -13.99 18.64 -31.05
CA VAL B 430 -13.14 17.74 -31.83
C VAL B 430 -13.38 17.93 -33.32
N ALA B 431 -14.65 18.02 -33.72
CA ALA B 431 -14.96 18.25 -35.12
C ALA B 431 -14.44 19.62 -35.58
N GLY B 432 -14.52 20.62 -34.72
CA GLY B 432 -14.09 21.95 -35.07
C GLY B 432 -12.60 22.05 -35.31
N ALA B 433 -11.82 21.05 -34.87
CA ALA B 433 -10.37 21.04 -35.02
C ALA B 433 -9.89 20.32 -36.28
N VAL B 434 -10.79 19.82 -37.10
CA VAL B 434 -10.43 19.22 -38.37
C VAL B 434 -11.03 20.01 -39.55
N ALA C 2 -33.64 -4.50 -43.72
CA ALA C 2 -34.20 -5.64 -43.01
C ALA C 2 -33.10 -6.65 -42.70
N TYR C 3 -33.35 -7.43 -41.66
CA TYR C 3 -32.44 -8.48 -41.21
C TYR C 3 -33.27 -9.48 -40.42
N LYS C 4 -33.14 -10.74 -40.77
CA LYS C 4 -33.90 -11.81 -40.07
C LYS C 4 -32.95 -12.49 -39.09
N PRO C 5 -33.14 -12.34 -37.78
CA PRO C 5 -32.18 -12.92 -36.84
C PRO C 5 -32.23 -14.44 -36.87
N GLN C 6 -31.06 -15.03 -36.64
CA GLN C 6 -30.92 -16.47 -36.52
C GLN C 6 -30.69 -16.93 -35.08
N TYR C 7 -30.28 -16.04 -34.20
CA TYR C 7 -30.21 -16.22 -32.74
C TYR C 7 -29.10 -17.09 -32.18
N TYR C 8 -28.99 -18.33 -32.64
CA TYR C 8 -28.18 -19.34 -31.97
C TYR C 8 -28.09 -20.56 -32.86
N PRO C 9 -26.97 -21.24 -32.88
CA PRO C 9 -26.85 -22.46 -33.68
C PRO C 9 -27.56 -23.65 -33.02
N GLY C 10 -27.52 -24.78 -33.72
CA GLY C 10 -27.94 -26.05 -33.15
C GLY C 10 -29.23 -26.59 -33.75
N SER C 11 -29.29 -27.92 -33.85
CA SER C 11 -30.45 -28.63 -34.40
C SER C 11 -31.17 -29.51 -33.38
N THR C 12 -30.69 -29.59 -32.15
CA THR C 12 -31.36 -30.40 -31.14
C THR C 12 -32.58 -29.71 -30.61
N SER C 13 -33.41 -30.44 -29.86
CA SER C 13 -34.57 -29.84 -29.23
C SER C 13 -34.14 -28.72 -28.29
N VAL C 14 -33.02 -28.93 -27.58
CA VAL C 14 -32.50 -27.92 -26.66
C VAL C 14 -32.21 -26.61 -27.41
N ALA C 15 -31.52 -26.70 -28.55
CA ALA C 15 -31.24 -25.50 -29.33
C ALA C 15 -32.51 -24.85 -29.84
N LYS C 16 -33.48 -25.65 -30.30
CA LYS C 16 -34.76 -25.10 -30.76
C LYS C 16 -35.49 -24.39 -29.62
N ASN C 17 -35.49 -24.98 -28.43
CA ASN C 17 -36.12 -24.32 -27.29
C ASN C 17 -35.37 -23.04 -26.91
N ARG C 18 -34.03 -23.06 -27.00
CA ARG C 18 -33.26 -21.84 -26.77
C ARG C 18 -33.65 -20.72 -27.73
N ARG C 19 -33.86 -21.05 -29.01
CA ARG C 19 -34.30 -20.02 -29.94
C ARG C 19 -35.72 -19.58 -29.63
N LYS C 20 -36.59 -20.49 -29.18
CA LYS C 20 -37.91 -20.07 -28.75
C LYS C 20 -37.83 -19.05 -27.62
N HIS C 21 -37.04 -19.32 -26.59
CA HIS C 21 -36.95 -18.37 -25.47
C HIS C 21 -36.37 -17.04 -25.94
N MET C 22 -35.33 -17.08 -26.77
CA MET C 22 -34.75 -15.85 -27.28
C MET C 22 -35.76 -15.00 -28.00
N SER C 23 -36.62 -15.65 -28.79
CA SER C 23 -37.56 -14.95 -29.69
C SER C 23 -38.94 -14.75 -29.07
N ASP C 24 -39.14 -15.14 -27.81
CA ASP C 24 -40.44 -15.05 -27.16
C ASP C 24 -41.51 -15.91 -27.81
N ASP C 25 -41.08 -16.95 -28.52
CA ASP C 25 -41.99 -17.91 -29.17
C ASP C 25 -42.28 -19.05 -28.20
N VAL C 26 -42.98 -18.69 -27.11
CA VAL C 26 -43.20 -19.59 -25.97
C VAL C 26 -44.70 -19.69 -25.71
N GLU C 27 -45.14 -20.89 -25.38
CA GLU C 27 -46.55 -21.19 -25.19
C GLU C 27 -47.03 -20.79 -23.82
N LYS C 28 -48.19 -20.15 -23.75
CA LYS C 28 -48.85 -19.89 -22.48
C LYS C 28 -49.37 -21.21 -21.90
N MET C 29 -48.93 -21.56 -20.70
CA MET C 29 -49.30 -22.82 -20.06
CA MET C 29 -49.34 -22.82 -20.10
C MET C 29 -50.29 -22.65 -18.92
N ARG C 30 -50.39 -21.46 -18.36
CA ARG C 30 -51.22 -21.20 -17.20
C ARG C 30 -51.58 -19.73 -17.17
N ASP C 31 -52.64 -19.42 -16.48
CA ASP C 31 -53.12 -18.04 -16.32
C ASP C 31 -52.91 -17.60 -14.89
N ILE C 32 -52.24 -16.46 -14.70
CA ILE C 32 -52.00 -15.92 -13.36
C ILE C 32 -52.52 -14.49 -13.33
N SER C 33 -53.47 -14.21 -12.44
CA SER C 33 -54.04 -12.87 -12.39
C SER C 33 -53.00 -11.84 -11.95
N ASP C 34 -53.28 -10.59 -12.27
CA ASP C 34 -52.37 -9.52 -11.87
C ASP C 34 -52.20 -9.47 -10.35
N GLU C 35 -53.31 -9.59 -9.60
CA GLU C 35 -53.22 -9.49 -8.16
C GLU C 35 -52.47 -10.68 -7.56
N ASP C 36 -52.69 -11.89 -8.07
CA ASP C 36 -51.91 -13.04 -7.61
C ASP C 36 -50.41 -12.83 -7.86
N LEU C 37 -50.05 -12.32 -9.04
CA LEU C 37 -48.64 -12.08 -9.33
C LEU C 37 -48.05 -11.05 -8.41
N THR C 38 -48.77 -9.95 -8.20
CA THR C 38 -48.28 -8.94 -7.29
C THR C 38 -48.06 -9.50 -5.88
N ALA C 39 -48.97 -10.38 -5.43
CA ALA C 39 -48.81 -10.99 -4.12
C ALA C 39 -47.55 -11.84 -4.07
N LEU C 40 -47.26 -12.60 -5.13
CA LEU C 40 -46.08 -13.44 -5.15
C LEU C 40 -44.80 -12.60 -5.15
N LEU C 41 -44.83 -11.44 -5.80
CA LEU C 41 -43.64 -10.61 -5.94
C LEU C 41 -43.27 -9.88 -4.65
N GLY C 42 -44.26 -9.51 -3.83
CA GLY C 42 -44.01 -8.99 -2.50
C GLY C 42 -43.63 -7.55 -2.37
N HIS C 43 -43.83 -6.73 -3.40
CA HIS C 43 -43.36 -5.35 -3.37
C HIS C 43 -44.43 -4.32 -2.98
N ARG C 44 -45.71 -4.66 -3.08
CA ARG C 44 -46.81 -3.77 -2.69
C ARG C 44 -48.06 -4.61 -2.53
N ALA C 45 -49.09 -4.04 -1.92
CA ALA C 45 -50.31 -4.80 -1.76
C ALA C 45 -50.96 -5.04 -3.11
N PRO C 46 -51.55 -6.22 -3.34
CA PRO C 46 -52.24 -6.47 -4.61
C PRO C 46 -53.28 -5.40 -4.89
N GLY C 47 -53.27 -4.90 -6.11
CA GLY C 47 -54.21 -3.92 -6.57
C GLY C 47 -53.87 -2.49 -6.22
N SER C 48 -52.85 -2.27 -5.41
CA SER C 48 -52.53 -0.91 -4.97
C SER C 48 -51.74 -0.15 -6.03
N ASP C 49 -51.73 1.17 -5.89
CA ASP C 49 -50.93 2.00 -6.79
C ASP C 49 -49.45 1.66 -6.66
N TYR C 50 -48.71 1.84 -7.74
CA TYR C 50 -47.27 1.62 -7.71
CA TYR C 50 -47.27 1.62 -7.71
C TYR C 50 -46.60 2.75 -6.95
N PRO C 51 -45.84 2.46 -5.90
CA PRO C 51 -45.07 3.52 -5.24
C PRO C 51 -44.10 4.16 -6.19
N SER C 52 -43.72 5.38 -5.89
CA SER C 52 -42.71 6.05 -6.68
CA SER C 52 -42.72 6.11 -6.67
C SER C 52 -41.41 6.20 -5.90
N THR C 53 -40.32 6.21 -6.65
CA THR C 53 -39.02 6.59 -6.08
C THR C 53 -38.67 8.04 -6.41
N HIS C 54 -39.19 8.60 -7.48
CA HIS C 54 -39.06 10.02 -7.79
C HIS C 54 -40.33 10.47 -8.46
N PRO C 55 -40.52 11.77 -8.64
CA PRO C 55 -41.79 12.26 -9.26
C PRO C 55 -41.95 11.79 -10.69
N PRO C 56 -43.17 11.79 -11.22
CA PRO C 56 -43.33 11.46 -12.63
C PRO C 56 -42.53 12.42 -13.51
N LEU C 57 -42.15 11.95 -14.70
CA LEU C 57 -41.33 12.77 -15.59
C LEU C 57 -42.05 14.06 -15.97
N SER C 58 -43.38 14.04 -16.05
CA SER C 58 -44.12 15.26 -16.33
C SER C 58 -43.91 16.34 -15.28
N GLU C 59 -43.39 16.01 -14.10
CA GLU C 59 -43.13 16.98 -13.06
C GLU C 59 -41.64 17.30 -12.92
N ILE C 60 -40.82 16.78 -13.84
CA ILE C 60 -39.37 16.94 -13.77
C ILE C 60 -38.92 17.71 -15.02
N GLY C 61 -38.10 18.74 -14.82
CA GLY C 61 -37.40 19.40 -15.90
C GLY C 61 -36.13 18.64 -16.23
N GLU C 62 -36.23 17.70 -17.16
CA GLU C 62 -35.08 16.88 -17.49
C GLU C 62 -34.03 17.71 -18.20
N PRO C 63 -32.76 17.36 -18.08
CA PRO C 63 -31.69 18.10 -18.75
C PRO C 63 -31.89 18.04 -20.26
N ALA C 64 -31.45 19.09 -20.93
CA ALA C 64 -31.44 19.05 -22.39
C ALA C 64 -30.49 17.97 -22.85
N CYS C 65 -31.00 16.99 -23.60
CA CYS C 65 -30.19 15.85 -24.01
C CYS C 65 -30.80 15.31 -25.29
N SER C 66 -30.01 15.25 -26.35
CA SER C 66 -30.48 14.74 -27.62
C SER C 66 -30.97 13.29 -27.54
N VAL C 67 -30.46 12.51 -26.57
CA VAL C 67 -30.87 11.12 -26.42
C VAL C 67 -32.22 11.04 -25.71
N ARG C 68 -32.39 11.80 -24.61
CA ARG C 68 -33.70 11.84 -23.99
C ARG C 68 -34.79 12.26 -24.98
N GLU C 69 -34.46 13.16 -25.89
CA GLU C 69 -35.42 13.64 -26.86
C GLU C 69 -35.94 12.54 -27.78
N VAL C 70 -35.16 11.48 -28.04
CA VAL C 70 -35.54 10.44 -28.99
C VAL C 70 -35.76 9.06 -28.39
N VAL C 71 -35.43 8.86 -27.13
CA VAL C 71 -35.67 7.58 -26.45
C VAL C 71 -36.85 7.73 -25.51
N GLU C 72 -37.93 7.02 -25.84
CA GLU C 72 -39.17 7.16 -25.09
CA GLU C 72 -39.16 7.15 -25.09
C GLU C 72 -39.06 6.42 -23.75
N PRO C 73 -39.34 7.08 -22.62
CA PRO C 73 -39.40 6.35 -21.35
C PRO C 73 -40.45 5.25 -21.39
N THR C 74 -40.19 4.13 -20.70
CA THR C 74 -41.26 3.15 -20.48
C THR C 74 -42.39 3.78 -19.65
N PRO C 75 -43.54 3.11 -19.58
CA PRO C 75 -44.60 3.60 -18.68
C PRO C 75 -44.14 3.69 -17.24
N GLY C 76 -43.38 2.70 -16.79
CA GLY C 76 -42.89 2.72 -15.42
C GLY C 76 -41.90 3.84 -15.15
N ALA C 77 -41.05 4.16 -16.13
CA ALA C 77 -40.13 5.29 -16.00
C ALA C 77 -40.88 6.61 -16.00
N ALA C 78 -41.84 6.76 -16.92
CA ALA C 78 -42.67 7.96 -16.97
C ALA C 78 -43.33 8.25 -15.63
N ALA C 79 -43.76 7.19 -14.93
CA ALA C 79 -44.44 7.33 -13.66
C ALA C 79 -43.50 7.49 -12.47
N GLY C 80 -42.20 7.26 -12.61
CA GLY C 80 -41.27 7.31 -11.50
C GLY C 80 -41.29 6.11 -10.58
N ASP C 81 -41.69 4.94 -11.07
CA ASP C 81 -41.76 3.74 -10.24
C ASP C 81 -40.38 3.38 -9.67
N ARG C 82 -40.39 2.70 -8.52
CA ARG C 82 -39.17 2.08 -8.03
C ARG C 82 -38.65 1.05 -9.03
N LEU C 83 -37.34 0.81 -8.97
CA LEU C 83 -36.74 -0.36 -9.58
C LEU C 83 -36.99 -1.53 -8.63
N ARG C 84 -37.80 -2.50 -9.07
CA ARG C 84 -38.06 -3.75 -8.34
C ARG C 84 -37.78 -4.93 -9.26
N TYR C 85 -37.92 -6.15 -8.73
CA TYR C 85 -37.38 -7.30 -9.48
C TYR C 85 -38.21 -8.52 -9.33
N VAL C 86 -37.97 -9.47 -10.22
CA VAL C 86 -38.39 -10.84 -10.07
C VAL C 86 -37.15 -11.72 -10.25
N GLN C 87 -37.05 -12.78 -9.43
CA GLN C 87 -35.91 -13.66 -9.47
C GLN C 87 -36.37 -15.11 -9.50
N TRP C 88 -35.73 -15.92 -10.35
CA TRP C 88 -36.10 -17.30 -10.60
C TRP C 88 -34.93 -18.23 -10.31
N SER C 89 -35.25 -19.41 -9.81
CA SER C 89 -34.33 -20.54 -9.72
C SER C 89 -34.90 -21.70 -10.53
N ASP C 90 -34.06 -22.35 -11.34
CA ASP C 90 -34.48 -23.40 -12.26
C ASP C 90 -33.65 -24.66 -12.05
N SER C 91 -34.30 -25.80 -11.85
CA SER C 91 -33.59 -27.03 -11.61
C SER C 91 -32.76 -27.47 -12.82
N MET C 92 -31.59 -28.06 -12.54
CA MET C 92 -30.78 -28.71 -13.56
C MET C 92 -31.35 -30.03 -14.02
N TYR C 93 -32.42 -30.51 -13.37
CA TYR C 93 -33.12 -31.72 -13.82
C TYR C 93 -34.20 -31.34 -14.85
N ASN C 94 -33.74 -30.72 -15.92
CA ASN C 94 -34.54 -30.40 -17.11
C ASN C 94 -35.65 -29.38 -16.87
N ALA C 95 -35.45 -28.40 -15.99
CA ALA C 95 -36.37 -27.28 -15.98
C ALA C 95 -36.41 -26.67 -17.38
N PRO C 96 -37.55 -26.11 -17.78
CA PRO C 96 -37.60 -25.50 -19.12
C PRO C 96 -36.57 -24.41 -19.30
N SER C 97 -36.34 -23.59 -18.30
CA SER C 97 -35.43 -22.46 -18.40
C SER C 97 -34.04 -22.80 -17.88
N VAL C 98 -33.07 -22.07 -18.41
CA VAL C 98 -31.73 -21.95 -17.86
C VAL C 98 -31.43 -20.47 -17.66
N PRO C 99 -30.57 -20.13 -16.70
CA PRO C 99 -30.37 -18.70 -16.36
C PRO C 99 -30.05 -17.80 -17.54
N TYR C 100 -29.03 -18.13 -18.37
CA TYR C 100 -28.67 -17.20 -19.44
C TYR C 100 -29.85 -16.95 -20.36
N TRP C 101 -30.68 -17.97 -20.63
CA TRP C 101 -31.79 -17.81 -21.57
C TRP C 101 -32.96 -17.02 -20.98
N ARG C 102 -33.16 -17.01 -19.67
CA ARG C 102 -34.10 -16.03 -19.13
C ARG C 102 -33.59 -14.63 -19.37
N SER C 103 -32.28 -14.43 -19.24
CA SER C 103 -31.71 -13.10 -19.46
C SER C 103 -31.75 -12.72 -20.93
N TYR C 104 -31.49 -13.66 -21.86
CA TYR C 104 -31.65 -13.34 -23.27
C TYR C 104 -33.10 -12.99 -23.61
N HIS C 105 -34.04 -13.73 -23.04
CA HIS C 105 -35.45 -13.42 -23.25
C HIS C 105 -35.74 -11.98 -22.84
N ALA C 106 -35.24 -11.57 -21.67
CA ALA C 106 -35.41 -10.19 -21.23
C ALA C 106 -34.80 -9.19 -22.22
N ALA C 107 -33.53 -9.41 -22.56
CA ALA C 107 -32.78 -8.43 -23.33
C ALA C 107 -33.31 -8.29 -24.75
N ILE C 108 -33.83 -9.38 -25.34
CA ILE C 108 -34.30 -9.31 -26.70
C ILE C 108 -35.72 -8.73 -26.77
N ASN C 109 -36.57 -9.05 -25.80
CA ASN C 109 -38.02 -8.84 -25.95
C ASN C 109 -38.63 -7.73 -25.13
N PHE C 110 -37.88 -7.13 -24.20
CA PHE C 110 -38.45 -6.11 -23.34
C PHE C 110 -37.54 -4.89 -23.33
N ARG C 111 -38.16 -3.71 -23.43
CA ARG C 111 -37.42 -2.46 -23.29
C ARG C 111 -37.05 -2.24 -21.82
N GLY C 112 -35.88 -1.62 -21.61
CA GLY C 112 -35.56 -1.19 -20.26
C GLY C 112 -35.41 -2.26 -19.21
N VAL C 113 -34.50 -3.21 -19.48
CA VAL C 113 -34.28 -4.36 -18.60
C VAL C 113 -32.91 -4.26 -17.91
N ASP C 114 -32.81 -4.89 -16.74
CA ASP C 114 -31.52 -5.05 -16.03
C ASP C 114 -31.41 -6.49 -15.55
N PRO C 115 -31.11 -7.41 -16.47
CA PRO C 115 -31.01 -8.84 -16.09
C PRO C 115 -29.63 -9.20 -15.54
N GLY C 116 -29.64 -10.18 -14.64
CA GLY C 116 -28.45 -10.77 -14.07
C GLY C 116 -28.54 -12.29 -14.08
N THR C 117 -27.48 -12.93 -14.54
CA THR C 117 -27.41 -14.38 -14.65
C THR C 117 -26.41 -14.95 -13.65
N LEU C 118 -26.86 -15.96 -12.89
CA LEU C 118 -26.01 -16.73 -11.98
C LEU C 118 -26.42 -18.20 -12.12
N SER C 119 -25.75 -19.11 -11.43
CA SER C 119 -26.08 -20.54 -11.59
C SER C 119 -27.40 -20.89 -10.88
N GLY C 120 -27.61 -20.38 -9.67
CA GLY C 120 -28.79 -20.75 -8.87
C GLY C 120 -29.90 -19.72 -8.84
N ARG C 121 -29.71 -18.64 -9.59
CA ARG C 121 -30.71 -17.56 -9.57
C ARG C 121 -30.52 -16.74 -10.84
N GLN C 122 -31.63 -16.25 -11.33
CA GLN C 122 -31.60 -15.30 -12.53
C GLN C 122 -32.57 -14.18 -12.13
N VAL C 123 -32.18 -12.92 -12.34
CA VAL C 123 -32.93 -11.78 -11.81
C VAL C 123 -33.11 -10.76 -12.92
N ASN C 124 -34.15 -9.93 -12.78
CA ASN C 124 -34.31 -8.79 -13.69
C ASN C 124 -34.94 -7.67 -12.88
N GLU C 125 -34.27 -6.51 -12.88
CA GLU C 125 -34.79 -5.31 -12.25
C GLU C 125 -35.30 -4.38 -13.34
N MET C 126 -36.51 -3.90 -13.15
CA MET C 126 -37.17 -2.94 -14.03
C MET C 126 -38.00 -1.99 -13.22
N ARG C 127 -38.38 -0.85 -13.81
CA ARG C 127 -39.39 -0.03 -13.18
C ARG C 127 -40.60 -0.93 -12.88
N GLU C 128 -41.18 -0.81 -11.67
CA GLU C 128 -42.04 -1.87 -11.16
C GLU C 128 -43.14 -2.32 -12.14
N ARG C 129 -43.91 -1.41 -12.72
CA ARG C 129 -45.02 -1.86 -13.56
C ARG C 129 -44.50 -2.59 -14.80
N ASP C 130 -43.34 -2.15 -15.32
CA ASP C 130 -42.74 -2.84 -16.47
C ASP C 130 -42.28 -4.24 -16.06
N MET C 131 -41.70 -4.32 -14.86
CA MET C 131 -41.23 -5.60 -14.35
C MET C 131 -42.39 -6.60 -14.28
N GLU C 132 -43.57 -6.16 -13.83
CA GLU C 132 -44.69 -7.07 -13.69
C GLU C 132 -45.10 -7.66 -15.03
N GLU C 133 -45.00 -6.89 -16.13
CA GLU C 133 -45.33 -7.43 -17.44
C GLU C 133 -44.36 -8.55 -17.82
N TYR C 134 -43.06 -8.32 -17.59
CA TYR C 134 -42.04 -9.31 -17.85
C TYR C 134 -42.22 -10.54 -16.97
N ALA C 135 -42.46 -10.32 -15.68
CA ALA C 135 -42.65 -11.41 -14.75
C ALA C 135 -43.83 -12.28 -15.16
N LYS C 136 -44.92 -11.65 -15.55
CA LYS C 136 -46.11 -12.40 -15.97
CA LYS C 136 -46.11 -12.40 -15.96
C LYS C 136 -45.78 -13.29 -17.15
N ARG C 137 -45.08 -12.75 -18.16
CA ARG C 137 -44.76 -13.51 -19.35
C ARG C 137 -43.94 -14.75 -19.00
N GLN C 138 -42.92 -14.57 -18.16
CA GLN C 138 -42.10 -15.73 -17.79
C GLN C 138 -42.84 -16.70 -16.88
N ALA C 139 -43.70 -16.18 -15.99
CA ALA C 139 -44.41 -17.03 -15.02
C ALA C 139 -45.51 -17.88 -15.67
N GLU C 140 -46.14 -17.37 -16.74
CA GLU C 140 -47.30 -18.00 -17.34
C GLU C 140 -46.93 -18.96 -18.45
N THR C 141 -45.77 -18.80 -19.06
CA THR C 141 -45.41 -19.56 -20.22
C THR C 141 -44.60 -20.80 -19.85
N GLU C 142 -44.31 -21.59 -20.87
CA GLU C 142 -43.49 -22.79 -20.72
C GLU C 142 -42.11 -22.51 -20.18
N MET C 143 -41.68 -21.24 -20.20
CA MET C 143 -40.37 -20.90 -19.60
C MET C 143 -40.33 -21.31 -18.13
N THR C 144 -41.48 -21.33 -17.45
CA THR C 144 -41.50 -21.72 -16.04
C THR C 144 -42.29 -22.99 -15.81
N ASP C 145 -41.66 -24.00 -15.23
CA ASP C 145 -42.41 -25.16 -14.69
C ASP C 145 -42.36 -24.94 -13.18
N TRP C 146 -43.51 -24.83 -12.49
CA TRP C 146 -43.48 -24.46 -11.06
C TRP C 146 -43.08 -25.65 -10.12
N GLY C 147 -42.97 -26.82 -10.71
CA GLY C 147 -42.37 -27.87 -9.92
C GLY C 147 -40.85 -27.84 -9.95
N LEU C 148 -40.27 -27.66 -11.12
CA LEU C 148 -38.83 -27.64 -11.32
C LEU C 148 -38.19 -26.28 -11.08
N ALA C 149 -38.99 -25.25 -10.90
CA ALA C 149 -38.52 -23.89 -10.75
C ALA C 149 -39.28 -23.25 -9.61
N GLY C 150 -38.78 -22.10 -9.18
CA GLY C 150 -39.48 -21.29 -8.22
C GLY C 150 -39.09 -19.82 -8.36
N MET C 151 -39.96 -18.94 -7.83
CA MET C 151 -39.68 -17.51 -7.69
C MET C 151 -39.03 -17.33 -6.32
N ARG C 152 -37.76 -16.92 -6.32
CA ARG C 152 -36.96 -16.89 -5.10
C ARG C 152 -36.10 -15.63 -5.12
N GLY C 153 -36.44 -14.65 -4.31
CA GLY C 153 -35.63 -13.44 -4.17
C GLY C 153 -34.47 -13.60 -3.20
N CYS C 154 -34.45 -14.69 -2.45
CA CYS C 154 -33.40 -15.00 -1.50
C CYS C 154 -33.48 -16.49 -1.22
N THR C 155 -32.41 -17.01 -0.62
CA THR C 155 -32.36 -18.40 -0.15
C THR C 155 -32.73 -19.34 -1.30
N VAL C 156 -31.88 -19.29 -2.34
CA VAL C 156 -32.20 -19.87 -3.63
C VAL C 156 -31.89 -21.35 -3.75
N HIS C 157 -31.08 -21.89 -2.83
CA HIS C 157 -30.56 -23.26 -2.82
C HIS C 157 -31.56 -24.26 -3.36
N GLY C 158 -31.14 -25.04 -4.36
CA GLY C 158 -31.98 -26.06 -4.92
C GLY C 158 -31.68 -26.47 -6.33
N SER C 160 -29.23 -27.38 -8.09
CA SER C 160 -28.25 -28.44 -8.31
C SER C 160 -28.47 -29.59 -7.31
N LEU C 161 -29.53 -29.49 -6.51
CA LEU C 161 -29.80 -30.52 -5.53
C LEU C 161 -30.68 -31.59 -6.16
N ARG C 162 -30.60 -32.79 -5.59
CA ARG C 162 -31.51 -33.85 -5.99
C ARG C 162 -32.95 -33.40 -5.74
N LEU C 163 -33.85 -33.79 -6.62
CA LEU C 163 -35.25 -33.43 -6.46
C LEU C 163 -35.82 -34.12 -5.23
N GLN C 164 -36.90 -33.54 -4.72
CA GLN C 164 -37.73 -34.23 -3.75
C GLN C 164 -38.36 -35.47 -4.36
N GLU C 165 -38.81 -36.37 -3.50
CA GLU C 165 -39.46 -37.60 -4.02
C GLU C 165 -40.67 -37.27 -4.90
N ASP C 166 -41.40 -36.17 -4.61
CA ASP C 166 -42.53 -35.76 -5.43
C ASP C 166 -42.14 -35.06 -6.72
N GLY C 167 -40.85 -34.98 -7.04
CA GLY C 167 -40.41 -34.39 -8.29
C GLY C 167 -40.24 -32.89 -8.29
N VAL C 168 -40.49 -32.22 -7.15
CA VAL C 168 -40.39 -30.77 -7.04
C VAL C 168 -39.01 -30.42 -6.49
N MET C 169 -38.47 -29.31 -6.98
CA MET C 169 -37.21 -28.80 -6.47
C MET C 169 -37.36 -28.21 -5.07
N PHE C 170 -36.49 -28.67 -4.17
CA PHE C 170 -36.43 -28.21 -2.77
CA PHE C 170 -36.51 -28.21 -2.79
C PHE C 170 -36.41 -26.69 -2.67
N ASP C 171 -37.16 -26.17 -1.70
CA ASP C 171 -37.12 -24.78 -1.29
C ASP C 171 -36.94 -24.75 0.22
N MET C 172 -35.82 -24.23 0.68
CA MET C 172 -35.60 -24.14 2.12
C MET C 172 -36.74 -23.40 2.81
N LEU C 173 -37.26 -22.35 2.14
CA LEU C 173 -38.30 -21.51 2.70
C LEU C 173 -39.72 -21.97 2.35
N ASP C 174 -39.89 -23.07 1.61
CA ASP C 174 -41.22 -23.64 1.36
C ASP C 174 -42.22 -22.60 0.84
N ARG C 175 -41.85 -21.89 -0.24
CA ARG C 175 -42.73 -20.86 -0.77
C ARG C 175 -43.83 -21.44 -1.65
N ARG C 176 -43.59 -22.58 -2.27
CA ARG C 176 -44.53 -23.22 -3.18
C ARG C 176 -44.33 -24.73 -3.08
N ARG C 177 -45.40 -25.48 -3.31
CA ARG C 177 -45.39 -26.91 -3.11
C ARG C 177 -46.58 -27.51 -3.84
N LEU C 178 -46.55 -28.84 -3.98
CA LEU C 178 -47.69 -29.56 -4.54
CA LEU C 178 -47.69 -29.57 -4.54
C LEU C 178 -48.81 -29.70 -3.52
N GLU C 179 -50.04 -29.41 -3.98
CA GLU C 179 -51.25 -29.69 -3.17
C GLU C 179 -52.32 -30.19 -4.14
N GLY C 180 -52.75 -31.45 -3.96
CA GLY C 180 -53.78 -31.97 -4.82
C GLY C 180 -53.46 -31.88 -6.29
N GLY C 181 -52.21 -32.17 -6.66
CA GLY C 181 -51.86 -32.25 -8.05
C GLY C 181 -51.46 -30.95 -8.71
N VAL C 182 -51.63 -29.82 -8.03
CA VAL C 182 -51.24 -28.53 -8.58
C VAL C 182 -50.20 -27.92 -7.65
N ILE C 183 -49.36 -27.08 -8.24
CA ILE C 183 -48.48 -26.25 -7.43
C ILE C 183 -49.28 -25.09 -6.86
N VAL C 184 -49.14 -24.88 -5.55
CA VAL C 184 -49.70 -23.72 -4.86
C VAL C 184 -48.59 -22.93 -4.20
N SER C 185 -48.84 -21.62 -4.05
CA SER C 185 -47.87 -20.76 -3.40
C SER C 185 -48.56 -19.79 -2.45
N ASP C 186 -48.07 -19.74 -1.20
CA ASP C 186 -48.69 -18.93 -0.15
C ASP C 186 -47.66 -18.08 0.56
N LYS C 187 -46.54 -17.80 -0.09
CA LYS C 187 -45.55 -16.87 0.42
C LYS C 187 -45.05 -16.01 -0.73
N ASP C 188 -44.56 -14.81 -0.40
CA ASP C 188 -43.91 -13.98 -1.40
C ASP C 188 -42.51 -14.51 -1.69
N GLN C 189 -41.83 -13.85 -2.63
CA GLN C 189 -40.61 -14.45 -3.15
C GLN C 189 -39.45 -14.34 -2.17
N VAL C 190 -39.57 -13.60 -1.09
CA VAL C 190 -38.57 -13.58 -0.04
C VAL C 190 -39.04 -14.31 1.22
N GLY C 191 -40.08 -15.15 1.09
CA GLY C 191 -40.48 -16.03 2.16
C GLY C 191 -41.49 -15.50 3.14
N VAL C 192 -42.05 -14.31 2.90
CA VAL C 192 -43.05 -13.74 3.81
C VAL C 192 -44.40 -14.38 3.52
N PRO C 193 -45.05 -14.99 4.51
CA PRO C 193 -46.40 -15.54 4.26
C PRO C 193 -47.35 -14.47 3.74
N ILE C 194 -48.18 -14.88 2.78
CA ILE C 194 -49.21 -14.04 2.19
C ILE C 194 -50.59 -14.62 2.51
N ASP C 195 -51.60 -13.75 2.44
CA ASP C 195 -52.95 -14.08 2.83
C ASP C 195 -53.77 -14.70 1.70
N ARG C 196 -53.14 -15.30 0.71
CA ARG C 196 -53.82 -16.03 -0.34
C ARG C 196 -52.97 -17.23 -0.72
N LYS C 197 -53.60 -18.19 -1.37
CA LYS C 197 -52.94 -19.37 -1.92
C LYS C 197 -53.07 -19.35 -3.43
N VAL C 198 -52.00 -19.04 -4.14
CA VAL C 198 -52.07 -18.91 -5.60
C VAL C 198 -51.99 -20.29 -6.25
N ASN C 199 -52.90 -20.56 -7.17
CA ASN C 199 -52.94 -21.81 -7.93
C ASN C 199 -52.10 -21.64 -9.20
N LEU C 200 -50.98 -22.36 -9.27
CA LEU C 200 -50.01 -22.24 -10.36
C LEU C 200 -50.07 -23.43 -11.32
N GLY C 201 -51.11 -24.24 -11.22
CA GLY C 201 -51.34 -25.31 -12.17
C GLY C 201 -50.50 -26.55 -11.94
N LYS C 202 -50.74 -27.52 -12.78
CA LYS C 202 -50.07 -28.81 -12.66
C LYS C 202 -48.64 -28.69 -13.18
N PRO C 203 -47.66 -29.34 -12.54
CA PRO C 203 -46.31 -29.38 -13.10
C PRO C 203 -46.25 -30.28 -14.31
N MET C 204 -45.27 -30.01 -15.16
CA MET C 204 -44.99 -30.87 -16.31
C MET C 204 -44.57 -32.27 -15.86
N SER C 205 -44.94 -33.26 -16.66
CA SER C 205 -44.33 -34.57 -16.50
C SER C 205 -42.84 -34.51 -16.81
N GLU C 206 -42.12 -35.53 -16.33
N GLU C 206 -42.13 -35.53 -16.34
CA GLU C 206 -40.68 -35.63 -16.64
CA GLU C 206 -40.67 -35.62 -16.64
C GLU C 206 -40.47 -35.66 -18.16
C GLU C 206 -40.45 -35.66 -18.16
N ALA C 207 -41.33 -36.36 -18.88
CA ALA C 207 -41.16 -36.47 -20.33
C ALA C 207 -41.42 -35.13 -21.00
N GLU C 208 -42.41 -34.38 -20.52
N GLU C 208 -42.42 -34.38 -20.52
CA GLU C 208 -42.69 -33.06 -21.09
CA GLU C 208 -42.69 -33.06 -21.08
C GLU C 208 -41.55 -32.09 -20.82
C GLU C 208 -41.55 -32.09 -20.82
N ALA C 209 -41.05 -32.07 -19.58
CA ALA C 209 -39.92 -31.21 -19.26
C ALA C 209 -38.73 -31.53 -20.14
N ALA C 210 -38.49 -32.82 -20.42
CA ALA C 210 -37.35 -33.20 -21.25
C ALA C 210 -37.50 -32.66 -22.67
N LYS C 211 -38.71 -32.58 -23.18
CA LYS C 211 -38.92 -32.05 -24.52
C LYS C 211 -38.85 -30.53 -24.57
N ARG C 212 -39.16 -29.85 -23.45
CA ARG C 212 -39.23 -28.40 -23.41
C ARG C 212 -37.97 -27.73 -22.88
N THR C 213 -37.00 -28.51 -22.40
CA THR C 213 -35.87 -27.92 -21.70
C THR C 213 -34.85 -27.27 -22.64
N THR C 214 -34.26 -26.19 -22.12
CA THR C 214 -33.10 -25.53 -22.68
C THR C 214 -31.79 -25.99 -22.04
N PHE C 215 -31.82 -27.02 -21.21
CA PHE C 215 -30.65 -27.56 -20.50
C PHE C 215 -30.19 -28.82 -21.23
N TYR C 216 -28.88 -28.92 -21.50
CA TYR C 216 -28.32 -30.15 -22.06
C TYR C 216 -27.95 -31.11 -20.93
N ARG C 217 -28.39 -32.37 -21.05
CA ARG C 217 -28.20 -33.38 -20.00
C ARG C 217 -27.98 -34.73 -20.68
N VAL C 218 -26.99 -35.48 -20.19
CA VAL C 218 -26.44 -36.64 -20.93
C VAL C 218 -27.49 -37.71 -21.23
N ASP C 219 -28.49 -37.90 -20.38
CA ASP C 219 -29.49 -38.95 -20.64
C ASP C 219 -30.78 -38.40 -21.24
N ASN C 220 -30.76 -37.15 -21.70
CA ASN C 220 -31.87 -36.60 -22.45
C ASN C 220 -31.38 -36.13 -23.82
N VAL C 221 -30.77 -34.95 -23.86
CA VAL C 221 -30.13 -34.39 -25.05
C VAL C 221 -28.73 -33.97 -24.59
N ALA C 222 -27.73 -34.79 -24.90
CA ALA C 222 -26.37 -34.53 -24.43
C ALA C 222 -25.77 -33.35 -25.17
N PHE C 223 -25.03 -32.50 -24.43
CA PHE C 223 -24.30 -31.42 -25.08
C PHE C 223 -23.41 -31.96 -26.20
N ARG C 224 -22.73 -33.08 -25.95
CA ARG C 224 -21.82 -33.69 -26.91
C ARG C 224 -22.51 -33.91 -28.26
N SER C 225 -23.84 -34.10 -28.26
CA SER C 225 -24.58 -34.36 -29.48
C SER C 225 -24.92 -33.10 -30.28
N ASP C 226 -24.77 -31.91 -29.74
CA ASP C 226 -25.07 -30.68 -30.48
CA ASP C 226 -25.08 -30.70 -30.53
C ASP C 226 -23.79 -30.16 -31.11
N LYS C 227 -23.40 -30.77 -32.23
CA LYS C 227 -22.11 -30.49 -32.83
C LYS C 227 -22.01 -29.04 -33.29
N GLU C 228 -23.12 -28.45 -33.74
CA GLU C 228 -23.09 -27.07 -34.19
C GLU C 228 -22.74 -26.12 -33.04
N VAL C 229 -23.33 -26.33 -31.86
CA VAL C 229 -23.06 -25.46 -30.73
C VAL C 229 -21.59 -25.56 -30.30
N ILE C 230 -21.07 -26.79 -30.23
CA ILE C 230 -19.66 -26.97 -29.89
C ILE C 230 -18.77 -26.28 -30.91
N GLU C 231 -19.04 -26.45 -32.21
CA GLU C 231 -18.24 -25.80 -33.23
C GLU C 231 -18.31 -24.27 -33.11
N HIS C 232 -19.49 -23.72 -32.81
CA HIS C 232 -19.65 -22.28 -32.55
C HIS C 232 -18.76 -21.82 -31.40
N VAL C 233 -18.82 -22.53 -30.27
CA VAL C 233 -18.02 -22.14 -29.11
C VAL C 233 -16.55 -22.12 -29.48
N GLN C 234 -16.11 -23.17 -30.14
CA GLN C 234 -14.70 -23.28 -30.52
C GLN C 234 -14.32 -22.16 -31.47
N LYS C 235 -15.20 -21.79 -32.40
CA LYS C 235 -14.88 -20.73 -33.34
C LYS C 235 -14.73 -19.38 -32.64
N VAL C 236 -15.67 -19.04 -31.77
CA VAL C 236 -15.57 -17.78 -31.05
C VAL C 236 -14.31 -17.75 -30.19
N TRP C 237 -14.02 -18.86 -29.49
CA TRP C 237 -12.80 -18.95 -28.70
C TRP C 237 -11.56 -18.75 -29.57
N GLU C 238 -11.52 -19.41 -30.73
N GLU C 238 -11.52 -19.41 -30.73
CA GLU C 238 -10.33 -19.33 -31.60
CA GLU C 238 -10.33 -19.33 -31.60
C GLU C 238 -10.14 -17.87 -32.05
C GLU C 238 -10.14 -17.87 -32.05
N LEU C 239 -11.21 -17.23 -32.50
CA LEU C 239 -11.07 -15.88 -33.03
C LEU C 239 -10.75 -14.88 -31.92
N ARG C 240 -11.39 -15.00 -30.76
CA ARG C 240 -11.02 -14.12 -29.65
C ARG C 240 -9.53 -14.25 -29.33
N THR C 241 -9.04 -15.49 -29.31
CA THR C 241 -7.64 -15.79 -29.01
C THR C 241 -6.72 -15.15 -30.03
N LYS C 242 -7.01 -15.46 -31.30
CA LYS C 242 -6.09 -14.93 -32.36
CA LYS C 242 -6.15 -14.95 -32.40
C LYS C 242 -6.10 -13.41 -32.46
N TYR C 243 -7.28 -12.79 -32.33
CA TYR C 243 -7.35 -11.35 -32.46
C TYR C 243 -6.74 -10.63 -31.26
N GLY C 244 -6.72 -11.30 -30.10
CA GLY C 244 -6.04 -10.73 -28.95
C GLY C 244 -4.54 -10.65 -29.13
N PHE C 245 -3.97 -11.56 -29.93
CA PHE C 245 -2.56 -11.44 -30.29
C PHE C 245 -2.35 -10.36 -31.34
N VAL C 246 -3.00 -10.47 -32.48
CA VAL C 246 -2.94 -9.47 -33.53
C VAL C 246 -4.36 -9.26 -34.05
N PRO C 247 -4.90 -8.02 -34.02
CA PRO C 247 -6.30 -7.81 -34.39
C PRO C 247 -6.48 -7.66 -35.90
N LYS C 248 -6.35 -8.78 -36.59
CA LYS C 248 -6.36 -8.82 -38.04
C LYS C 248 -6.96 -10.14 -38.48
N ALA C 249 -7.88 -10.08 -39.45
CA ALA C 249 -8.57 -11.28 -39.93
C ALA C 249 -7.62 -12.29 -40.53
N GLU D 3 9.33 15.91 47.90
CA GLU D 3 10.15 14.87 47.28
C GLU D 3 9.73 14.67 45.82
N PRO D 4 10.65 14.26 44.96
CA PRO D 4 10.27 14.00 43.57
C PRO D 4 9.37 12.78 43.43
N ARG D 5 8.57 12.79 42.38
CA ARG D 5 7.57 11.75 42.18
C ARG D 5 8.18 10.38 41.99
N PHE D 6 9.42 10.34 41.51
CA PHE D 6 10.15 9.14 41.19
C PHE D 6 10.97 8.61 42.38
N LYS D 7 10.80 9.16 43.58
CA LYS D 7 11.56 8.66 44.74
C LYS D 7 11.34 7.17 44.97
N LYS D 8 10.08 6.75 45.09
CA LYS D 8 9.79 5.35 45.35
C LYS D 8 10.33 4.44 44.27
N SER D 9 10.07 4.79 43.01
N SER D 9 10.09 4.81 43.00
CA SER D 9 10.53 3.93 41.91
CA SER D 9 10.53 3.97 41.91
C SER D 9 12.06 3.81 41.89
C SER D 9 12.05 3.82 41.89
N MET D 10 12.78 4.90 42.19
CA MET D 10 14.25 4.80 42.20
C MET D 10 14.73 3.98 43.39
N GLU D 11 14.00 4.01 44.49
CA GLU D 11 14.36 3.16 45.63
C GLU D 11 14.12 1.69 45.31
N THR D 12 13.01 1.37 44.63
CA THR D 12 12.77 0.00 44.20
C THR D 12 13.87 -0.49 43.28
N LYS D 13 14.28 0.37 42.33
CA LYS D 13 15.19 -0.07 41.29
C LYS D 13 16.63 -0.17 41.77
N TYR D 14 17.05 0.74 42.67
CA TYR D 14 18.45 0.91 43.00
CA TYR D 14 18.45 0.94 43.00
C TYR D 14 18.77 0.77 44.48
N ALA D 15 17.78 0.45 45.31
CA ALA D 15 18.04 0.28 46.73
C ALA D 15 17.27 -0.89 47.31
N LYS D 16 16.75 -1.79 46.47
CA LYS D 16 16.11 -3.03 46.87
C LYS D 16 16.59 -4.14 45.95
N GLU D 17 16.71 -5.34 46.50
CA GLU D 17 17.09 -6.51 45.74
C GLU D 17 16.09 -6.76 44.61
N TRP D 18 16.62 -7.23 43.49
CA TRP D 18 15.80 -7.75 42.41
C TRP D 18 16.48 -9.03 41.90
N GLY D 19 15.80 -10.16 42.08
CA GLY D 19 16.44 -11.43 41.83
C GLY D 19 17.56 -11.62 42.83
N SER D 20 18.77 -11.85 42.35
CA SER D 20 19.95 -11.92 43.22
CA SER D 20 19.96 -11.95 43.20
C SER D 20 20.99 -10.90 42.80
N ASN D 21 20.52 -9.71 42.42
CA ASN D 21 21.42 -8.67 41.92
C ASN D 21 22.20 -7.93 43.00
N LYS D 22 21.99 -8.23 44.29
CA LYS D 22 22.73 -7.65 45.40
C LYS D 22 22.43 -6.16 45.60
N VAL D 23 21.43 -5.63 44.93
CA VAL D 23 21.06 -4.22 45.11
C VAL D 23 20.40 -3.96 46.45
N GLY D 24 20.01 -5.00 47.20
CA GLY D 24 19.64 -4.78 48.58
C GLY D 24 20.78 -4.72 49.55
N SER D 25 22.01 -4.99 49.09
CA SER D 25 23.16 -5.06 50.00
C SER D 25 24.39 -4.40 49.39
N THR D 26 25.27 -5.17 48.78
CA THR D 26 26.54 -4.57 48.36
C THR D 26 26.40 -3.55 47.23
N ALA D 27 25.35 -3.65 46.43
CA ALA D 27 25.16 -2.70 45.34
C ALA D 27 24.04 -1.71 45.64
N LYS D 28 23.56 -1.66 46.87
CA LYS D 28 22.55 -0.69 47.28
C LYS D 28 23.09 0.73 47.15
N ALA D 29 22.24 1.68 46.78
CA ALA D 29 22.66 3.07 46.67
C ALA D 29 21.60 3.99 47.26
N LYS D 30 22.05 5.18 47.69
CA LYS D 30 21.14 6.31 47.84
C LYS D 30 20.81 6.80 46.43
N ILE D 31 19.62 7.36 46.24
CA ILE D 31 19.16 7.69 44.88
C ILE D 31 19.94 8.86 44.29
N THR D 32 20.74 9.58 45.10
CA THR D 32 21.60 10.65 44.68
C THR D 32 23.06 10.25 44.47
N ASP D 33 23.44 9.02 44.81
CA ASP D 33 24.83 8.62 44.69
C ASP D 33 25.27 8.64 43.22
N LYS D 34 26.48 9.19 42.99
CA LYS D 34 27.08 9.26 41.66
C LYS D 34 27.86 8.00 41.29
N LYS D 35 28.18 7.12 42.25
CA LYS D 35 28.99 5.94 42.00
C LYS D 35 28.23 4.69 42.41
N THR D 36 28.63 3.54 41.83
CA THR D 36 28.06 2.26 42.25
C THR D 36 29.07 1.16 41.96
N LYS D 37 28.66 -0.07 42.24
CA LYS D 37 29.47 -1.25 42.00
C LYS D 37 28.99 -1.94 40.73
N TYR D 38 29.93 -2.61 40.07
CA TYR D 38 29.67 -3.40 38.86
C TYR D 38 30.15 -4.80 39.19
N LEU D 39 29.21 -5.67 39.59
CA LEU D 39 29.57 -6.95 40.18
C LEU D 39 29.75 -8.07 39.15
N ARG D 40 29.36 -7.85 37.89
CA ARG D 40 29.59 -8.78 36.81
C ARG D 40 29.04 -10.17 37.15
N LEU D 41 27.80 -10.16 37.63
CA LEU D 41 27.11 -11.40 37.99
C LEU D 41 26.62 -12.16 36.76
N GLY D 42 26.42 -11.48 35.63
CA GLY D 42 25.86 -12.12 34.47
C GLY D 42 24.37 -12.31 34.60
N TYR D 43 23.83 -13.07 33.66
CA TYR D 43 22.37 -13.15 33.56
C TYR D 43 21.73 -13.92 34.69
N GLN D 44 22.51 -14.76 35.40
CA GLN D 44 21.95 -15.62 36.42
CA GLN D 44 21.95 -15.61 36.43
C GLN D 44 21.44 -14.85 37.64
N GLN D 45 21.77 -13.57 37.75
CA GLN D 45 21.19 -12.75 38.79
C GLN D 45 19.68 -12.52 38.60
N ASN D 46 19.12 -12.83 37.43
CA ASN D 46 17.78 -12.39 37.04
C ASN D 46 16.95 -13.60 36.66
N PRO D 47 15.99 -13.98 37.50
CA PRO D 47 15.18 -15.18 37.23
C PRO D 47 14.53 -15.19 35.86
N ARG D 48 14.08 -14.03 35.37
CA ARG D 48 13.46 -13.99 34.05
C ARG D 48 14.47 -14.36 32.95
N LYS D 49 15.67 -13.77 33.01
CA LYS D 49 16.70 -14.17 32.06
C LYS D 49 17.03 -15.67 32.17
N VAL D 50 17.05 -16.22 33.39
CA VAL D 50 17.36 -17.64 33.55
C VAL D 50 16.27 -18.49 32.89
N GLU D 51 15.00 -18.10 33.09
CA GLU D 51 13.90 -18.79 32.42
C GLU D 51 14.08 -18.77 30.91
N MET D 52 14.46 -17.58 30.37
CA MET D 52 14.68 -17.43 28.91
C MET D 52 15.83 -18.34 28.44
N ALA D 53 16.96 -18.36 29.21
CA ALA D 53 18.11 -19.15 28.84
C ALA D 53 17.78 -20.64 28.82
N LYS D 54 17.07 -21.10 29.85
CA LYS D 54 16.69 -22.52 29.93
C LYS D 54 15.72 -22.90 28.80
N CYS D 55 14.81 -21.97 28.47
N CYS D 55 14.82 -21.97 28.47
CA CYS D 55 13.89 -22.22 27.34
CA CYS D 55 13.90 -22.23 27.35
C CYS D 55 14.73 -22.31 26.06
C CYS D 55 14.71 -22.31 26.05
N GLY D 56 15.65 -21.37 25.85
CA GLY D 56 16.49 -21.36 24.63
C GLY D 56 17.27 -22.65 24.47
N ALA D 57 17.89 -23.14 25.54
CA ALA D 57 18.67 -24.37 25.47
C ALA D 57 17.78 -25.57 25.14
N ALA D 58 16.57 -25.59 25.69
CA ALA D 58 15.63 -26.67 25.40
C ALA D 58 15.19 -26.63 23.94
N ILE D 59 14.99 -25.43 23.39
CA ILE D 59 14.63 -25.30 21.98
C ILE D 59 15.75 -25.81 21.08
N THR D 60 16.99 -25.37 21.37
CA THR D 60 18.14 -25.84 20.59
C THR D 60 18.16 -27.34 20.52
N LYS D 61 17.97 -28.00 21.68
CA LYS D 61 18.04 -29.45 21.75
C LYS D 61 16.86 -30.10 21.05
N LYS D 62 15.65 -29.56 21.25
CA LYS D 62 14.48 -30.23 20.70
C LYS D 62 14.48 -30.12 19.19
N ARG D 63 14.82 -28.95 18.65
CA ARG D 63 14.71 -28.76 17.21
C ARG D 63 16.00 -29.06 16.45
N GLY D 64 17.13 -29.23 17.12
CA GLY D 64 18.39 -29.51 16.46
C GLY D 64 19.00 -28.33 15.74
N LEU D 65 18.73 -27.12 16.21
CA LEU D 65 19.18 -25.89 15.56
C LEU D 65 19.28 -24.82 16.64
N GLN D 66 20.46 -24.23 16.72
CA GLN D 66 20.80 -23.18 17.67
C GLN D 66 19.68 -22.18 17.85
N ALA D 67 19.37 -21.90 19.10
CA ALA D 67 18.42 -20.87 19.50
C ALA D 67 19.07 -19.96 20.55
N TYR D 68 18.27 -19.26 21.32
CA TYR D 68 18.78 -18.28 22.27
C TYR D 68 19.86 -18.87 23.18
N ASP D 69 20.93 -18.10 23.37
CA ASP D 69 21.99 -18.44 24.31
C ASP D 69 22.72 -17.15 24.68
N PRO D 70 22.62 -16.70 25.93
N PRO D 70 22.62 -16.70 25.93
CA PRO D 70 23.28 -15.45 26.32
CA PRO D 70 23.29 -15.45 26.33
C PRO D 70 24.78 -15.44 26.09
C PRO D 70 24.79 -15.44 26.08
N LYS D 71 25.41 -16.61 25.99
CA LYS D 71 26.84 -16.68 25.73
C LYS D 71 27.21 -16.23 24.31
N LEU D 72 26.21 -16.08 23.42
CA LEU D 72 26.46 -15.64 22.06
C LEU D 72 26.47 -14.11 21.95
N HIS D 73 26.41 -13.38 23.05
CA HIS D 73 26.72 -11.96 23.04
C HIS D 73 28.10 -11.72 22.45
N LEU D 74 28.25 -10.55 21.82
CA LEU D 74 29.55 -10.07 21.36
C LEU D 74 30.60 -10.25 22.44
N ALA D 75 31.76 -10.78 22.02
CA ALA D 75 32.91 -11.04 22.88
C ALA D 75 32.70 -12.20 23.85
N GLY D 76 31.54 -12.86 23.82
CA GLY D 76 31.22 -13.90 24.76
C GLY D 76 31.06 -13.39 26.16
N ILE D 77 30.86 -12.08 26.32
CA ILE D 77 30.63 -11.44 27.61
C ILE D 77 29.13 -11.23 27.74
N PRO D 78 28.46 -11.90 28.67
N PRO D 78 28.43 -12.01 28.59
CA PRO D 78 27.00 -11.89 28.69
CA PRO D 78 26.97 -11.91 28.65
C PRO D 78 26.46 -10.64 29.35
C PRO D 78 26.47 -10.64 29.31
N MET D 79 25.22 -10.31 29.00
CA MET D 79 24.55 -9.22 29.69
C MET D 79 24.46 -9.50 31.19
N GLY D 80 24.34 -8.42 31.96
CA GLY D 80 24.44 -8.50 33.40
C GLY D 80 25.83 -8.25 33.94
N GLN D 81 26.66 -7.53 33.18
CA GLN D 81 27.93 -7.06 33.74
C GLN D 81 27.67 -5.96 34.78
N ARG D 82 26.88 -4.96 34.40
CA ARG D 82 26.16 -4.14 35.37
C ARG D 82 25.01 -4.96 35.97
N GLN D 83 24.47 -4.46 37.09
CA GLN D 83 23.34 -5.17 37.68
C GLN D 83 22.09 -4.98 36.83
N LEU D 84 21.28 -6.03 36.80
CA LEU D 84 20.01 -6.00 36.07
C LEU D 84 18.95 -5.58 37.07
N THR D 85 18.27 -4.50 36.74
CA THR D 85 17.36 -3.81 37.64
C THR D 85 15.96 -3.66 37.05
N PRO D 86 14.94 -3.50 37.91
CA PRO D 86 13.53 -3.57 37.44
C PRO D 86 12.94 -2.23 37.07
N TYR D 87 11.64 -2.29 36.76
CA TYR D 87 10.81 -1.16 36.40
C TYR D 87 9.55 -1.21 37.26
N THR D 88 9.07 -0.04 37.64
CA THR D 88 7.75 0.10 38.25
C THR D 88 6.82 0.77 37.24
N ILE D 89 5.63 0.21 37.03
CA ILE D 89 4.68 0.87 36.13
C ILE D 89 4.25 2.18 36.78
N SER D 90 4.38 3.28 36.06
CA SER D 90 4.11 4.58 36.66
C SER D 90 2.71 4.70 37.21
N GLY D 91 2.62 5.33 38.38
CA GLY D 91 1.38 5.46 39.10
C GLY D 91 0.91 4.22 39.85
N THR D 92 1.72 3.16 39.85
CA THR D 92 1.31 1.90 40.45
C THR D 92 2.43 1.38 41.35
N ASP D 93 2.17 0.23 41.98
CA ASP D 93 3.20 -0.54 42.67
C ASP D 93 3.52 -1.85 41.95
N ILE D 94 3.26 -1.92 40.66
CA ILE D 94 3.58 -3.09 39.88
C ILE D 94 5.04 -3.01 39.46
N VAL D 95 5.85 -3.99 39.89
CA VAL D 95 7.29 -4.05 39.59
C VAL D 95 7.55 -5.26 38.70
N CYS D 96 8.31 -5.04 37.64
CA CYS D 96 8.57 -6.11 36.67
C CYS D 96 9.92 -5.91 36.01
N ASP D 97 10.27 -6.86 35.13
CA ASP D 97 11.45 -6.71 34.31
C ASP D 97 11.09 -6.02 33.00
N GLY D 98 12.09 -5.39 32.37
CA GLY D 98 11.90 -4.89 31.02
C GLY D 98 11.38 -5.96 30.05
N ASP D 99 11.85 -7.19 30.21
CA ASP D 99 11.42 -8.32 29.39
C ASP D 99 9.92 -8.56 29.47
N ASP D 100 9.26 -8.14 30.53
CA ASP D 100 7.82 -8.32 30.66
C ASP D 100 7.03 -7.24 29.89
N LEU D 101 7.74 -6.32 29.25
CA LEU D 101 7.19 -5.15 28.60
C LEU D 101 7.46 -5.10 27.10
N HIS D 102 8.21 -6.04 26.54
CA HIS D 102 8.33 -6.14 25.09
C HIS D 102 6.95 -6.44 24.52
N PHE D 103 6.58 -5.82 23.38
CA PHE D 103 5.26 -6.15 22.84
C PHE D 103 5.07 -7.62 22.55
N VAL D 104 6.13 -8.33 22.15
CA VAL D 104 6.01 -9.75 21.85
C VAL D 104 5.64 -10.54 23.09
N ASN D 105 6.10 -10.09 24.26
CA ASN D 105 5.98 -10.84 25.50
C ASN D 105 4.79 -10.40 26.36
N ASN D 106 4.05 -9.37 25.92
CA ASN D 106 3.01 -8.71 26.71
C ASN D 106 1.70 -8.73 25.93
N ALA D 107 0.78 -9.59 26.37
CA ALA D 107 -0.44 -9.80 25.61
C ALA D 107 -1.32 -8.58 25.60
N ALA D 108 -1.31 -7.77 26.66
CA ALA D 108 -2.15 -6.57 26.65
C ALA D 108 -1.68 -5.58 25.59
N MET D 109 -0.36 -5.47 25.40
CA MET D 109 0.15 -4.62 24.35
C MET D 109 -0.30 -5.07 22.97
N GLN D 110 -0.19 -6.37 22.70
CA GLN D 110 -0.72 -6.88 21.43
C GLN D 110 -2.20 -6.59 21.30
N GLN D 111 -2.98 -6.79 22.37
CA GLN D 111 -4.43 -6.59 22.27
C GLN D 111 -4.77 -5.12 22.08
N GLU D 112 -4.00 -4.20 22.66
CA GLU D 112 -4.26 -2.78 22.39
C GLU D 112 -4.25 -2.54 20.88
N TRP D 113 -3.22 -3.01 20.21
CA TRP D 113 -3.13 -2.80 18.77
C TRP D 113 -4.22 -3.56 18.03
N ASP D 114 -4.45 -4.83 18.39
CA ASP D 114 -5.53 -5.58 17.71
C ASP D 114 -6.87 -4.86 17.84
N ASP D 115 -7.16 -4.29 19.01
CA ASP D 115 -8.43 -3.61 19.22
C ASP D 115 -8.58 -2.34 18.38
N ILE D 116 -7.48 -1.67 18.06
CA ILE D 116 -7.51 -0.55 17.12
C ILE D 116 -7.63 -1.05 15.69
N ARG D 117 -6.76 -1.99 15.32
CA ARG D 117 -6.70 -2.51 13.97
C ARG D 117 -8.04 -3.08 13.53
N ARG D 118 -8.72 -3.80 14.42
CA ARG D 118 -9.96 -4.52 14.11
C ARG D 118 -11.22 -3.66 14.19
N THR D 119 -11.09 -2.35 14.34
CA THR D 119 -12.23 -1.47 14.62
C THR D 119 -12.43 -0.46 13.49
N CYS D 120 -13.72 -0.18 13.20
CA CYS D 120 -14.09 0.94 12.36
C CYS D 120 -15.44 1.45 12.82
N VAL D 121 -15.79 2.63 12.32
CA VAL D 121 -17.07 3.27 12.64
C VAL D 121 -17.79 3.45 11.32
N VAL D 122 -19.10 3.18 11.31
CA VAL D 122 -19.86 3.12 10.05
CA VAL D 122 -19.82 3.18 10.04
C VAL D 122 -21.21 3.76 10.25
N GLY D 123 -21.54 4.76 9.47
CA GLY D 123 -22.80 5.43 9.62
C GLY D 123 -23.99 4.56 9.30
N LEU D 124 -25.14 4.92 9.89
CA LEU D 124 -26.40 4.31 9.54
C LEU D 124 -27.29 5.21 8.69
N ASP D 125 -27.13 6.53 8.74
CA ASP D 125 -28.11 7.42 8.13
CA ASP D 125 -28.12 7.41 8.12
C ASP D 125 -28.19 7.24 6.62
N LEU D 126 -27.05 7.13 5.93
CA LEU D 126 -27.06 6.99 4.48
C LEU D 126 -27.68 5.66 4.08
N ALA D 127 -27.41 4.61 4.86
CA ALA D 127 -27.98 3.30 4.55
C ALA D 127 -29.47 3.32 4.69
N HIS D 128 -29.97 3.93 5.76
CA HIS D 128 -31.41 4.04 5.95
C HIS D 128 -32.06 4.88 4.85
N GLU D 129 -31.39 5.96 4.44
CA GLU D 129 -31.90 6.79 3.35
C GLU D 129 -31.99 5.98 2.05
N THR D 130 -30.99 5.13 1.79
CA THR D 130 -31.02 4.27 0.62
C THR D 130 -32.24 3.35 0.63
N LEU D 131 -32.50 2.71 1.77
CA LEU D 131 -33.64 1.81 1.89
C LEU D 131 -34.95 2.56 1.69
N GLU D 132 -35.06 3.74 2.30
CA GLU D 132 -36.27 4.54 2.20
C GLU D 132 -36.53 4.97 0.76
N LYS D 133 -35.52 5.52 0.10
CA LYS D 133 -35.69 6.08 -1.23
CA LYS D 133 -35.71 6.08 -1.23
C LYS D 133 -35.85 4.98 -2.27
N ARG D 134 -34.94 4.00 -2.29
CA ARG D 134 -34.96 3.02 -3.38
C ARG D 134 -36.07 2.01 -3.24
N LEU D 135 -36.36 1.56 -2.01
CA LEU D 135 -37.33 0.51 -1.79
C LEU D 135 -38.61 0.99 -1.13
N GLY D 136 -38.64 2.20 -0.59
CA GLY D 136 -39.80 2.66 0.16
C GLY D 136 -39.96 2.01 1.50
N LYS D 137 -38.88 1.52 2.09
CA LYS D 137 -38.93 0.87 3.38
C LYS D 137 -39.08 1.90 4.49
N GLU D 138 -39.77 1.51 5.55
CA GLU D 138 -39.87 2.30 6.76
C GLU D 138 -38.87 1.76 7.80
N VAL D 139 -38.01 2.64 8.29
CA VAL D 139 -37.00 2.28 9.29
C VAL D 139 -37.51 2.76 10.64
N THR D 140 -37.54 1.86 11.61
CA THR D 140 -38.08 2.19 12.94
C THR D 140 -37.15 1.63 14.01
N PRO D 141 -37.33 1.96 15.28
CA PRO D 141 -36.53 1.27 16.30
C PRO D 141 -36.68 -0.25 16.26
N GLU D 142 -37.88 -0.75 15.92
CA GLU D 142 -38.08 -2.18 15.81
C GLU D 142 -37.27 -2.80 14.67
N THR D 143 -37.25 -2.16 13.50
CA THR D 143 -36.45 -2.72 12.40
C THR D 143 -34.96 -2.65 12.71
N ILE D 144 -34.54 -1.56 13.38
CA ILE D 144 -33.13 -1.40 13.78
C ILE D 144 -32.76 -2.45 14.83
N ASN D 145 -33.64 -2.71 15.79
CA ASN D 145 -33.30 -3.69 16.81
C ASN D 145 -33.12 -5.09 16.22
N TYR D 146 -33.99 -5.50 15.28
CA TYR D 146 -33.81 -6.79 14.61
C TYR D 146 -32.52 -6.82 13.80
N TYR D 147 -32.26 -5.74 13.04
CA TYR D 147 -31.00 -5.57 12.34
C TYR D 147 -29.81 -5.79 13.28
N LEU D 148 -29.82 -5.17 14.48
CA LEU D 148 -28.66 -5.27 15.37
C LEU D 148 -28.54 -6.66 15.98
N GLU D 149 -29.67 -7.34 16.23
N GLU D 149 -29.67 -7.33 16.24
CA GLU D 149 -29.60 -8.72 16.72
CA GLU D 149 -29.61 -8.72 16.75
C GLU D 149 -28.97 -9.64 15.68
C GLU D 149 -28.97 -9.63 15.69
N VAL D 150 -29.47 -9.55 14.46
CA VAL D 150 -28.94 -10.38 13.38
C VAL D 150 -27.48 -10.01 13.09
N LEU D 151 -27.15 -8.72 13.14
CA LEU D 151 -25.79 -8.28 12.82
C LEU D 151 -24.79 -8.86 13.81
N ASN D 152 -25.17 -8.95 15.10
CA ASN D 152 -24.28 -9.49 16.10
C ASN D 152 -24.12 -11.00 16.02
N HIS D 153 -25.14 -11.71 15.53
CA HIS D 153 -24.97 -13.12 15.14
C HIS D 153 -24.03 -13.25 13.95
N ALA D 154 -24.22 -12.39 12.93
CA ALA D 154 -23.57 -12.59 11.64
C ALA D 154 -22.15 -12.03 11.57
N MET D 155 -21.90 -10.90 12.26
CA MET D 155 -20.63 -10.21 12.12
C MET D 155 -19.42 -11.12 12.37
N PRO D 156 -19.42 -12.02 13.35
CA PRO D 156 -18.25 -12.89 13.56
C PRO D 156 -18.02 -13.89 12.47
N GLY D 157 -18.97 -14.06 11.55
CA GLY D 157 -18.84 -14.97 10.42
C GLY D 157 -19.85 -16.10 10.42
N ALA D 158 -21.13 -15.78 10.63
CA ALA D 158 -22.21 -16.77 10.64
C ALA D 158 -23.23 -16.44 9.57
N ALA D 159 -23.93 -17.48 9.12
CA ALA D 159 -24.83 -17.40 7.99
C ALA D 159 -26.22 -16.92 8.36
N ILE D 160 -26.83 -16.20 7.42
CA ILE D 160 -28.23 -15.88 7.63
CA ILE D 160 -28.15 -15.57 7.50
C ILE D 160 -29.09 -16.11 6.41
N VAL D 161 -28.55 -16.21 5.18
CA VAL D 161 -29.47 -16.35 4.02
C VAL D 161 -29.43 -17.76 3.42
N GLN D 162 -28.26 -18.37 3.32
CA GLN D 162 -28.12 -19.61 2.53
C GLN D 162 -28.29 -20.89 3.36
N GLU D 163 -27.88 -22.02 2.79
CA GLU D 163 -28.10 -23.34 3.43
C GLU D 163 -26.82 -24.19 3.31
N HIS D 164 -26.66 -25.12 4.25
CA HIS D 164 -25.51 -26.07 4.26
C HIS D 164 -24.21 -25.26 4.30
N MET D 165 -24.20 -24.20 5.12
CA MET D 165 -23.07 -23.27 5.14
C MET D 165 -22.03 -23.59 6.22
N VAL D 166 -20.78 -23.34 5.85
CA VAL D 166 -19.66 -23.23 6.78
C VAL D 166 -19.73 -21.88 7.49
N GLU D 167 -19.40 -21.88 8.79
CA GLU D 167 -19.40 -20.67 9.60
C GLU D 167 -18.15 -20.64 10.48
N THR D 168 -17.73 -19.45 10.90
CA THR D 168 -16.68 -19.39 11.90
C THR D 168 -17.21 -19.97 13.22
N HIS D 169 -16.31 -20.52 14.01
CA HIS D 169 -16.71 -21.13 15.27
C HIS D 169 -16.86 -20.05 16.33
N PRO D 170 -18.04 -19.89 16.94
CA PRO D 170 -18.22 -18.83 17.97
C PRO D 170 -17.16 -18.87 19.05
N ALA D 171 -16.67 -20.06 19.42
CA ALA D 171 -15.66 -20.15 20.47
C ALA D 171 -14.39 -19.39 20.15
N LEU D 172 -14.13 -19.13 18.87
CA LEU D 172 -12.92 -18.44 18.44
C LEU D 172 -13.12 -16.95 18.21
N VAL D 173 -14.35 -16.44 18.24
CA VAL D 173 -14.67 -15.09 17.76
C VAL D 173 -15.58 -14.35 18.76
N ASP D 174 -15.43 -14.66 20.06
CA ASP D 174 -16.32 -14.08 21.07
C ASP D 174 -16.03 -12.61 21.38
N ASP D 175 -14.96 -12.07 20.80
CA ASP D 175 -14.56 -10.68 20.96
C ASP D 175 -15.11 -9.78 19.86
N CYS D 176 -15.83 -10.34 18.90
CA CYS D 176 -16.40 -9.60 17.79
C CYS D 176 -17.83 -9.21 18.06
N TYR D 177 -18.17 -7.94 17.84
CA TYR D 177 -19.53 -7.47 18.05
C TYR D 177 -19.65 -6.09 17.40
N VAL D 178 -20.91 -5.59 17.44
CA VAL D 178 -21.27 -4.27 16.93
C VAL D 178 -22.17 -3.58 17.95
N LYS D 179 -21.83 -2.37 18.33
CA LYS D 179 -22.70 -1.49 19.09
C LYS D 179 -23.04 -0.26 18.26
N ILE D 180 -24.02 0.53 18.73
CA ILE D 180 -24.32 1.78 18.07
CA ILE D 180 -24.45 1.76 18.09
C ILE D 180 -24.26 2.92 19.06
N PHE D 181 -24.07 4.12 18.51
CA PHE D 181 -24.21 5.36 19.29
C PHE D 181 -24.90 6.37 18.38
N THR D 182 -25.57 7.34 19.00
CA THR D 182 -26.38 8.27 18.23
C THR D 182 -26.55 9.54 19.02
N GLY D 183 -26.57 10.66 18.30
CA GLY D 183 -26.99 11.93 18.87
C GLY D 183 -28.49 12.10 18.99
N ASP D 184 -29.27 11.23 18.35
CA ASP D 184 -30.72 11.27 18.41
C ASP D 184 -31.14 10.69 19.74
N GLU D 185 -31.60 11.52 20.67
CA GLU D 185 -31.88 11.02 22.04
C GLU D 185 -33.04 10.03 22.06
N THR D 186 -33.99 10.22 21.15
CA THR D 186 -35.10 9.28 21.13
C THR D 186 -34.63 7.92 20.66
N LEU D 187 -33.79 7.90 19.61
CA LEU D 187 -33.27 6.63 19.14
C LEU D 187 -32.37 5.99 20.21
N GLN D 188 -31.57 6.79 20.91
CA GLN D 188 -30.73 6.25 21.96
C GLN D 188 -31.54 5.49 22.99
N ASP D 189 -32.74 5.98 23.32
CA ASP D 189 -33.59 5.33 24.31
C ASP D 189 -34.38 4.15 23.76
N GLU D 190 -34.71 4.13 22.46
CA GLU D 190 -35.62 3.09 21.88
C GLU D 190 -34.85 1.88 21.34
N VAL D 191 -33.56 2.03 21.04
CA VAL D 191 -32.77 0.87 20.68
C VAL D 191 -32.51 0.05 21.94
N ASP D 192 -32.56 -1.27 21.81
CA ASP D 192 -32.30 -2.19 22.92
C ASP D 192 -30.95 -1.87 23.55
N LYS D 193 -30.97 -1.70 24.89
N LYS D 193 -30.96 -1.70 24.88
CA LYS D 193 -29.81 -1.22 25.62
CA LYS D 193 -29.77 -1.18 25.56
C LYS D 193 -28.58 -2.09 25.44
C LYS D 193 -28.56 -2.09 25.41
N GLN D 194 -28.74 -3.37 25.12
CA GLN D 194 -27.58 -4.24 24.96
C GLN D 194 -26.66 -3.73 23.86
N PHE D 195 -27.22 -3.00 22.88
CA PHE D 195 -26.46 -2.58 21.72
C PHE D 195 -25.90 -1.17 21.83
N VAL D 196 -26.27 -0.41 22.85
CA VAL D 196 -26.05 1.03 22.81
C VAL D 196 -24.85 1.43 23.65
N ILE D 197 -23.97 2.23 23.05
CA ILE D 197 -23.01 3.05 23.78
C ILE D 197 -23.77 4.33 24.10
N ASN D 198 -24.21 4.46 25.34
CA ASN D 198 -25.07 5.56 25.75
C ASN D 198 -24.17 6.74 26.12
N ILE D 199 -24.21 7.80 25.31
CA ILE D 199 -23.29 8.92 25.49
C ILE D 199 -23.50 9.57 26.85
N ASP D 200 -24.77 9.70 27.28
CA ASP D 200 -25.05 10.29 28.58
C ASP D 200 -24.50 9.43 29.72
N ASN D 201 -24.58 8.11 29.61
CA ASN D 201 -24.06 7.24 30.66
C ASN D 201 -22.54 7.27 30.71
N GLU D 202 -21.89 7.34 29.55
CA GLU D 202 -20.45 7.13 29.48
C GLU D 202 -19.61 8.40 29.66
N PHE D 203 -20.19 9.58 29.46
CA PHE D 203 -19.45 10.83 29.49
C PHE D 203 -20.06 11.78 30.50
N PRO D 204 -19.23 12.46 31.28
CA PRO D 204 -19.75 13.52 32.12
C PRO D 204 -20.58 14.51 31.32
N ALA D 205 -21.52 15.18 31.99
CA ALA D 205 -22.54 15.96 31.28
C ALA D 205 -21.95 16.96 30.28
N ASN D 206 -20.91 17.68 30.69
CA ASN D 206 -20.34 18.68 29.78
C ASN D 206 -19.77 18.02 28.52
N GLN D 207 -19.10 16.87 28.70
CA GLN D 207 -18.51 16.15 27.57
C GLN D 207 -19.58 15.56 26.68
N ALA D 208 -20.64 14.99 27.29
CA ALA D 208 -21.75 14.46 26.51
C ALA D 208 -22.38 15.55 25.65
N LYS D 209 -22.59 16.73 26.23
CA LYS D 209 -23.15 17.85 25.47
C LYS D 209 -22.29 18.19 24.26
N GLN D 210 -20.98 18.25 24.48
CA GLN D 210 -20.06 18.61 23.40
C GLN D 210 -20.03 17.53 22.29
N ILE D 211 -20.07 16.26 22.65
CA ILE D 211 -20.14 15.20 21.64
C ILE D 211 -21.45 15.29 20.86
N LYS D 212 -22.57 15.43 21.56
CA LYS D 212 -23.87 15.52 20.90
CA LYS D 212 -23.86 15.51 20.88
C LYS D 212 -23.95 16.72 19.96
N ALA D 213 -23.36 17.85 20.35
CA ALA D 213 -23.37 19.02 19.47
C ALA D 213 -22.63 18.70 18.18
N ALA D 214 -21.52 17.97 18.28
CA ALA D 214 -20.72 17.68 17.09
C ALA D 214 -21.40 16.67 16.19
N VAL D 215 -22.03 15.65 16.77
CA VAL D 215 -22.61 14.60 15.96
C VAL D 215 -24.04 14.93 15.50
N GLY D 216 -24.68 15.90 16.11
CA GLY D 216 -26.04 16.22 15.73
C GLY D 216 -26.98 15.08 16.06
N LYS D 217 -27.85 14.72 15.08
CA LYS D 217 -28.81 13.61 15.29
C LYS D 217 -28.34 12.35 14.55
N THR D 218 -27.09 12.30 14.13
CA THR D 218 -26.61 11.19 13.30
C THR D 218 -26.34 9.95 14.16
N SER D 219 -26.36 8.80 13.49
CA SER D 219 -26.22 7.50 14.13
C SER D 219 -25.12 6.67 13.48
N TRP D 220 -24.48 5.84 14.31
CA TRP D 220 -23.22 5.20 13.95
C TRP D 220 -23.09 3.82 14.55
N GLN D 221 -22.40 2.94 13.84
CA GLN D 221 -22.05 1.61 14.31
C GLN D 221 -20.57 1.58 14.68
N ALA D 222 -20.27 1.07 15.87
CA ALA D 222 -18.93 0.81 16.37
C ALA D 222 -18.69 -0.68 16.17
N VAL D 223 -17.85 -1.03 15.20
CA VAL D 223 -17.67 -2.40 14.72
C VAL D 223 -16.30 -2.91 15.12
N HIS D 224 -16.26 -4.12 15.68
CA HIS D 224 -15.00 -4.74 16.12
C HIS D 224 -14.97 -6.15 15.54
N ILE D 225 -14.14 -6.35 14.50
CA ILE D 225 -14.09 -7.67 13.81
C ILE D 225 -13.21 -8.60 14.64
N PRO D 226 -13.23 -9.92 14.41
CA PRO D 226 -12.54 -10.82 15.34
C PRO D 226 -11.02 -10.61 15.37
N THR D 227 -10.46 -10.71 16.58
CA THR D 227 -9.01 -10.64 16.75
C THR D 227 -8.30 -11.73 15.96
N ILE D 228 -8.86 -12.95 15.93
CA ILE D 228 -8.17 -14.03 15.19
C ILE D 228 -8.04 -13.66 13.73
N VAL D 229 -9.02 -12.91 13.20
CA VAL D 229 -9.03 -12.47 11.81
C VAL D 229 -8.01 -11.36 11.60
N THR D 230 -8.01 -10.34 12.46
CA THR D 230 -7.07 -9.21 12.26
C THR D 230 -5.63 -9.71 12.29
N ARG D 231 -5.38 -10.75 13.11
CA ARG D 231 -4.02 -11.30 13.20
C ARG D 231 -3.67 -12.14 11.97
N THR D 232 -4.63 -12.89 11.44
CA THR D 232 -4.42 -13.61 10.18
C THR D 232 -4.23 -12.66 9.01
N GLU D 233 -4.98 -11.55 9.03
CA GLU D 233 -5.04 -10.61 7.89
C GLU D 233 -4.25 -9.34 8.20
N ASP D 234 -4.87 -8.18 7.98
CA ASP D 234 -4.17 -6.88 8.16
C ASP D 234 -5.25 -5.84 8.42
N GLY D 235 -4.82 -4.60 8.68
CA GLY D 235 -5.76 -3.53 9.00
C GLY D 235 -6.74 -3.28 7.86
N PRO D 236 -6.31 -3.29 6.57
CA PRO D 236 -7.27 -3.07 5.50
C PRO D 236 -8.37 -4.09 5.42
N GLY D 237 -8.22 -5.25 6.06
CA GLY D 237 -9.30 -6.24 6.09
C GLY D 237 -10.47 -5.80 6.98
N THR D 238 -10.30 -4.85 7.90
CA THR D 238 -11.38 -4.57 8.86
C THR D 238 -12.63 -4.00 8.21
N SER D 239 -12.54 -2.92 7.41
CA SER D 239 -13.77 -2.36 6.85
C SER D 239 -14.40 -3.30 5.85
N ARG D 240 -13.60 -4.11 5.17
CA ARG D 240 -14.14 -5.09 4.24
C ARG D 240 -14.96 -6.15 4.98
N TRP D 241 -14.45 -6.68 6.09
CA TRP D 241 -15.15 -7.70 6.85
C TRP D 241 -16.47 -7.12 7.36
N MET D 242 -16.38 -5.92 7.94
CA MET D 242 -17.57 -5.22 8.40
C MET D 242 -18.62 -5.10 7.31
N ALA D 243 -18.20 -4.68 6.13
CA ALA D 243 -19.17 -4.36 5.09
C ALA D 243 -19.86 -5.61 4.59
N MET D 244 -19.16 -6.74 4.57
CA MET D 244 -19.83 -7.94 4.10
C MET D 244 -21.04 -8.29 4.96
N GLN D 245 -20.85 -8.18 6.27
CA GLN D 245 -21.85 -8.65 7.21
C GLN D 245 -22.93 -7.60 7.46
N VAL D 246 -22.58 -6.32 7.40
CA VAL D 246 -23.58 -5.27 7.33
C VAL D 246 -24.46 -5.47 6.12
N GLY D 247 -23.87 -5.74 4.95
CA GLY D 247 -24.69 -5.90 3.77
C GLY D 247 -25.63 -7.09 3.87
N MET D 248 -25.13 -8.22 4.37
CA MET D 248 -25.97 -9.42 4.53
C MET D 248 -27.12 -9.10 5.47
N THR D 249 -26.85 -8.38 6.56
CA THR D 249 -27.88 -8.12 7.54
C THR D 249 -28.96 -7.18 6.98
N PHE D 250 -28.61 -6.17 6.21
CA PHE D 250 -29.63 -5.33 5.60
C PHE D 250 -30.52 -6.16 4.66
N ILE D 251 -29.92 -7.10 3.90
CA ILE D 251 -30.73 -7.93 3.02
C ILE D 251 -31.85 -8.62 3.79
N SER D 252 -31.50 -9.25 4.92
CA SER D 252 -32.48 -10.01 5.66
C SER D 252 -33.45 -9.09 6.43
N ALA D 253 -32.92 -8.09 7.13
CA ALA D 253 -33.75 -7.23 7.99
C ALA D 253 -34.73 -6.36 7.22
N TYR D 254 -34.52 -6.13 5.93
CA TYR D 254 -35.42 -5.32 5.11
C TYR D 254 -35.97 -6.09 3.93
N HIS D 255 -35.88 -7.42 3.94
CA HIS D 255 -36.59 -8.24 2.98
C HIS D 255 -36.22 -7.84 1.55
N MET D 256 -34.93 -7.63 1.32
CA MET D 256 -34.46 -7.22 0.00
C MET D 256 -34.28 -8.46 -0.88
N CYS D 257 -34.11 -8.21 -2.17
CA CYS D 257 -33.52 -9.28 -3.00
C CYS D 257 -32.13 -9.48 -2.39
N ALA D 258 -31.66 -10.71 -2.32
CA ALA D 258 -30.33 -11.00 -1.79
C ALA D 258 -29.35 -10.80 -2.93
N GLY D 259 -29.11 -9.52 -3.19
CA GLY D 259 -28.31 -9.04 -4.29
C GLY D 259 -29.08 -8.32 -5.37
N GLU D 260 -29.36 -7.02 -5.16
CA GLU D 260 -29.99 -6.11 -6.09
C GLU D 260 -29.19 -4.82 -6.11
N ALA D 261 -29.54 -3.93 -7.05
CA ALA D 261 -28.81 -2.66 -7.17
C ALA D 261 -28.77 -1.89 -5.86
N ALA D 262 -29.87 -1.90 -5.10
CA ALA D 262 -29.86 -1.17 -3.83
C ALA D 262 -28.82 -1.75 -2.87
N VAL D 263 -28.58 -3.06 -2.91
CA VAL D 263 -27.51 -3.66 -2.10
C VAL D 263 -26.14 -3.09 -2.49
N GLY D 264 -25.93 -2.86 -3.79
CA GLY D 264 -24.68 -2.25 -4.22
C GLY D 264 -24.49 -0.84 -3.69
N GLU D 265 -25.57 -0.05 -3.62
CA GLU D 265 -25.46 1.27 -3.01
C GLU D 265 -25.23 1.18 -1.50
N LEU D 266 -25.80 0.16 -0.84
CA LEU D 266 -25.46 -0.08 0.56
C LEU D 266 -24.00 -0.50 0.74
N ALA D 267 -23.42 -1.22 -0.23
CA ALA D 267 -22.01 -1.59 -0.16
C ALA D 267 -21.14 -0.36 -0.25
N PHE D 268 -21.43 0.54 -1.20
CA PHE D 268 -20.66 1.76 -1.32
C PHE D 268 -20.79 2.62 -0.07
N THR D 269 -21.97 2.58 0.55
CA THR D 269 -22.19 3.28 1.81
C THR D 269 -21.26 2.75 2.89
N ALA D 270 -21.25 1.42 3.09
CA ALA D 270 -20.49 0.82 4.18
C ALA D 270 -18.99 0.94 3.93
N LYS D 271 -18.56 0.78 2.69
CA LYS D 271 -17.16 0.69 2.37
C LYS D 271 -16.49 2.02 2.09
N ALA D 273 -18.72 5.80 1.63
CA ALA D 273 -19.36 7.08 1.99
C ALA D 273 -19.65 7.21 3.48
N GLY D 274 -20.04 6.12 4.15
CA GLY D 274 -20.37 6.15 5.55
C GLY D 274 -19.26 5.70 6.47
N LEU D 275 -18.08 5.41 5.94
CA LEU D 275 -17.03 4.75 6.68
C LEU D 275 -16.06 5.73 7.33
N VAL D 276 -15.74 5.48 8.60
CA VAL D 276 -14.67 6.15 9.34
C VAL D 276 -13.66 5.08 9.75
N GLU D 277 -12.54 5.04 9.02
N GLU D 277 -12.54 5.04 9.02
CA GLU D 277 -11.44 4.14 9.38
CA GLU D 277 -11.44 4.14 9.39
C GLU D 277 -10.56 4.88 10.40
C GLU D 277 -10.55 4.88 10.38
N MET D 278 -9.71 4.13 11.08
CA MET D 278 -8.77 4.74 11.99
C MET D 278 -7.73 5.60 11.27
N GLY D 279 -7.38 5.21 10.05
CA GLY D 279 -6.46 6.00 9.23
C GLY D 279 -6.42 5.38 7.85
N ASP D 280 -5.83 6.13 6.92
CA ASP D 280 -5.77 5.76 5.51
C ASP D 280 -4.40 5.20 5.14
N MET D 281 -4.25 4.84 3.86
CA MET D 281 -3.01 4.25 3.38
C MET D 281 -1.84 5.23 3.49
N ILE D 282 -0.64 4.67 3.36
CA ILE D 282 0.62 5.41 3.41
C ILE D 282 1.45 5.07 2.18
N PRO D 283 2.50 5.86 1.87
CA PRO D 283 3.10 5.71 0.54
CA PRO D 283 3.19 5.78 0.57
C PRO D 283 4.02 4.52 0.38
N ALA D 284 4.40 4.33 -0.89
CA ALA D 284 4.96 3.07 -1.36
C ALA D 284 6.16 2.56 -0.59
N ARG D 285 7.08 3.44 -0.23
CA ARG D 285 8.29 2.95 0.41
C ARG D 285 7.92 2.19 1.69
N ALA D 287 4.72 0.93 2.19
CA ALA D 287 3.36 0.59 1.76
C ALA D 287 2.59 -0.22 2.79
N ARG D 288 1.44 0.34 3.15
CA ARG D 288 0.38 -0.29 3.95
C ARG D 288 -0.93 0.36 3.52
N GLY D 289 -2.03 -0.37 3.64
CA GLY D 289 -3.35 0.18 3.48
C GLY D 289 -3.89 0.78 4.76
N PRO D 290 -5.21 1.07 4.77
CA PRO D 290 -5.86 1.68 5.94
C PRO D 290 -5.76 0.84 7.20
N ASN D 291 -5.97 1.50 8.32
CA ASN D 291 -6.06 0.86 9.63
C ASN D 291 -4.73 0.21 10.03
N GLU D 292 -3.62 0.84 9.63
CA GLU D 292 -2.31 0.47 10.11
C GLU D 292 -1.70 1.64 10.88
N PRO D 293 -0.65 1.41 11.70
CA PRO D 293 -0.24 2.50 12.61
C PRO D 293 0.31 3.71 11.88
N GLY D 294 0.99 3.51 10.74
CA GLY D 294 1.55 4.67 10.03
C GLY D 294 0.49 5.65 9.59
N GLY D 295 -0.71 5.19 9.29
CA GLY D 295 -1.81 6.07 8.92
C GLY D 295 -2.58 6.67 10.08
N LEU D 296 -2.27 6.28 11.31
CA LEU D 296 -3.03 6.74 12.47
C LEU D 296 -2.61 8.14 12.86
N SER D 297 -3.51 9.10 12.72
CA SER D 297 -3.21 10.45 13.18
C SER D 297 -3.11 10.50 14.69
N PHE D 298 -2.33 11.47 15.15
CA PHE D 298 -2.19 11.67 16.59
C PHE D 298 -3.52 12.05 17.23
N GLY D 299 -4.36 12.84 16.55
CA GLY D 299 -5.65 13.15 17.12
C GLY D 299 -6.51 11.91 17.29
N HIS D 300 -6.52 11.01 16.31
CA HIS D 300 -7.25 9.77 16.50
C HIS D 300 -6.71 8.94 17.66
N MET D 301 -5.38 8.77 17.73
CA MET D 301 -4.82 8.03 18.85
C MET D 301 -5.20 8.64 20.20
N ALA D 302 -5.15 9.96 20.30
CA ALA D 302 -5.53 10.60 21.55
C ALA D 302 -6.99 10.36 21.86
N ASP D 303 -7.85 10.35 20.84
CA ASP D 303 -9.29 10.14 21.06
C ASP D 303 -9.64 8.68 21.38
N ILE D 304 -8.84 7.73 20.91
CA ILE D 304 -9.01 6.33 21.29
C ILE D 304 -8.84 6.16 22.80
N VAL D 305 -7.81 6.81 23.36
CA VAL D 305 -7.54 6.72 24.80
C VAL D 305 -8.72 7.34 25.55
N GLN D 306 -9.12 6.72 26.66
CA GLN D 306 -10.39 7.05 27.31
C GLN D 306 -10.24 7.69 28.69
N THR D 307 -9.01 7.99 29.11
CA THR D 307 -8.78 8.52 30.44
C THR D 307 -9.53 9.83 30.67
N ASN D 308 -9.64 10.67 29.66
CA ASN D 308 -10.30 11.96 29.85
C ASN D 308 -11.79 11.86 30.22
N ARG D 309 -12.49 10.78 29.85
CA ARG D 309 -13.91 10.70 30.26
C ARG D 309 -14.06 10.20 31.68
N LYS D 310 -13.04 9.55 32.24
CA LYS D 310 -13.06 9.02 33.60
C LYS D 310 -12.48 10.00 34.61
N GLY D 311 -11.39 10.68 34.25
CA GLY D 311 -10.69 11.55 35.16
C GLY D 311 -10.23 12.88 34.59
N PRO D 312 -11.17 13.68 34.06
CA PRO D 312 -10.81 14.98 33.49
C PRO D 312 -10.28 15.95 34.51
N GLU D 313 -10.52 15.70 35.80
CA GLU D 313 -10.02 16.58 36.86
C GLU D 313 -8.51 16.46 37.07
N ASP D 314 -7.86 15.48 36.47
CA ASP D 314 -6.41 15.32 36.47
C ASP D 314 -5.94 15.28 35.03
N PRO D 315 -5.91 16.43 34.37
CA PRO D 315 -5.55 16.42 32.94
C PRO D 315 -4.12 15.96 32.72
N VAL D 316 -3.21 16.20 33.66
CA VAL D 316 -1.86 15.66 33.52
C VAL D 316 -1.89 14.14 33.42
N ASN D 317 -2.68 13.48 34.28
CA ASN D 317 -2.82 12.02 34.19
C ASN D 317 -3.37 11.57 32.83
N VAL D 318 -4.34 12.34 32.30
CA VAL D 318 -4.87 12.04 30.97
C VAL D 318 -3.73 12.04 29.94
N VAL D 319 -2.91 13.08 29.98
CA VAL D 319 -1.77 13.21 29.05
C VAL D 319 -0.80 12.05 29.23
N LEU D 320 -0.49 11.68 30.47
CA LEU D 320 0.46 10.60 30.73
C LEU D 320 -0.06 9.25 30.27
N GLN D 321 -1.33 8.94 30.57
CA GLN D 321 -1.90 7.69 30.06
C GLN D 321 -1.92 7.67 28.53
N THR D 322 -2.19 8.82 27.92
CA THR D 322 -2.15 8.93 26.47
C THR D 322 -0.74 8.65 25.97
N ALA D 323 0.25 9.29 26.59
CA ALA D 323 1.63 9.00 26.23
C ALA D 323 1.95 7.54 26.32
N SER D 324 1.43 6.86 27.33
CA SER D 324 1.72 5.44 27.53
C SER D 324 1.16 4.58 26.38
N ALA D 325 -0.15 4.70 26.13
CA ALA D 325 -0.78 3.90 25.11
C ALA D 325 -0.20 4.23 23.74
N ALA D 326 0.06 5.50 23.48
CA ALA D 326 0.48 5.92 22.15
C ALA D 326 1.94 5.58 21.90
N THR D 327 2.80 5.78 22.91
CA THR D 327 4.23 5.47 22.74
C THR D 327 4.45 3.98 22.56
N MET D 328 3.72 3.17 23.33
CA MET D 328 3.83 1.72 23.15
C MET D 328 3.51 1.38 21.69
N LEU D 329 2.33 1.79 21.21
CA LEU D 329 1.95 1.45 19.84
C LEU D 329 2.93 1.98 18.82
N TYR D 330 3.22 3.28 18.87
CA TYR D 330 4.01 3.89 17.78
C TYR D 330 5.47 3.45 17.81
N ASP D 331 6.07 3.37 19.01
CA ASP D 331 7.49 3.03 19.08
C ASP D 331 7.75 1.53 19.14
N GLN D 332 6.96 0.80 19.96
CA GLN D 332 7.24 -0.63 20.14
C GLN D 332 6.74 -1.47 18.98
N ILE D 333 5.45 -1.34 18.67
CA ILE D 333 4.81 -2.20 17.66
C ILE D 333 5.05 -1.66 16.25
N TRP D 334 4.86 -0.35 16.04
CA TRP D 334 4.98 0.24 14.71
C TRP D 334 6.45 0.43 14.32
N LEU D 335 7.17 1.37 14.96
CA LEU D 335 8.54 1.61 14.55
C LEU D 335 9.45 0.43 14.86
N GLY D 336 9.28 -0.18 16.03
CA GLY D 336 10.11 -1.28 16.50
C GLY D 336 9.70 -2.64 16.01
N GLY D 337 8.59 -2.71 15.30
CA GLY D 337 8.02 -3.94 14.78
C GLY D 337 7.85 -3.82 13.28
N TYR D 338 6.68 -3.33 12.86
CA TYR D 338 6.33 -3.16 11.45
C TYR D 338 7.46 -2.54 10.62
N MET D 339 8.11 -1.50 11.17
CA MET D 339 9.08 -0.73 10.34
C MET D 339 10.53 -1.17 10.61
N SER D 340 10.73 -2.12 11.52
CA SER D 340 12.10 -2.63 11.78
C SER D 340 11.99 -4.06 12.32
N GLY D 341 12.16 -4.23 13.63
CA GLY D 341 11.97 -5.56 14.21
C GLY D 341 13.16 -5.96 15.04
N GLY D 342 13.24 -7.25 15.35
CA GLY D 342 14.30 -7.76 16.22
C GLY D 342 14.03 -7.43 17.67
N VAL D 343 15.10 -7.21 18.44
CA VAL D 343 14.95 -6.78 19.84
C VAL D 343 14.05 -5.53 19.89
N GLY D 344 14.21 -4.59 18.96
CA GLY D 344 13.28 -3.47 18.90
C GLY D 344 13.44 -2.45 20.01
N PHE D 345 12.32 -1.81 20.35
CA PHE D 345 12.34 -0.47 20.94
C PHE D 345 11.56 -0.35 22.25
N THR D 346 11.50 -1.44 23.03
CA THR D 346 10.84 -1.41 24.34
C THR D 346 11.36 -0.26 25.19
N MET D 347 12.68 -0.19 25.40
CA MET D 347 13.21 0.85 26.28
C MET D 347 13.15 2.26 25.72
N TYR D 348 13.08 2.43 24.40
CA TYR D 348 12.79 3.79 23.92
C TYR D 348 11.42 4.25 24.41
N ALA D 349 10.49 3.31 24.64
CA ALA D 349 9.10 3.58 24.96
C ALA D 349 8.83 3.56 26.46
N THR D 350 9.48 2.70 27.24
CA THR D 350 9.21 2.57 28.64
C THR D 350 9.32 3.86 29.43
N PRO D 351 10.09 4.89 29.03
CA PRO D 351 10.03 6.15 29.80
C PRO D 351 8.63 6.75 29.85
N ALA D 352 7.76 6.43 28.89
CA ALA D 352 6.42 6.97 28.94
C ALA D 352 5.55 6.36 29.99
N TYR D 353 5.91 5.20 30.54
CA TYR D 353 5.01 4.48 31.42
C TYR D 353 5.68 3.78 32.60
N THR D 354 6.97 4.07 32.86
CA THR D 354 7.65 3.46 33.99
C THR D 354 8.41 4.49 34.79
N ASN D 355 8.49 4.21 36.09
CA ASN D 355 9.39 4.82 37.08
C ASN D 355 9.07 6.27 37.41
N ASP D 356 7.94 6.80 36.94
CA ASP D 356 7.39 8.06 37.42
C ASP D 356 8.24 9.29 37.06
N ILE D 357 9.21 9.18 36.15
CA ILE D 357 10.14 10.28 35.87
C ILE D 357 9.49 11.33 34.97
N VAL D 358 8.98 10.92 33.81
CA VAL D 358 8.27 11.89 32.95
C VAL D 358 7.10 12.48 33.73
N ASP D 359 6.46 11.66 34.57
CA ASP D 359 5.33 12.15 35.35
C ASP D 359 5.80 13.30 36.24
N ASP D 360 6.91 13.09 36.96
CA ASP D 360 7.46 14.19 37.80
C ASP D 360 7.63 15.47 36.95
N PHE D 361 8.25 15.35 35.77
CA PHE D 361 8.58 16.56 35.01
C PHE D 361 7.32 17.22 34.50
N LEU D 362 6.34 16.44 34.03
CA LEU D 362 5.12 17.07 33.45
C LEU D 362 4.27 17.71 34.56
N TYR D 363 4.12 17.03 35.71
CA TYR D 363 3.42 17.68 36.83
C TYR D 363 4.12 18.98 37.19
N TRP D 364 5.47 18.99 37.20
CA TRP D 364 6.21 20.20 37.54
C TRP D 364 5.92 21.33 36.54
N GLY D 365 6.00 21.03 35.25
CA GLY D 365 5.77 22.06 34.25
C GLY D 365 4.35 22.57 34.25
N ASN D 366 3.40 21.68 34.44
CA ASN D 366 2.02 22.11 34.57
C ASN D 366 1.81 22.99 35.78
N ASP D 367 2.40 22.63 36.92
CA ASP D 367 2.26 23.50 38.08
C ASP D 367 2.86 24.87 37.82
N TYR D 368 4.04 24.89 37.21
CA TYR D 368 4.68 26.14 36.86
C TYR D 368 3.76 27.02 36.01
N ALA D 369 3.24 26.45 34.93
CA ALA D 369 2.45 27.23 33.99
C ALA D 369 1.08 27.58 34.55
N ALA D 370 0.48 26.67 35.32
CA ALA D 370 -0.86 26.92 35.87
C ALA D 370 -0.78 28.09 36.85
N LYS D 371 0.23 28.04 37.72
CA LYS D 371 0.33 29.11 38.74
C LYS D 371 0.65 30.42 38.03
N LYS D 372 1.47 30.36 36.99
CA LYS D 372 1.96 31.65 36.43
C LYS D 372 0.92 32.36 35.57
N TYR D 373 0.22 31.60 34.74
CA TYR D 373 -0.73 32.14 33.79
C TYR D 373 -2.17 32.07 34.26
N GLY D 374 -2.43 31.58 35.47
CA GLY D 374 -3.77 31.60 35.99
C GLY D 374 -4.65 30.44 35.57
N GLY D 375 -4.09 29.26 35.37
CA GLY D 375 -4.85 28.05 35.21
C GLY D 375 -4.71 27.47 33.80
N ASN D 376 -5.05 26.19 33.71
CA ASN D 376 -5.01 25.50 32.43
C ASN D 376 -5.89 26.23 31.42
N GLY D 377 -5.40 26.34 30.19
CA GLY D 377 -6.11 26.96 29.11
C GLY D 377 -6.06 28.46 29.07
N LYS D 378 -5.47 29.11 30.07
CA LYS D 378 -5.57 30.56 30.20
C LYS D 378 -4.35 31.31 29.67
N ALA D 379 -3.28 30.61 29.31
CA ALA D 379 -2.09 31.26 28.79
C ALA D 379 -2.27 31.59 27.32
N LYS D 380 -1.94 32.81 26.94
N LYS D 380 -1.92 32.82 26.95
CA LYS D 380 -2.07 33.20 25.53
CA LYS D 380 -2.05 33.23 25.53
C LYS D 380 -1.10 32.40 24.68
C LYS D 380 -1.09 32.41 24.68
N ALA D 381 -1.54 32.00 23.50
CA ALA D 381 -0.71 31.20 22.59
C ALA D 381 0.19 32.12 21.78
N THR D 382 1.37 32.42 22.34
CA THR D 382 2.32 33.34 21.75
C THR D 382 3.72 32.76 21.91
N ILE D 383 4.64 33.32 21.13
CA ILE D 383 6.06 32.95 21.24
C ILE D 383 6.54 33.15 22.68
N ASP D 384 6.16 34.25 23.34
CA ASP D 384 6.70 34.47 24.67
C ASP D 384 6.20 33.40 25.65
N THR D 385 4.94 32.99 25.56
CA THR D 385 4.44 31.95 26.45
C THR D 385 5.19 30.66 26.21
N VAL D 386 5.31 30.28 24.95
CA VAL D 386 6.00 29.04 24.59
C VAL D 386 7.43 29.07 25.12
N LYS D 387 8.15 30.18 24.87
CA LYS D 387 9.55 30.25 25.25
C LYS D 387 9.69 30.08 26.76
N ASP D 388 8.82 30.71 27.53
CA ASP D 388 8.91 30.64 28.98
C ASP D 388 8.67 29.23 29.49
N ILE D 389 7.53 28.63 29.15
CA ILE D 389 7.19 27.33 29.71
C ILE D 389 8.20 26.28 29.26
N ALA D 390 8.57 26.31 27.98
CA ALA D 390 9.50 25.30 27.48
C ALA D 390 10.86 25.43 28.14
N THR D 391 11.34 26.67 28.31
CA THR D 391 12.69 26.85 28.86
C THR D 391 12.73 26.41 30.32
N GLU D 392 11.76 26.86 31.11
CA GLU D 392 11.81 26.53 32.54
C GLU D 392 11.57 25.04 32.77
N THR D 393 10.68 24.42 32.01
CA THR D 393 10.44 23.00 32.18
C THR D 393 11.66 22.20 31.77
N THR D 394 12.32 22.61 30.69
CA THR D 394 13.53 21.91 30.26
C THR D 394 14.63 22.02 31.30
N LEU D 395 14.83 23.20 31.86
CA LEU D 395 15.87 23.36 32.87
C LEU D 395 15.57 22.50 34.10
N TYR D 396 14.29 22.43 34.51
CA TYR D 396 13.93 21.54 35.61
C TYR D 396 14.31 20.09 35.31
N GLY D 397 13.95 19.59 34.14
CA GLY D 397 14.24 18.20 33.82
C GLY D 397 15.72 17.89 33.75
N LEU D 398 16.50 18.77 33.09
CA LEU D 398 17.93 18.54 33.01
C LEU D 398 18.54 18.50 34.40
N GLU D 399 18.17 19.45 35.24
CA GLU D 399 18.71 19.48 36.59
C GLU D 399 18.28 18.26 37.39
N ALA D 400 17.09 17.70 37.16
CA ALA D 400 16.69 16.47 37.85
C ALA D 400 17.60 15.29 37.49
N TYR D 401 17.85 15.09 36.19
CA TYR D 401 18.78 14.03 35.78
C TYR D 401 20.15 14.23 36.42
N GLU D 402 20.57 15.48 36.58
CA GLU D 402 21.89 15.76 37.12
C GLU D 402 21.92 15.56 38.63
N LYS D 403 20.83 15.93 39.32
CA LYS D 403 20.75 15.76 40.77
C LYS D 403 20.50 14.33 41.23
N TYR D 404 19.87 13.52 40.38
CA TYR D 404 19.50 12.15 40.71
C TYR D 404 20.13 11.20 39.71
N PRO D 405 21.38 10.77 39.95
CA PRO D 405 22.06 9.86 39.01
C PRO D 405 21.27 8.60 38.70
N THR D 406 20.41 8.14 39.62
CA THR D 406 19.56 6.98 39.33
C THR D 406 18.63 7.22 38.15
N THR D 407 18.06 8.44 38.04
CA THR D 407 17.19 8.73 36.89
C THR D 407 17.97 8.77 35.58
N LEU D 408 19.18 9.34 35.58
N LEU D 408 19.18 9.33 35.60
CA LEU D 408 20.05 9.35 34.41
CA LEU D 408 20.05 9.37 34.40
C LEU D 408 20.41 7.94 33.96
C LEU D 408 20.41 7.93 33.97
N GLU D 409 20.68 7.05 34.94
CA GLU D 409 21.04 5.67 34.63
C GLU D 409 19.85 4.86 34.14
N ASP D 410 18.64 5.17 34.61
CA ASP D 410 17.45 4.51 34.09
C ASP D 410 17.24 4.92 32.63
N HIS D 411 17.23 6.23 32.38
CA HIS D 411 17.11 6.78 31.03
C HIS D 411 18.49 6.96 30.44
N PHE D 412 19.15 5.82 30.27
CA PHE D 412 20.56 5.80 29.92
C PHE D 412 20.85 6.28 28.51
N GLY D 413 19.86 6.22 27.62
CA GLY D 413 20.03 6.73 26.28
C GLY D 413 19.55 8.17 26.18
N GLY D 414 20.33 9.01 25.50
CA GLY D 414 19.90 10.37 25.35
C GLY D 414 18.54 10.53 24.69
N SER D 415 18.19 9.63 23.78
CA SER D 415 16.88 9.70 23.15
C SER D 415 15.78 9.62 24.19
N GLN D 416 15.96 8.76 25.19
CA GLN D 416 14.96 8.62 26.23
C GLN D 416 14.80 9.93 26.98
N ARG D 417 15.92 10.54 27.35
CA ARG D 417 15.90 11.78 28.12
C ARG D 417 15.28 12.92 27.33
N ALA D 418 15.60 12.99 26.04
CA ALA D 418 15.06 14.05 25.19
C ALA D 418 13.54 13.89 25.02
N THR D 419 13.08 12.65 24.85
CA THR D 419 11.64 12.37 24.78
C THR D 419 10.95 12.79 26.06
N VAL D 420 11.51 12.41 27.22
CA VAL D 420 10.88 12.69 28.50
C VAL D 420 10.75 14.19 28.70
N ILE D 421 11.85 14.91 28.49
CA ILE D 421 11.81 16.33 28.79
C ILE D 421 10.90 17.07 27.81
N SER D 422 10.90 16.68 26.53
CA SER D 422 10.04 17.36 25.55
C SER D 422 8.57 17.01 25.74
N ILE D 423 8.25 15.79 26.21
CA ILE D 423 6.87 15.52 26.61
C ILE D 423 6.45 16.52 27.68
N ALA D 424 7.31 16.72 28.66
CA ALA D 424 6.94 17.63 29.74
C ALA D 424 6.80 19.06 29.24
N ALA D 425 7.78 19.53 28.46
CA ALA D 425 7.73 20.92 27.99
C ALA D 425 6.58 21.16 27.01
N GLY D 426 6.40 20.26 26.06
CA GLY D 426 5.32 20.39 25.09
C GLY D 426 3.95 20.19 25.72
N GLY D 427 3.84 19.21 26.62
CA GLY D 427 2.58 18.98 27.30
C GLY D 427 2.19 20.12 28.21
N ALA D 428 3.14 20.64 28.99
CA ALA D 428 2.82 21.77 29.85
C ALA D 428 2.37 22.97 29.01
N THR D 429 3.02 23.21 27.89
CA THR D 429 2.66 24.33 27.05
C THR D 429 1.29 24.16 26.42
N ALA D 430 0.99 22.96 25.90
CA ALA D 430 -0.33 22.70 25.31
C ALA D 430 -1.45 22.79 26.34
N LEU D 431 -1.21 22.29 27.56
CA LEU D 431 -2.22 22.39 28.62
CA LEU D 431 -2.25 22.39 28.58
C LEU D 431 -2.44 23.85 29.00
N ALA D 432 -1.36 24.63 29.04
CA ALA D 432 -1.49 26.03 29.44
C ALA D 432 -2.24 26.83 28.42
N THR D 433 -2.01 26.57 27.13
CA THR D 433 -2.55 27.37 26.04
C THR D 433 -3.80 26.76 25.38
N GLY D 434 -4.09 25.48 25.62
CA GLY D 434 -5.13 24.82 24.85
C GLY D 434 -4.83 24.74 23.38
N HIS D 435 -3.57 24.66 22.99
CA HIS D 435 -3.17 24.89 21.61
C HIS D 435 -2.11 23.86 21.21
N SER D 436 -2.44 22.98 20.27
CA SER D 436 -1.52 21.92 19.90
C SER D 436 -0.28 22.47 19.21
N GLN D 437 -0.46 23.50 18.38
CA GLN D 437 0.67 24.06 17.64
C GLN D 437 1.68 24.68 18.63
N ALA D 438 1.18 25.40 19.62
CA ALA D 438 2.05 25.96 20.65
C ALA D 438 2.83 24.84 21.36
N GLY D 439 2.16 23.72 21.65
CA GLY D 439 2.82 22.58 22.27
C GLY D 439 3.95 22.01 21.43
N LEU D 440 3.73 21.91 20.11
CA LEU D 440 4.79 21.44 19.22
C LEU D 440 5.98 22.40 19.21
N SER D 441 5.70 23.71 19.19
CA SER D 441 6.78 24.69 19.18
C SER D 441 7.62 24.54 20.43
N ALA D 442 7.00 24.34 21.58
CA ALA D 442 7.72 24.09 22.83
C ALA D 442 8.56 22.83 22.80
N TYR D 444 10.07 21.50 20.31
CA TYR D 444 11.33 21.74 19.59
C TYR D 444 12.30 22.66 20.34
N LEU D 445 11.80 23.73 20.95
CA LEU D 445 12.69 24.56 21.75
C LEU D 445 13.37 23.73 22.85
N SER D 446 12.60 22.87 23.50
CA SER D 446 13.16 21.99 24.52
C SER D 446 14.33 21.18 23.99
N MET D 447 14.16 20.54 22.82
CA MET D 447 15.23 19.78 22.22
C MET D 447 16.46 20.62 22.01
N TYR D 448 16.30 21.85 21.50
CA TYR D 448 17.45 22.68 21.18
C TYR D 448 18.21 23.07 22.45
N LEU D 449 17.49 23.40 23.52
CA LEU D 449 18.14 23.69 24.79
C LEU D 449 18.88 22.47 25.33
N HIS D 450 18.23 21.30 25.25
CA HIS D 450 18.79 20.05 25.75
C HIS D 450 20.12 19.74 25.07
N LYS D 451 20.16 19.85 23.73
CA LYS D 451 21.38 19.59 22.99
C LYS D 451 22.54 20.45 23.50
N GLU D 452 22.29 21.74 23.68
CA GLU D 452 23.37 22.62 24.13
C GLU D 452 23.75 22.35 25.57
N ALA D 453 22.79 21.98 26.43
CA ALA D 453 23.13 21.72 27.84
C ALA D 453 24.10 20.55 27.97
N HIS D 454 23.81 19.42 27.31
CA HIS D 454 24.54 18.19 27.52
C HIS D 454 25.59 17.92 26.44
N GLY D 455 25.59 18.70 25.36
CA GLY D 455 26.53 18.47 24.28
C GLY D 455 26.25 17.20 23.51
N ARG D 456 24.99 16.75 23.53
CA ARG D 456 24.49 15.52 22.98
C ARG D 456 22.97 15.63 23.06
N LEU D 457 22.29 14.83 22.26
CA LEU D 457 20.83 14.79 22.28
C LEU D 457 20.45 13.31 22.26
N GLY D 458 20.06 12.77 21.11
CA GLY D 458 19.63 11.41 21.01
C GLY D 458 20.58 10.56 20.21
N PHE D 459 20.02 9.47 19.64
CA PHE D 459 20.81 8.58 18.74
C PHE D 459 21.16 9.36 17.47
N TYR D 460 21.92 8.72 16.60
CA TYR D 460 22.50 9.37 15.43
CA TYR D 460 22.56 9.37 15.42
C TYR D 460 21.48 10.19 14.65
N TYR D 462 18.18 10.97 15.66
CA TYR D 462 17.03 11.33 16.47
C TYR D 462 16.38 12.66 16.10
N ASP D 463 17.21 13.69 15.86
CA ASP D 463 16.73 15.05 15.65
C ASP D 463 16.60 15.43 14.18
N LEU D 464 16.36 14.49 13.27
CA LEU D 464 15.90 14.89 11.93
C LEU D 464 14.67 15.78 12.08
N GLN D 465 13.64 15.26 12.73
CA GLN D 465 12.44 16.03 12.85
C GLN D 465 12.66 17.22 13.77
N GLN D 467 15.30 19.16 14.04
CA GLN D 467 15.93 20.30 13.36
C GLN D 467 15.01 20.89 12.30
N GLY D 469 12.00 20.94 12.93
CA GLY D 469 10.80 21.09 13.72
C GLY D 469 10.29 22.49 13.90
N ALA D 470 11.13 23.36 14.44
CA ALA D 470 10.66 24.70 14.76
C ALA D 470 10.11 25.38 13.52
N THR D 471 10.84 25.30 12.41
CA THR D 471 10.43 26.00 11.20
C THR D 471 9.17 25.41 10.60
N ASN D 472 8.89 24.14 10.83
CA ASN D 472 7.72 23.49 10.26
C ASN D 472 6.48 23.54 11.15
N VAL D 473 6.56 24.10 12.36
CA VAL D 473 5.37 24.16 13.19
C VAL D 473 4.30 25.02 12.52
N PHE D 474 4.68 26.20 12.05
CA PHE D 474 3.76 27.17 11.48
C PHE D 474 3.99 27.37 9.97
N SER D 475 4.71 26.48 9.33
CA SER D 475 4.80 26.48 7.89
C SER D 475 3.43 26.21 7.28
N ILE D 476 3.20 26.80 6.10
CA ILE D 476 2.03 26.47 5.30
C ILE D 476 2.39 25.71 4.02
N ALA D 477 3.64 25.25 3.90
CA ALA D 477 4.02 24.55 2.69
C ALA D 477 3.24 23.26 2.50
N SER D 478 3.19 22.80 1.26
CA SER D 478 2.38 21.64 0.90
C SER D 478 2.49 20.49 1.90
N ASP D 479 3.73 20.03 2.10
CA ASP D 479 4.00 18.85 2.91
C ASP D 479 4.63 19.20 4.26
N GLU D 480 4.47 20.45 4.69
CA GLU D 480 4.87 20.91 6.01
C GLU D 480 3.70 21.45 6.82
N GLY D 481 2.81 22.20 6.20
CA GLY D 481 1.69 22.73 6.94
C GLY D 481 0.72 21.63 7.36
N CYS D 482 0.38 21.63 8.64
CA CYS D 482 -0.62 20.70 9.12
C CYS D 482 -0.94 21.05 10.55
N ILE D 483 -2.22 21.24 10.89
CA ILE D 483 -2.59 21.46 12.28
C ILE D 483 -2.20 20.23 13.09
N GLY D 484 -1.79 20.45 14.34
CA GLY D 484 -1.20 19.37 15.14
C GLY D 484 -2.06 18.13 15.24
N GLU D 485 -3.36 18.31 15.48
CA GLU D 485 -4.27 17.19 15.67
C GLU D 485 -4.30 16.24 14.46
N CYS D 486 -4.00 16.78 13.27
CA CYS D 486 -4.05 15.99 12.03
C CYS D 486 -2.67 15.48 11.62
N ARG D 487 -1.60 15.87 12.29
CA ARG D 487 -0.32 15.20 12.07
C ARG D 487 -0.44 13.77 12.59
N GLY D 488 0.47 12.93 12.14
CA GLY D 488 0.51 11.53 12.52
C GLY D 488 1.82 10.89 12.12
N ALA D 489 1.81 9.56 12.12
CA ALA D 489 3.02 8.79 11.83
C ALA D 489 3.41 8.81 10.36
N ASN D 490 2.67 9.50 9.50
CA ASN D 490 3.07 9.70 8.13
C ASN D 490 3.34 11.16 7.79
N TYR D 491 3.25 12.06 8.77
CA TYR D 491 3.71 13.42 8.54
C TYR D 491 5.18 13.29 8.15
N PRO D 492 5.63 13.91 7.04
CA PRO D 492 6.92 13.51 6.47
C PRO D 492 8.08 13.49 7.45
N ASN D 493 8.28 14.57 8.18
CA ASN D 493 9.41 14.64 9.09
C ASN D 493 9.32 13.57 10.18
N TYR D 494 8.12 13.07 10.48
CA TYR D 494 7.90 12.16 11.59
C TYR D 494 7.92 10.69 11.17
N ALA D 495 8.12 10.40 9.89
CA ALA D 495 7.80 9.08 9.36
C ALA D 495 8.78 7.97 9.75
N MET D 496 9.90 8.27 10.39
CA MET D 496 10.94 7.28 10.66
C MET D 496 11.30 6.99 12.09
N ASN D 497 11.31 7.96 12.99
CA ASN D 497 12.16 7.82 14.17
C ASN D 497 11.42 7.67 15.49
N VAL D 498 12.04 6.88 16.38
CA VAL D 498 11.53 6.65 17.72
C VAL D 498 11.52 7.95 18.53
N GLY D 499 10.79 7.93 19.63
CA GLY D 499 10.88 8.95 20.65
C GLY D 499 9.98 10.15 20.45
N HIS D 500 9.13 10.14 19.44
CA HIS D 500 8.39 11.34 19.06
C HIS D 500 6.89 11.12 18.89
N GLN D 501 6.46 10.09 18.14
CA GLN D 501 5.05 9.98 17.76
C GLN D 501 4.12 9.88 18.95
N GLY D 502 4.44 9.04 19.93
CA GLY D 502 3.60 8.95 21.12
C GLY D 502 3.67 10.21 21.96
N GLY D 503 4.84 10.86 21.98
CA GLY D 503 5.00 12.14 22.65
C GLY D 503 4.13 13.23 22.06
N TYR D 504 4.11 13.35 20.73
CA TYR D 504 3.24 14.31 20.08
C TYR D 504 1.78 14.00 20.35
N THR D 505 1.42 12.71 20.37
CA THR D 505 0.05 12.34 20.70
C THR D 505 -0.32 12.89 22.07
N SER D 506 0.59 12.78 23.03
CA SER D 506 0.33 13.30 24.37
C SER D 506 0.23 14.83 24.36
N VAL D 507 1.00 15.52 23.50
CA VAL D 507 0.89 16.97 23.38
C VAL D 507 -0.46 17.37 22.80
N VAL D 508 -0.93 16.64 21.78
CA VAL D 508 -2.25 16.88 21.22
C VAL D 508 -3.32 16.67 22.30
N ALA D 509 -3.20 15.58 23.06
CA ALA D 509 -4.14 15.35 24.15
C ALA D 509 -4.09 16.48 25.17
N ALA D 510 -2.89 16.98 25.48
CA ALA D 510 -2.73 18.05 26.45
C ALA D 510 -3.47 19.31 26.03
N ALA D 511 -3.59 19.57 24.73
CA ALA D 511 -4.32 20.74 24.27
C ALA D 511 -5.82 20.66 24.52
N HIS D 512 -6.32 19.48 24.90
CA HIS D 512 -7.75 19.25 25.11
C HIS D 512 -8.10 18.64 26.45
N ALA D 513 -7.17 18.01 27.15
CA ALA D 513 -7.49 17.29 28.36
C ALA D 513 -8.12 18.20 29.40
N GLY D 514 -9.20 17.76 30.01
CA GLY D 514 -9.90 18.53 31.01
C GLY D 514 -10.68 19.70 30.49
N LYS D 515 -10.64 19.95 29.19
CA LYS D 515 -11.31 21.09 28.56
C LYS D 515 -12.34 20.63 27.53
N ASP D 516 -11.97 19.68 26.66
CA ASP D 516 -12.84 19.17 25.62
C ASP D 516 -12.98 17.66 25.73
N ALA D 517 -14.10 17.16 25.21
CA ALA D 517 -14.39 15.74 25.24
C ALA D 517 -13.59 14.93 24.23
N PHE D 518 -13.00 15.59 23.24
CA PHE D 518 -12.24 14.93 22.18
C PHE D 518 -11.30 15.97 21.58
N CYS D 519 -10.31 15.48 20.83
CA CYS D 519 -9.32 16.31 20.17
C CYS D 519 -9.61 16.56 18.71
N VAL D 520 -10.09 15.52 18.00
CA VAL D 520 -10.27 15.63 16.56
C VAL D 520 -11.47 14.87 16.03
N ASN D 521 -11.98 13.84 16.72
CA ASN D 521 -13.03 13.03 16.11
C ASN D 521 -13.97 12.47 17.17
N PRO D 522 -15.17 13.05 17.31
CA PRO D 522 -16.10 12.53 18.32
C PRO D 522 -16.59 11.13 18.04
N LEU D 523 -16.51 10.68 16.78
CA LEU D 523 -16.97 9.34 16.43
C LEU D 523 -15.98 8.29 16.92
N VAL D 524 -14.69 8.57 16.75
CA VAL D 524 -13.67 7.69 17.31
C VAL D 524 -13.73 7.69 18.82
N LYS D 525 -13.85 8.88 19.41
CA LYS D 525 -13.93 9.00 20.86
C LYS D 525 -15.05 8.11 21.43
N THR D 526 -16.24 8.19 20.83
CA THR D 526 -17.39 7.50 21.38
C THR D 526 -17.30 5.99 21.14
N CYS D 527 -16.77 5.60 19.97
CA CYS D 527 -16.59 4.17 19.64
C CYS D 527 -15.84 3.42 20.74
N PHE D 528 -14.80 4.02 21.29
CA PHE D 528 -13.94 3.34 22.26
C PHE D 528 -14.40 3.49 23.71
N ALA D 529 -15.52 4.18 23.95
CA ALA D 529 -16.10 4.35 25.28
C ALA D 529 -16.98 3.14 25.63
N ASP D 530 -16.31 2.00 25.79
CA ASP D 530 -16.99 0.71 25.82
C ASP D 530 -16.15 -0.29 26.59
N GLU D 531 -16.66 -0.74 27.74
CA GLU D 531 -15.92 -1.70 28.59
C GLU D 531 -15.85 -3.10 27.97
N LEU D 532 -16.65 -3.41 26.95
CA LEU D 532 -16.53 -4.73 26.34
C LEU D 532 -15.29 -4.84 25.46
N ILE D 533 -14.68 -3.71 25.05
CA ILE D 533 -13.44 -3.78 24.28
C ILE D 533 -12.36 -4.40 25.17
N ASN D 534 -11.63 -5.39 24.62
CA ASN D 534 -10.75 -6.22 25.44
C ASN D 534 -9.68 -5.41 26.18
N PHE D 535 -9.02 -4.49 25.48
CA PHE D 535 -8.01 -3.65 26.10
C PHE D 535 -8.66 -2.43 26.76
N ASP D 536 -8.22 -2.13 27.99
CA ASP D 536 -8.75 -1.02 28.76
C ASP D 536 -8.08 0.29 28.37
N PHE D 537 -8.70 0.97 27.39
CA PHE D 537 -8.21 2.24 26.88
C PHE D 537 -8.33 3.39 27.85
N ALA D 538 -9.05 3.22 28.96
CA ALA D 538 -9.05 4.25 30.00
C ALA D 538 -7.85 4.14 30.93
N ASP D 539 -7.26 2.96 31.08
CA ASP D 539 -6.16 2.75 32.02
C ASP D 539 -5.16 1.83 31.37
N PRO D 540 -4.47 2.32 30.32
CA PRO D 540 -3.50 1.47 29.64
C PRO D 540 -2.36 1.02 30.55
N ARG D 541 -1.91 1.90 31.45
CA ARG D 541 -0.81 1.52 32.34
C ARG D 541 -1.19 0.28 33.16
N ALA D 542 -2.42 0.24 33.69
CA ALA D 542 -2.80 -0.90 34.51
C ALA D 542 -2.82 -2.18 33.69
N ALA D 543 -3.26 -2.11 32.42
CA ALA D 543 -3.29 -3.31 31.59
C ALA D 543 -1.88 -3.77 31.24
N PHE D 544 -1.01 -2.84 30.86
CA PHE D 544 0.38 -3.22 30.60
C PHE D 544 0.97 -3.94 31.82
N GLY D 545 0.75 -3.38 33.00
CA GLY D 545 1.32 -3.98 34.19
C GLY D 545 0.75 -5.33 34.54
N LYS D 546 -0.58 -5.50 34.42
CA LYS D 546 -1.19 -6.79 34.73
C LYS D 546 -0.66 -7.86 33.75
N ALA D 547 -0.49 -7.50 32.49
CA ALA D 547 0.05 -8.45 31.51
C ALA D 547 1.54 -8.71 31.72
N ALA D 548 2.25 -7.72 32.27
CA ALA D 548 3.65 -7.93 32.60
C ALA D 548 3.81 -9.04 33.64
N LEU D 549 2.82 -9.16 34.50
CA LEU D 549 2.78 -10.21 35.50
C LEU D 549 2.17 -11.52 34.99
N ARG D 550 1.76 -11.58 33.72
CA ARG D 550 1.15 -12.75 33.13
C ARG D 550 -0.20 -13.07 33.75
N GLU D 551 -0.87 -12.04 34.28
CA GLU D 551 -2.14 -12.17 34.95
C GLU D 551 -3.32 -11.56 34.18
N TRP D 552 -3.08 -10.84 33.10
CA TRP D 552 -4.13 -10.17 32.35
C TRP D 552 -4.85 -11.22 31.51
N ASP D 553 -6.18 -11.24 31.63
CA ASP D 553 -7.02 -12.37 31.26
CA ASP D 553 -6.97 -12.40 31.21
C ASP D 553 -7.95 -12.09 30.09
N ARG D 554 -7.74 -11.01 29.34
CA ARG D 554 -8.68 -10.58 28.30
C ARG D 554 -8.10 -10.77 26.90
N CYS D 555 -7.10 -11.63 26.72
CA CYS D 555 -6.52 -11.85 25.40
C CYS D 555 -7.52 -12.54 24.48
N ALA D 556 -7.71 -12.02 23.28
CA ALA D 556 -8.57 -12.62 22.29
C ALA D 556 -7.75 -13.26 21.20
N GLY D 557 -8.41 -14.09 20.40
CA GLY D 557 -7.85 -14.54 19.17
C GLY D 557 -7.01 -15.79 19.18
N GLU D 558 -6.89 -16.47 20.31
CA GLU D 558 -6.07 -17.66 20.38
C GLU D 558 -6.72 -18.83 19.60
N ARG D 559 -5.89 -19.78 19.19
CA ARG D 559 -6.33 -20.98 18.46
C ARG D 559 -6.52 -22.18 19.39
N ALA D 560 -6.42 -21.98 20.70
CA ALA D 560 -6.47 -23.07 21.68
C ALA D 560 -7.63 -24.03 21.45
N PHE D 561 -8.80 -23.53 21.09
CA PHE D 561 -9.99 -24.37 21.00
C PHE D 561 -9.86 -25.44 19.93
N VAL D 562 -9.03 -25.20 18.91
CA VAL D 562 -8.93 -26.09 17.75
C VAL D 562 -7.55 -26.72 17.59
N ILE D 563 -6.75 -26.72 18.66
CA ILE D 563 -5.44 -27.40 18.62
C ILE D 563 -5.27 -28.23 19.89
N PRO D 564 -4.40 -29.25 19.86
CA PRO D 564 -4.15 -30.03 21.09
C PRO D 564 -3.45 -29.17 22.10
N ALA D 565 -3.55 -29.60 23.35
CA ALA D 565 -2.85 -28.96 24.45
C ALA D 565 -1.34 -29.02 24.28
N ALA E 2 14.26 43.56 -10.39
N ALA E 2 14.70 44.42 -7.97
CA ALA E 2 14.52 42.13 -10.18
CA ALA E 2 14.78 43.13 -8.66
C ALA E 2 15.96 41.92 -9.74
C ALA E 2 16.05 42.44 -8.16
N ASP E 3 16.17 40.94 -8.86
N ASP E 3 16.34 41.25 -8.69
CA ASP E 3 17.53 40.54 -8.52
CA ASP E 3 17.60 40.56 -8.41
C ASP E 3 18.23 40.10 -9.78
C ASP E 3 18.23 40.11 -9.73
N THR E 4 19.48 40.48 -9.92
CA THR E 4 20.28 40.06 -11.06
C THR E 4 21.54 39.38 -10.54
N ILE E 5 21.98 38.38 -11.29
CA ILE E 5 23.13 37.54 -10.99
C ILE E 5 23.99 37.40 -12.24
N ASP E 6 25.24 37.03 -12.04
CA ASP E 6 26.09 36.58 -13.12
C ASP E 6 26.13 35.05 -13.11
N LEU E 7 26.10 34.46 -14.30
CA LEU E 7 26.17 33.01 -14.45
C LEU E 7 27.58 32.61 -14.87
N TYR E 8 28.13 31.61 -14.19
CA TYR E 8 29.47 31.10 -14.41
C TYR E 8 29.45 29.63 -14.75
N SER E 9 30.45 29.19 -15.52
CA SER E 9 30.56 27.81 -15.92
C SER E 9 31.00 26.94 -14.74
N ASP E 10 31.07 25.64 -15.03
CA ASP E 10 31.53 24.67 -14.06
C ASP E 10 32.98 24.89 -13.63
N ARG E 11 33.74 25.71 -14.35
CA ARG E 11 35.13 26.01 -13.99
C ARG E 11 35.34 27.51 -13.78
N GLY E 12 34.28 28.26 -13.47
CA GLY E 12 34.47 29.63 -13.06
C GLY E 12 34.65 30.65 -14.16
N ALA E 13 34.28 30.32 -15.40
CA ALA E 13 34.31 31.27 -16.50
C ALA E 13 32.99 32.00 -16.55
N LYS E 14 33.03 33.34 -16.62
CA LYS E 14 31.78 34.09 -16.64
C LYS E 14 31.09 33.87 -17.98
N LEU E 15 29.84 33.41 -17.94
CA LEU E 15 29.07 33.14 -19.15
C LEU E 15 28.07 34.23 -19.50
N LYS E 16 27.32 34.74 -18.53
CA LYS E 16 26.32 35.77 -18.77
C LYS E 16 26.35 36.74 -17.60
N SER E 17 26.13 38.02 -17.89
CA SER E 17 26.20 39.08 -16.90
C SER E 17 24.82 39.69 -16.67
N GLY E 18 24.52 40.01 -15.43
CA GLY E 18 23.31 40.79 -15.15
C GLY E 18 22.01 40.10 -15.54
N VAL E 19 21.92 38.81 -15.23
CA VAL E 19 20.76 38.00 -15.54
C VAL E 19 19.70 38.18 -14.46
N ASP E 20 18.48 38.52 -14.86
CA ASP E 20 17.35 38.54 -13.95
C ASP E 20 17.10 37.13 -13.43
N ILE E 21 17.01 36.96 -12.10
CA ILE E 21 16.85 35.61 -11.55
C ILE E 21 15.58 34.98 -12.09
N ASN E 22 14.59 35.79 -12.45
CA ASN E 22 13.37 35.22 -12.99
C ASN E 22 13.64 34.46 -14.26
N ASP E 23 14.70 34.81 -14.99
CA ASP E 23 15.02 34.13 -16.23
C ASP E 23 15.71 32.79 -16.08
N ILE E 24 16.09 32.42 -14.86
CA ILE E 24 16.56 31.06 -14.59
C ILE E 24 15.46 30.21 -13.93
N SER E 25 14.27 30.75 -13.75
CA SER E 25 13.18 29.97 -13.20
C SER E 25 12.87 28.76 -14.07
N PRO E 26 12.51 27.63 -13.46
CA PRO E 26 11.94 26.53 -14.27
C PRO E 26 10.74 26.97 -15.09
N MET E 27 10.01 28.01 -14.64
CA MET E 27 8.81 28.48 -15.30
C MET E 27 9.08 29.39 -16.49
N ARG E 28 10.35 29.73 -16.74
CA ARG E 28 10.69 30.61 -17.87
C ARG E 28 11.90 30.16 -18.70
N ASN E 29 12.90 29.51 -18.10
CA ASN E 29 14.13 29.21 -18.81
C ASN E 29 13.91 28.11 -19.85
N ALA E 30 14.30 28.39 -21.09
CA ALA E 30 14.04 27.46 -22.16
C ALA E 30 14.84 26.17 -22.00
N ALA E 31 16.05 26.25 -21.47
CA ALA E 31 16.85 25.04 -21.28
C ALA E 31 16.29 24.16 -20.16
N ILE E 32 15.79 24.74 -19.07
CA ILE E 32 15.16 23.93 -18.05
C ILE E 32 13.96 23.20 -18.66
N LYS E 33 13.15 23.90 -19.43
CA LYS E 33 12.04 23.22 -20.10
C LYS E 33 12.53 22.07 -20.98
N SER E 34 13.59 22.31 -21.77
CA SER E 34 14.13 21.27 -22.63
C SER E 34 14.67 20.08 -21.85
N ILE E 35 15.37 20.32 -20.74
CA ILE E 35 15.92 19.24 -19.92
C ILE E 35 14.78 18.44 -19.28
N VAL E 36 13.83 19.11 -18.64
CA VAL E 36 12.75 18.41 -17.93
C VAL E 36 11.91 17.61 -18.91
N THR E 37 11.41 18.26 -19.98
CA THR E 37 10.58 17.57 -20.96
C THR E 37 11.39 16.50 -21.65
N GLY E 38 12.66 16.76 -21.88
CA GLY E 38 13.52 15.73 -22.46
C GLY E 38 13.61 14.50 -21.59
N ILE E 39 13.85 14.69 -20.29
CA ILE E 39 13.90 13.55 -19.40
C ILE E 39 12.56 12.80 -19.37
N LYS E 40 11.44 13.52 -19.35
CA LYS E 40 10.13 12.85 -19.39
C LYS E 40 9.98 11.95 -20.61
N ARG E 41 10.57 12.33 -21.74
CA ARG E 41 10.41 11.61 -23.00
C ARG E 41 11.41 10.48 -23.22
N THR E 42 12.41 10.32 -22.37
CA THR E 42 13.53 9.44 -22.64
C THR E 42 13.43 8.11 -21.91
N ALA E 43 13.71 7.04 -22.65
CA ALA E 43 13.82 5.71 -22.09
C ALA E 43 15.09 5.02 -22.63
N ALA E 44 15.63 4.12 -21.81
CA ALA E 44 16.78 3.30 -22.12
C ALA E 44 16.30 1.88 -22.37
N VAL E 45 16.75 1.29 -23.46
CA VAL E 45 16.46 -0.09 -23.81
C VAL E 45 17.72 -0.91 -23.74
N ASP E 46 17.70 -2.00 -22.99
CA ASP E 46 18.84 -2.93 -22.91
C ASP E 46 18.61 -4.09 -23.87
N LEU E 47 19.13 -3.94 -25.09
CA LEU E 47 18.96 -5.00 -26.09
C LEU E 47 19.76 -6.25 -25.70
N ALA E 48 21.01 -6.07 -25.26
CA ALA E 48 21.78 -7.19 -24.75
C ALA E 48 21.05 -7.84 -23.58
N GLY E 49 20.43 -7.03 -22.73
CA GLY E 49 19.71 -7.56 -21.59
C GLY E 49 18.53 -8.39 -22.02
N ILE E 50 17.76 -7.94 -23.00
CA ILE E 50 16.64 -8.76 -23.46
C ILE E 50 17.15 -10.08 -24.01
N GLU E 51 18.25 -10.03 -24.77
CA GLU E 51 18.77 -11.24 -25.39
C GLU E 51 19.21 -12.24 -24.32
N LYS E 52 19.87 -11.73 -23.26
CA LYS E 52 20.28 -12.61 -22.16
C LYS E 52 19.08 -13.12 -21.36
N THR E 53 18.12 -12.23 -21.04
CA THR E 53 16.93 -12.67 -20.33
C THR E 53 16.25 -13.81 -21.08
N LEU E 54 16.09 -13.65 -22.39
CA LEU E 54 15.43 -14.70 -23.18
C LEU E 54 16.27 -15.98 -23.22
N ALA E 55 17.58 -15.87 -23.45
CA ALA E 55 18.41 -17.07 -23.59
C ALA E 55 18.44 -17.89 -22.31
N THR E 56 18.30 -17.23 -21.16
CA THR E 56 18.42 -17.90 -19.87
C THR E 56 17.05 -18.04 -19.19
N SER E 57 15.97 -17.70 -19.90
CA SER E 57 14.61 -17.62 -19.38
C SER E 57 14.52 -17.01 -17.98
N ALA E 58 15.29 -15.94 -17.76
CA ALA E 58 15.37 -15.28 -16.47
C ALA E 58 14.28 -14.21 -16.36
N ILE E 59 13.05 -14.66 -16.55
CA ILE E 59 11.89 -13.79 -16.73
CA ILE E 59 11.92 -13.76 -16.73
C ILE E 59 11.42 -13.27 -15.38
N GLY E 60 11.44 -11.95 -15.19
CA GLY E 60 10.90 -11.29 -14.01
C GLY E 60 11.91 -10.91 -12.93
N GLY E 61 13.16 -11.31 -13.07
CA GLY E 61 14.18 -10.94 -12.11
C GLY E 61 14.06 -11.58 -10.73
N LYS E 62 14.83 -11.02 -9.81
CA LYS E 62 14.84 -11.47 -8.41
C LYS E 62 15.00 -13.00 -8.30
N GLY E 63 15.92 -13.55 -9.09
CA GLY E 63 16.27 -14.94 -9.01
C GLY E 63 15.50 -15.87 -9.90
N ARG E 64 14.58 -15.35 -10.69
CA ARG E 64 13.68 -16.19 -11.42
C ARG E 64 14.35 -16.83 -12.62
N LYS E 65 13.87 -18.04 -12.94
CA LYS E 65 14.12 -18.77 -14.17
C LYS E 65 12.93 -19.65 -14.46
N ILE E 66 12.43 -19.61 -15.70
CA ILE E 66 11.33 -20.50 -16.10
C ILE E 66 11.87 -21.62 -16.98
N PRO E 67 11.99 -22.84 -16.45
CA PRO E 67 12.53 -23.93 -17.26
C PRO E 67 11.68 -24.18 -18.50
N GLY E 68 12.35 -24.43 -19.62
CA GLY E 68 11.69 -24.79 -20.86
C GLY E 68 11.30 -23.64 -21.75
N ARG E 69 11.43 -22.40 -21.28
CA ARG E 69 10.97 -21.27 -22.05
C ARG E 69 12.12 -20.47 -22.65
N GLU E 70 13.35 -21.01 -22.63
CA GLU E 70 14.49 -20.31 -23.22
C GLU E 70 14.27 -20.08 -24.71
N MET E 71 14.74 -18.93 -25.19
CA MET E 71 14.69 -18.59 -26.61
C MET E 71 15.98 -17.88 -26.99
N LYS E 72 16.53 -18.27 -28.14
CA LYS E 72 17.76 -17.70 -28.68
C LYS E 72 17.35 -16.76 -29.81
N LEU E 73 17.46 -15.45 -29.58
N LEU E 73 17.50 -15.45 -29.57
CA LEU E 73 17.26 -14.44 -30.62
CA LEU E 73 17.23 -14.41 -30.60
C LEU E 73 18.53 -13.59 -30.73
C LEU E 73 18.53 -13.59 -30.73
N ASP E 74 19.00 -13.38 -31.97
CA ASP E 74 20.21 -12.60 -32.18
C ASP E 74 19.91 -11.10 -32.21
N ILE E 75 19.51 -10.57 -31.04
CA ILE E 75 18.98 -9.21 -30.97
C ILE E 75 20.08 -8.20 -31.27
N VAL E 76 21.18 -8.26 -30.52
CA VAL E 76 22.25 -7.27 -30.68
C VAL E 76 22.79 -7.27 -32.11
N LYS E 77 22.97 -8.44 -32.71
CA LYS E 77 23.45 -8.51 -34.13
C LYS E 77 22.47 -7.81 -35.08
N ASN E 78 21.18 -7.81 -34.74
CA ASN E 78 20.15 -7.19 -35.55
C ASN E 78 19.74 -5.82 -35.01
N ALA E 79 20.61 -5.16 -34.25
CA ALA E 79 20.23 -3.89 -33.62
C ALA E 79 19.82 -2.83 -34.66
N ALA E 80 20.46 -2.79 -35.84
CA ALA E 80 20.09 -1.78 -36.82
C ALA E 80 18.64 -1.93 -37.28
N ALA E 81 18.23 -3.16 -37.58
CA ALA E 81 16.85 -3.38 -37.99
C ALA E 81 15.88 -3.06 -36.85
N ILE E 82 16.25 -3.39 -35.63
CA ILE E 82 15.37 -3.12 -34.50
CA ILE E 82 15.39 -3.13 -34.48
C ILE E 82 15.28 -1.63 -34.23
N GLN E 83 16.41 -0.92 -34.33
CA GLN E 83 16.40 0.56 -34.16
C GLN E 83 15.42 1.17 -35.17
N LYS E 84 15.50 0.76 -36.43
CA LYS E 84 14.61 1.30 -37.48
C LYS E 84 13.16 1.04 -37.15
N ALA E 85 12.84 -0.21 -36.79
CA ALA E 85 11.46 -0.56 -36.50
C ALA E 85 10.95 0.20 -35.28
N VAL E 86 11.73 0.26 -34.21
CA VAL E 86 11.32 1.01 -33.02
C VAL E 86 11.08 2.48 -33.37
N ASN E 87 11.97 3.10 -34.18
CA ASN E 87 11.76 4.48 -34.60
C ASN E 87 10.40 4.63 -35.27
N GLU E 88 10.08 3.72 -36.21
CA GLU E 88 8.81 3.82 -36.92
C GLU E 88 7.61 3.57 -36.02
N LEU E 89 7.75 2.69 -35.02
CA LEU E 89 6.63 2.40 -34.12
C LEU E 89 6.40 3.50 -33.08
N VAL E 90 7.47 4.13 -32.59
CA VAL E 90 7.35 5.20 -31.57
C VAL E 90 6.92 6.53 -32.15
N GLN E 91 7.32 6.83 -33.40
CA GLN E 91 6.95 8.10 -33.98
C GLN E 91 5.44 8.18 -34.16
N VAL E 92 4.95 9.41 -34.18
CA VAL E 92 3.57 9.70 -34.54
C VAL E 92 3.48 10.07 -36.02
N ASP E 93 4.35 10.96 -36.48
CA ASP E 93 4.44 11.28 -37.90
C ASP E 93 5.90 11.22 -38.31
N SER E 94 6.16 10.63 -39.48
N SER E 94 6.16 10.66 -39.50
CA SER E 94 7.55 10.66 -40.00
CA SER E 94 7.54 10.67 -40.03
C SER E 94 8.01 12.10 -39.96
C SER E 94 8.05 12.11 -40.04
N GLY E 95 9.27 12.34 -39.57
CA GLY E 95 9.79 13.68 -39.49
C GLY E 95 9.49 14.45 -38.21
N ASP E 96 8.82 13.83 -37.23
CA ASP E 96 8.58 14.48 -35.94
C ASP E 96 9.82 14.39 -35.05
N ASP E 97 9.67 14.78 -33.76
CA ASP E 97 10.82 14.90 -32.85
C ASP E 97 11.25 13.58 -32.17
N THR E 98 10.77 12.45 -32.67
CA THR E 98 11.20 11.14 -32.17
C THR E 98 12.70 10.95 -32.40
N VAL E 99 13.38 10.38 -31.40
CA VAL E 99 14.78 9.97 -31.54
C VAL E 99 14.90 8.51 -31.14
N VAL E 100 15.54 7.71 -31.98
CA VAL E 100 15.93 6.37 -31.56
C VAL E 100 17.34 6.14 -32.08
N LYS E 101 18.28 5.83 -31.20
CA LYS E 101 19.66 5.60 -31.61
C LYS E 101 20.22 4.40 -30.86
N ALA E 102 21.03 3.61 -31.54
CA ALA E 102 21.75 2.54 -30.89
C ALA E 102 23.02 3.07 -30.25
N LEU E 103 23.36 2.51 -29.11
CA LEU E 103 24.53 2.91 -28.36
C LEU E 103 25.35 1.65 -28.07
N ASN E 104 26.66 1.85 -27.88
CA ASN E 104 27.53 0.79 -27.37
C ASN E 104 27.41 -0.51 -28.16
N GLY E 105 27.65 -0.39 -29.47
CA GLY E 105 27.71 -1.53 -30.34
C GLY E 105 26.38 -2.21 -30.52
N GLY E 106 25.30 -1.46 -30.39
CA GLY E 106 24.00 -2.03 -30.51
C GLY E 106 23.50 -2.76 -29.29
N LYS E 107 24.20 -2.65 -28.16
CA LYS E 107 23.74 -3.30 -26.96
C LYS E 107 22.58 -2.55 -26.31
N GLN E 108 22.43 -1.27 -26.61
CA GLN E 108 21.40 -0.43 -25.99
C GLN E 108 20.77 0.44 -27.07
N LEU E 109 19.54 0.92 -26.78
CA LEU E 109 18.92 2.02 -27.51
C LEU E 109 18.62 3.15 -26.54
N ILE E 110 18.82 4.39 -27.00
CA ILE E 110 18.11 5.54 -26.46
C ILE E 110 16.85 5.74 -27.29
N VAL E 111 15.73 5.93 -26.61
CA VAL E 111 14.47 6.33 -27.24
C VAL E 111 14.01 7.63 -26.61
N GLN E 112 13.73 8.62 -27.44
CA GLN E 112 13.01 9.80 -27.01
C GLN E 112 11.70 9.83 -27.77
N VAL E 113 10.60 9.56 -27.07
CA VAL E 113 9.30 9.55 -27.73
C VAL E 113 9.00 10.95 -28.22
N PRO E 114 8.19 11.08 -29.27
CA PRO E 114 7.81 12.42 -29.72
C PRO E 114 7.07 13.16 -28.61
N SER E 115 7.27 14.48 -28.59
N SER E 115 7.25 14.48 -28.59
CA SER E 115 6.73 15.35 -27.55
CA SER E 115 6.73 15.28 -27.49
C SER E 115 5.23 15.18 -27.36
C SER E 115 5.22 15.17 -27.34
N VAL E 116 4.48 14.97 -28.43
CA VAL E 116 3.02 14.89 -28.29
C VAL E 116 2.62 13.75 -27.35
N ARG E 117 3.43 12.68 -27.29
CA ARG E 117 3.08 11.57 -26.38
C ARG E 117 3.21 11.94 -24.92
N ILE E 118 3.93 13.02 -24.60
CA ILE E 118 3.90 13.53 -23.25
CA ILE E 118 3.98 13.58 -23.25
C ILE E 118 2.99 14.73 -23.10
N ASP E 119 2.79 15.52 -24.15
CA ASP E 119 1.89 16.67 -24.02
C ASP E 119 0.45 16.24 -23.85
N VAL E 120 -0.01 15.27 -24.66
CA VAL E 120 -1.40 14.81 -24.61
C VAL E 120 -1.43 13.53 -23.80
N ALA E 121 -1.16 13.67 -22.51
CA ALA E 121 -0.94 12.57 -21.60
C ALA E 121 -0.92 13.17 -20.20
N ALA E 122 -1.17 12.37 -19.19
CA ALA E 122 -1.16 12.87 -17.83
C ALA E 122 0.25 13.04 -17.26
N GLU E 123 1.15 12.13 -17.61
CA GLU E 123 2.47 12.26 -17.02
CA GLU E 123 2.41 11.89 -16.92
C GLU E 123 3.53 11.77 -17.97
N TYR E 124 4.58 11.10 -17.52
CA TYR E 124 5.74 10.86 -18.36
CA TYR E 124 5.74 10.86 -18.35
C TYR E 124 5.82 9.42 -18.85
N VAL E 125 4.97 8.53 -18.35
CA VAL E 125 5.21 7.10 -18.47
C VAL E 125 5.05 6.56 -19.88
N SER E 126 4.50 7.32 -20.81
CA SER E 126 4.47 6.85 -22.19
CA SER E 126 4.47 6.88 -22.20
C SER E 126 5.87 6.60 -22.71
N SER E 127 6.88 7.29 -22.18
CA SER E 127 8.23 6.98 -22.63
CA SER E 127 8.24 6.98 -22.61
C SER E 127 8.59 5.54 -22.32
N LEU E 128 8.17 5.03 -21.18
CA LEU E 128 8.40 3.62 -20.88
C LEU E 128 7.45 2.70 -21.65
N THR E 129 6.16 3.03 -21.65
CA THR E 129 5.21 2.06 -22.20
C THR E 129 5.26 2.01 -23.71
N CYS E 130 5.35 3.14 -24.40
CA CYS E 130 5.41 3.10 -25.85
CA CYS E 130 5.41 3.11 -25.85
C CYS E 130 6.71 2.47 -26.31
N THR E 131 7.81 2.71 -25.59
CA THR E 131 9.07 2.05 -25.91
C THR E 131 8.95 0.57 -25.71
N ALA E 132 8.41 0.12 -24.59
CA ALA E 132 8.33 -1.32 -24.33
C ALA E 132 7.41 -2.00 -25.34
N SER E 133 6.28 -1.38 -25.71
CA SER E 133 5.43 -1.95 -26.73
C SER E 133 6.10 -1.97 -28.09
N ALA E 134 6.80 -0.89 -28.45
CA ALA E 134 7.49 -0.86 -29.73
C ALA E 134 8.57 -1.93 -29.79
N VAL E 135 9.36 -2.07 -28.73
CA VAL E 135 10.40 -3.09 -28.72
C VAL E 135 9.77 -4.49 -28.83
N THR E 136 8.71 -4.75 -28.06
CA THR E 136 8.09 -6.06 -28.11
C THR E 136 7.54 -6.38 -29.51
N GLN E 137 6.81 -5.43 -30.10
CA GLN E 137 6.32 -5.63 -31.47
C GLN E 137 7.47 -5.81 -32.46
N ALA E 138 8.51 -4.98 -32.34
CA ALA E 138 9.62 -5.08 -33.29
C ALA E 138 10.31 -6.43 -33.19
N LEU E 139 10.49 -6.95 -31.96
CA LEU E 139 11.12 -8.26 -31.83
C LEU E 139 10.25 -9.38 -32.39
N VAL E 140 8.95 -9.36 -32.08
CA VAL E 140 8.06 -10.37 -32.63
C VAL E 140 8.12 -10.39 -34.15
N SER E 141 8.13 -9.24 -34.78
CA SER E 141 8.18 -9.15 -36.23
CA SER E 141 8.18 -9.17 -36.23
CA SER E 141 8.17 -9.20 -36.23
C SER E 141 9.55 -9.57 -36.77
N GLN E 142 10.62 -9.01 -36.19
CA GLN E 142 11.96 -9.24 -36.74
C GLN E 142 12.30 -10.72 -36.71
N PHE E 143 11.91 -11.41 -35.64
CA PHE E 143 12.28 -12.81 -35.43
C PHE E 143 11.13 -13.76 -35.70
N ASN E 144 10.05 -13.29 -36.31
CA ASN E 144 8.94 -14.15 -36.71
CA ASN E 144 8.94 -14.16 -36.71
C ASN E 144 8.45 -15.02 -35.56
N ILE E 145 8.18 -14.40 -34.42
CA ILE E 145 7.80 -15.13 -33.22
C ILE E 145 6.33 -15.52 -33.29
N GLY E 146 6.03 -16.77 -33.01
CA GLY E 146 4.66 -17.23 -33.06
C GLY E 146 3.86 -16.89 -31.82
N MET E 147 2.54 -16.94 -31.99
CA MET E 147 1.62 -16.56 -30.93
C MET E 147 1.96 -17.15 -29.57
N PHE E 148 2.23 -18.47 -29.53
CA PHE E 148 2.40 -19.14 -28.24
C PHE E 148 3.66 -18.68 -27.50
N ASP E 149 4.64 -18.14 -28.23
CA ASP E 149 5.86 -17.58 -27.64
C ASP E 149 5.84 -16.07 -27.41
N ALA E 150 4.84 -15.37 -27.93
CA ALA E 150 4.83 -13.91 -27.84
C ALA E 150 4.81 -13.45 -26.38
N PRO E 151 4.06 -14.07 -25.47
CA PRO E 151 4.12 -13.64 -24.06
C PRO E 151 5.50 -13.74 -23.44
N THR E 152 6.32 -14.68 -23.90
CA THR E 152 7.68 -14.78 -23.40
C THR E 152 8.50 -13.55 -23.80
N ILE E 153 8.37 -13.13 -25.06
CA ILE E 153 9.02 -11.89 -25.50
C ILE E 153 8.54 -10.72 -24.65
N LYS E 154 7.21 -10.61 -24.50
CA LYS E 154 6.65 -9.47 -23.80
C LYS E 154 7.17 -9.40 -22.36
N SER E 155 7.15 -10.52 -21.65
CA SER E 155 7.62 -10.52 -20.28
C SER E 155 9.14 -10.33 -20.17
N ALA E 156 9.91 -10.72 -21.20
CA ALA E 156 11.33 -10.40 -21.19
C ALA E 156 11.56 -8.89 -21.25
N VAL E 157 10.71 -8.18 -21.98
CA VAL E 157 10.86 -6.74 -22.18
C VAL E 157 10.30 -5.97 -21.00
N TRP E 158 9.06 -6.30 -20.59
CA TRP E 158 8.30 -5.60 -19.59
C TRP E 158 8.51 -6.12 -18.17
N GLY E 159 9.21 -7.22 -18.00
CA GLY E 159 9.34 -7.82 -16.69
C GLY E 159 8.00 -8.35 -16.18
N GLN E 160 7.81 -8.27 -14.85
CA GLN E 160 6.62 -8.82 -14.24
C GLN E 160 5.37 -7.95 -14.37
N TYR E 161 5.46 -6.80 -14.99
CA TYR E 161 4.27 -5.94 -15.17
C TYR E 161 3.28 -6.67 -16.07
N PRO E 162 1.98 -6.78 -15.69
CA PRO E 162 1.27 -6.03 -14.65
C PRO E 162 1.03 -6.74 -13.32
N GLN E 163 1.62 -7.90 -13.07
CA GLN E 163 1.52 -8.47 -11.72
C GLN E 163 2.13 -7.50 -10.72
N THR E 164 3.27 -6.91 -11.04
CA THR E 164 3.89 -5.83 -10.29
C THR E 164 3.50 -4.48 -10.91
N LEU E 165 3.63 -3.43 -10.10
CA LEU E 165 3.32 -2.08 -10.60
C LEU E 165 4.43 -1.55 -11.52
N ASP E 166 5.65 -2.05 -11.37
CA ASP E 166 6.76 -1.60 -12.19
C ASP E 166 7.25 -2.76 -13.05
N MET E 167 8.20 -2.45 -13.92
N MET E 167 8.21 -2.47 -13.93
CA MET E 167 8.74 -3.44 -14.88
CA MET E 167 8.74 -3.47 -14.87
C MET E 167 9.88 -4.26 -14.24
C MET E 167 9.88 -4.27 -14.25
N VAL E 168 9.55 -4.96 -13.16
CA VAL E 168 10.56 -5.72 -12.40
C VAL E 168 11.15 -6.82 -13.28
N GLY E 169 12.48 -6.82 -13.43
CA GLY E 169 13.17 -7.77 -14.29
C GLY E 169 13.09 -7.47 -15.76
N GLY E 170 12.51 -6.31 -16.11
CA GLY E 170 12.43 -5.91 -17.49
C GLY E 170 13.69 -5.21 -17.97
N ASN E 171 13.63 -4.71 -19.21
CA ASN E 171 14.78 -4.19 -19.92
C ASN E 171 14.53 -2.82 -20.54
N VAL E 172 13.55 -2.08 -20.01
CA VAL E 172 13.27 -0.71 -20.42
C VAL E 172 13.22 0.13 -19.13
N LYS E 173 14.04 1.17 -19.05
CA LYS E 173 14.20 1.93 -17.81
C LYS E 173 14.35 3.42 -18.05
N SER E 174 14.04 4.19 -17.01
CA SER E 174 14.27 5.64 -17.01
C SER E 174 15.02 5.97 -15.72
N ILE E 175 15.63 7.14 -15.66
CA ILE E 175 16.16 7.64 -14.40
C ILE E 175 15.07 8.01 -13.40
N VAL E 176 13.85 8.26 -13.85
N VAL E 176 13.86 8.22 -13.90
CA VAL E 176 12.71 8.57 -13.01
CA VAL E 176 12.68 8.56 -13.05
C VAL E 176 11.99 7.28 -12.66
C VAL E 176 11.95 7.27 -12.68
N ASP E 177 11.51 7.15 -11.44
CA ASP E 177 10.74 6.00 -10.98
C ASP E 177 9.25 6.20 -11.27
N ILE E 178 8.44 5.20 -10.92
CA ILE E 178 7.02 5.21 -11.27
C ILE E 178 6.24 6.19 -10.43
N PRO E 179 5.25 6.87 -10.97
N PRO E 179 5.13 6.71 -10.97
CA PRO E 179 4.52 7.87 -10.15
CA PRO E 179 4.37 7.76 -10.25
C PRO E 179 3.87 7.32 -8.88
C PRO E 179 3.83 7.31 -8.92
N GLN E 180 3.47 6.04 -8.82
CA GLN E 180 2.82 5.53 -7.61
C GLN E 180 3.77 5.52 -6.42
N LYS E 181 5.07 5.65 -6.68
CA LYS E 181 6.03 5.67 -5.56
C LYS E 181 6.23 7.07 -4.99
N ASP E 182 5.57 8.09 -5.54
CA ASP E 182 5.71 9.42 -4.97
C ASP E 182 5.25 9.48 -3.51
N GLU E 183 6.07 10.15 -2.69
CA GLU E 183 5.71 10.42 -1.31
C GLU E 183 4.59 11.44 -1.19
N GLY E 184 4.41 12.28 -2.19
CA GLY E 184 3.40 13.30 -2.14
C GLY E 184 3.32 14.00 -3.47
N PHE E 185 2.53 15.05 -3.51
CA PHE E 185 2.34 15.81 -4.71
C PHE E 185 3.65 16.51 -5.10
N GLY E 186 4.02 16.39 -6.38
CA GLY E 186 5.14 17.08 -6.93
C GLY E 186 6.47 16.39 -6.77
N TYR E 187 6.47 15.14 -6.32
CA TYR E 187 7.69 14.41 -6.03
C TYR E 187 8.24 13.59 -7.19
N THR E 188 7.58 13.53 -8.34
CA THR E 188 8.07 12.62 -9.39
C THR E 188 9.48 13.02 -9.85
N LEU E 189 9.71 14.28 -10.20
CA LEU E 189 11.02 14.70 -10.67
C LEU E 189 12.05 14.65 -9.57
N ARG E 190 11.62 14.51 -8.32
CA ARG E 190 12.55 14.38 -7.19
C ARG E 190 12.92 12.92 -6.94
N ASN E 191 12.37 11.98 -7.70
N ASN E 191 12.39 11.97 -7.71
CA ASN E 191 12.62 10.54 -7.43
CA ASN E 191 12.62 10.54 -7.40
C ASN E 191 13.70 9.98 -8.37
C ASN E 191 13.77 9.93 -8.21
N VAL E 192 14.78 10.73 -8.53
CA VAL E 192 15.90 10.25 -9.38
C VAL E 192 17.09 9.95 -8.47
N MET E 193 17.47 8.66 -8.46
CA MET E 193 18.59 8.21 -7.59
CA MET E 193 18.61 8.25 -7.61
C MET E 193 19.87 9.05 -7.85
N ALA E 194 20.56 9.41 -6.77
CA ALA E 194 21.79 10.18 -6.89
C ALA E 194 22.80 9.52 -7.80
N ASN E 195 22.93 8.20 -7.72
CA ASN E 195 23.85 7.51 -8.62
C ASN E 195 23.50 7.75 -10.09
N HIS E 196 22.19 7.76 -10.42
CA HIS E 196 21.82 7.99 -11.80
C HIS E 196 22.28 9.36 -12.29
N LEU E 197 22.19 10.36 -11.43
CA LEU E 197 22.58 11.72 -11.80
C LEU E 197 24.07 11.84 -12.00
N ALA E 198 24.88 11.24 -11.11
CA ALA E 198 26.31 11.24 -11.29
C ALA E 198 26.73 10.54 -12.58
N ALA E 199 26.04 9.43 -12.94
CA ALA E 199 26.36 8.75 -14.18
C ALA E 199 25.95 9.57 -15.40
N THR E 200 24.81 10.27 -15.30
CA THR E 200 24.33 11.09 -16.41
C THR E 200 25.32 12.21 -16.74
N CYS E 201 25.95 12.76 -15.71
CA CYS E 201 26.84 13.92 -15.87
C CYS E 201 28.31 13.49 -15.94
N LYS E 202 28.57 12.18 -16.05
CA LYS E 202 29.92 11.64 -16.22
C LYS E 202 30.83 12.07 -15.07
N LYS E 203 30.22 12.10 -13.88
CA LYS E 203 30.97 12.40 -12.63
CA LYS E 203 31.01 12.37 -12.65
C LYS E 203 31.62 13.80 -12.55
N SER E 204 31.12 14.74 -13.34
CA SER E 204 31.46 16.15 -13.13
C SER E 204 30.62 16.66 -11.96
N ALA E 205 31.27 16.95 -10.83
CA ALA E 205 30.50 17.26 -9.62
C ALA E 205 29.63 18.51 -9.79
N MET E 206 30.14 19.57 -10.43
CA MET E 206 29.33 20.78 -10.61
C MET E 206 28.12 20.50 -11.49
N ASN E 207 28.31 19.76 -12.58
CA ASN E 207 27.19 19.48 -13.47
C ASN E 207 26.19 18.54 -12.81
N THR E 208 26.66 17.58 -12.00
CA THR E 208 25.76 16.69 -11.27
C THR E 208 24.91 17.48 -10.29
N ALA E 209 25.54 18.37 -9.55
CA ALA E 209 24.80 19.24 -8.64
C ALA E 209 23.76 20.05 -9.39
N ALA E 210 24.13 20.57 -10.57
CA ALA E 210 23.21 21.39 -11.33
C ALA E 210 22.01 20.60 -11.84
N LEU E 211 22.25 19.42 -12.44
CA LEU E 211 21.14 18.62 -12.94
C LEU E 211 20.20 18.27 -11.79
N CYS E 212 20.76 17.81 -10.67
CA CYS E 212 19.96 17.47 -9.51
C CYS E 212 19.18 18.68 -9.00
N SER E 213 19.85 19.84 -8.91
CA SER E 213 19.19 21.06 -8.44
C SER E 213 18.08 21.50 -9.36
N ILE E 214 18.26 21.37 -10.69
CA ILE E 214 17.19 21.70 -11.64
C ILE E 214 15.96 20.81 -11.38
N LEU E 215 16.19 19.50 -11.21
CA LEU E 215 15.07 18.58 -11.00
C LEU E 215 14.42 18.82 -9.64
N GLU E 216 15.21 19.01 -8.59
CA GLU E 216 14.71 19.24 -7.24
C GLU E 216 13.87 20.51 -7.20
N ASN E 217 14.40 21.59 -7.80
CA ASN E 217 13.71 22.86 -7.75
C ASN E 217 12.50 22.92 -8.66
N THR E 218 12.54 22.24 -9.81
CA THR E 218 11.34 22.05 -10.61
C THR E 218 10.28 21.28 -9.81
N GLY E 219 10.72 20.28 -9.07
CA GLY E 219 9.83 19.56 -8.16
C GLY E 219 9.20 20.46 -7.11
N VAL E 220 10.00 21.35 -6.47
CA VAL E 220 9.47 22.29 -5.47
C VAL E 220 8.38 23.14 -6.10
N PHE E 221 8.56 23.55 -7.36
CA PHE E 221 7.49 24.27 -8.06
C PHE E 221 6.22 23.41 -8.18
N GLU E 222 6.39 22.15 -8.61
CA GLU E 222 5.26 21.25 -8.80
C GLU E 222 4.54 20.91 -7.49
N MET E 223 5.28 20.93 -6.38
CA MET E 223 4.74 20.74 -5.04
C MET E 223 3.85 21.90 -4.61
N GLY E 224 3.87 23.02 -5.34
CA GLY E 224 3.14 24.18 -4.92
C GLY E 224 3.87 25.06 -3.94
N ASP E 225 5.19 24.87 -3.82
CA ASP E 225 5.97 25.49 -2.77
C ASP E 225 6.86 26.62 -3.26
N ALA E 226 6.56 27.16 -4.45
CA ALA E 226 7.26 28.33 -4.97
C ALA E 226 6.26 29.43 -5.36
N ILE E 227 5.13 29.51 -4.67
CA ILE E 227 4.09 30.51 -4.94
C ILE E 227 4.29 31.73 -4.05
N GLY E 228 3.98 32.91 -4.59
CA GLY E 228 3.80 34.07 -3.73
C GLY E 228 5.05 34.43 -2.96
N ASN E 229 4.91 34.36 -1.63
CA ASN E 229 5.98 34.80 -0.76
C ASN E 229 7.17 33.84 -0.74
N GLN E 230 7.11 32.76 -1.51
CA GLN E 230 8.23 31.84 -1.66
C GLN E 230 9.00 31.97 -2.97
N THR E 231 8.48 32.63 -3.99
CA THR E 231 9.07 32.48 -5.33
C THR E 231 10.51 32.98 -5.39
N ARG E 232 10.73 34.23 -4.99
CA ARG E 232 12.08 34.77 -5.00
C ARG E 232 13.01 33.95 -4.13
N HIS E 233 12.53 33.56 -2.97
CA HIS E 233 13.31 32.76 -2.03
C HIS E 233 13.83 31.50 -2.72
N ARG E 234 12.94 30.80 -3.42
CA ARG E 234 13.35 29.59 -4.11
C ARG E 234 14.36 29.87 -5.20
N LEU E 235 14.12 30.92 -6.00
CA LEU E 235 15.00 31.19 -7.14
C LEU E 235 16.40 31.61 -6.67
N LEU E 236 16.49 32.35 -5.57
CA LEU E 236 17.80 32.71 -5.02
C LEU E 236 18.57 31.45 -4.62
N ALA E 237 17.97 30.56 -3.84
CA ALA E 237 18.71 29.40 -3.38
C ALA E 237 19.05 28.47 -4.53
N PHE E 238 18.12 28.28 -5.47
CA PHE E 238 18.37 27.45 -6.66
C PHE E 238 19.57 28.00 -7.44
N SER E 239 19.52 29.28 -7.78
CA SER E 239 20.60 29.82 -8.60
C SER E 239 21.94 29.79 -7.87
N HIS E 240 21.93 30.06 -6.57
CA HIS E 240 23.20 30.15 -5.85
C HIS E 240 23.78 28.77 -5.56
N GLN E 241 22.95 27.78 -5.24
CA GLN E 241 23.47 26.45 -4.96
C GLN E 241 23.71 25.64 -6.22
N GLY E 242 22.73 25.69 -7.15
CA GLY E 242 22.73 24.81 -8.29
C GLY E 242 23.31 25.35 -9.57
N LEU E 243 23.34 26.67 -9.74
CA LEU E 243 23.76 27.28 -10.99
C LEU E 243 25.00 28.16 -10.81
N ASN E 244 25.73 27.99 -9.71
CA ASN E 244 26.98 28.69 -9.54
C ASN E 244 26.84 30.19 -9.75
N ALA E 245 25.73 30.75 -9.25
CA ALA E 245 25.51 32.19 -9.40
C ALA E 245 26.67 32.95 -8.76
N ASN E 246 27.14 33.96 -9.48
CA ASN E 246 28.21 34.84 -9.02
C ASN E 246 29.49 34.09 -8.72
N ASN E 247 29.61 32.84 -9.18
CA ASN E 247 30.78 32.00 -8.94
C ASN E 247 31.01 31.70 -7.46
N LEU E 248 29.99 31.84 -6.60
CA LEU E 248 30.20 31.63 -5.18
C LEU E 248 30.60 30.18 -4.89
N VAL E 249 29.91 29.21 -5.48
CA VAL E 249 30.26 27.82 -5.22
C VAL E 249 31.65 27.50 -5.78
N TYR E 250 31.87 27.68 -7.07
CA TYR E 250 33.12 27.20 -7.64
C TYR E 250 34.31 28.03 -7.17
N GLY E 251 34.15 29.35 -7.10
CA GLY E 251 35.23 30.21 -6.67
C GLY E 251 35.67 29.92 -5.24
N THR E 252 34.70 29.68 -4.34
CA THR E 252 35.06 29.40 -2.96
C THR E 252 35.67 28.00 -2.83
N THR E 253 35.12 27.04 -3.55
CA THR E 253 35.69 25.70 -3.57
C THR E 253 37.15 25.74 -4.01
N LYS E 254 37.43 26.48 -5.08
CA LYS E 254 38.80 26.57 -5.54
C LYS E 254 39.68 27.24 -4.47
N ALA E 255 39.22 28.33 -3.88
CA ALA E 255 40.04 29.01 -2.87
C ALA E 255 40.31 28.12 -1.66
N LEU E 256 39.33 27.28 -1.27
CA LEU E 256 39.45 26.41 -0.11
C LEU E 256 39.93 24.99 -0.44
N GLY E 257 40.29 24.73 -1.69
CA GLY E 257 40.46 23.37 -2.16
C GLY E 257 41.72 22.66 -1.68
N LYS E 258 42.73 23.39 -1.19
CA LYS E 258 43.94 22.75 -0.71
C LYS E 258 43.97 22.54 0.80
N THR E 259 43.48 23.51 1.56
CA THR E 259 43.59 23.40 3.01
C THR E 259 42.25 23.52 3.73
N GLY E 260 41.16 23.79 3.04
CA GLY E 260 39.92 24.09 3.72
C GLY E 260 39.24 22.86 4.29
N THR E 261 38.59 23.09 5.43
CA THR E 261 37.73 22.12 6.10
C THR E 261 36.28 22.59 6.04
N ILE E 262 35.36 21.77 6.57
CA ILE E 262 33.98 22.21 6.72
C ILE E 262 33.93 23.56 7.45
N GLY E 263 34.69 23.69 8.54
CA GLY E 263 34.75 24.97 9.24
C GLY E 263 35.26 26.11 8.39
N SER E 264 36.27 25.86 7.54
CA SER E 264 36.69 26.92 6.63
C SER E 264 35.54 27.41 5.76
N ALA E 265 34.72 26.47 5.27
CA ALA E 265 33.59 26.86 4.44
C ALA E 265 32.57 27.68 5.23
N VAL E 266 32.29 27.30 6.48
CA VAL E 266 31.40 28.10 7.32
C VAL E 266 31.92 29.52 7.41
N HIS E 267 33.22 29.65 7.74
CA HIS E 267 33.80 30.96 7.96
C HIS E 267 33.80 31.79 6.69
N ALA E 268 34.05 31.15 5.55
CA ALA E 268 34.03 31.88 4.30
C ALA E 268 32.64 32.41 3.99
N CYS E 269 31.61 31.63 4.29
CA CYS E 269 30.25 32.07 4.04
C CYS E 269 29.89 33.27 4.90
N VAL E 270 30.20 33.21 6.20
CA VAL E 270 29.94 34.34 7.08
C VAL E 270 30.72 35.57 6.61
N GLU E 271 32.00 35.36 6.26
CA GLU E 271 32.85 36.47 5.81
CA GLU E 271 32.85 36.47 5.82
C GLU E 271 32.26 37.15 4.58
N LYS E 272 31.83 36.36 3.62
N LYS E 272 31.81 36.37 3.56
CA LYS E 272 31.27 36.90 2.35
CA LYS E 272 31.26 36.92 2.32
C LYS E 272 29.94 37.60 2.64
C LYS E 272 29.92 37.61 2.63
N ALA E 273 29.09 37.01 3.50
CA ALA E 273 27.83 37.65 3.81
C ALA E 273 28.05 39.00 4.50
N ILE E 274 29.04 39.09 5.37
CA ILE E 274 29.32 40.38 6.00
C ILE E 274 29.81 41.38 4.96
N ALA E 275 30.75 40.95 4.12
CA ALA E 275 31.34 41.88 3.16
C ALA E 275 30.29 42.40 2.19
N ASP E 276 29.34 41.52 1.83
CA ASP E 276 28.30 41.84 0.86
C ASP E 276 27.11 42.54 1.49
N LYS E 277 27.13 42.78 2.80
CA LYS E 277 26.08 43.48 3.54
C LYS E 277 24.78 42.69 3.61
N VAL E 278 24.89 41.36 3.52
CA VAL E 278 23.72 40.49 3.70
C VAL E 278 23.39 40.34 5.18
N ILE E 279 24.42 40.34 6.04
CA ILE E 279 24.26 40.21 7.48
C ILE E 279 25.12 41.29 8.13
N SER E 280 24.76 41.67 9.34
CA SER E 280 25.53 42.65 10.09
C SER E 280 25.37 42.38 11.58
N ALA E 281 26.34 42.88 12.34
CA ALA E 281 26.31 42.66 13.78
C ALA E 281 25.05 43.24 14.39
N ASP E 282 24.49 42.51 15.34
CA ASP E 282 23.25 42.91 15.99
C ASP E 282 23.49 43.14 17.48
N LYS E 283 23.47 42.12 18.32
CA LYS E 283 23.54 42.30 19.77
C LYS E 283 24.86 41.72 20.28
N LYS E 284 25.65 42.53 20.96
CA LYS E 284 26.92 42.11 21.53
C LYS E 284 26.71 41.70 22.98
N PHE E 285 27.06 40.46 23.30
CA PHE E 285 26.96 39.92 24.64
C PHE E 285 28.23 40.27 25.43
N ALA E 286 28.16 40.10 26.76
CA ALA E 286 29.25 40.49 27.63
C ALA E 286 30.54 39.75 27.31
N SER E 287 30.46 38.50 26.83
CA SER E 287 31.65 37.74 26.47
C SER E 287 32.36 38.30 25.25
N GLY E 288 31.68 39.16 24.49
CA GLY E 288 32.17 39.63 23.21
C GLY E 288 31.50 38.96 22.02
N TYR E 289 30.82 37.83 22.25
CA TYR E 289 30.08 37.18 21.18
C TYR E 289 29.03 38.16 20.69
N THR E 290 28.86 38.25 19.38
CA THR E 290 27.85 39.11 18.76
CA THR E 290 27.82 39.10 18.81
C THR E 290 26.87 38.29 17.92
N THR E 291 25.59 38.45 18.17
CA THR E 291 24.63 37.90 17.22
C THR E 291 24.64 38.76 15.95
N TYR E 292 24.16 38.17 14.85
CA TYR E 292 24.04 38.85 13.56
C TYR E 292 22.57 38.91 13.17
N LYS E 293 22.26 39.94 12.38
CA LYS E 293 20.91 40.07 11.79
C LYS E 293 21.06 40.11 10.29
N THR E 294 20.01 39.80 9.56
CA THR E 294 20.00 39.93 8.12
C THR E 294 18.92 40.90 7.67
N ASN E 295 19.21 41.61 6.58
CA ASN E 295 18.22 42.43 5.90
C ASN E 295 17.57 41.69 4.73
N ASP E 296 17.89 40.42 4.51
CA ASP E 296 17.43 39.71 3.31
C ASP E 296 17.53 38.21 3.60
N VAL E 297 16.45 37.67 4.17
CA VAL E 297 16.42 36.24 4.51
C VAL E 297 16.69 35.39 3.28
N GLY E 298 16.08 35.73 2.13
CA GLY E 298 16.27 34.94 0.94
C GLY E 298 17.73 34.87 0.52
N LYS E 299 18.42 36.00 0.58
CA LYS E 299 19.81 36.06 0.18
CA LYS E 299 19.82 36.08 0.19
C LYS E 299 20.73 35.36 1.19
N TRP E 300 20.53 35.58 2.49
CA TRP E 300 21.30 34.85 3.49
C TRP E 300 21.13 33.35 3.29
N ASN E 301 19.88 32.91 3.13
CA ASN E 301 19.61 31.50 2.95
C ASN E 301 20.34 30.96 1.72
N ALA E 302 20.33 31.73 0.65
CA ALA E 302 21.00 31.33 -0.58
C ALA E 302 22.51 31.25 -0.40
N TYR E 303 23.12 32.16 0.37
CA TYR E 303 24.53 32.06 0.68
C TYR E 303 24.81 30.77 1.47
N CYS E 304 23.96 30.45 2.46
CA CYS E 304 24.11 29.19 3.19
C CYS E 304 23.96 27.98 2.29
N ALA E 305 23.06 28.06 1.28
CA ALA E 305 22.89 26.94 0.35
C ALA E 305 24.17 26.74 -0.48
N ALA E 306 24.74 27.84 -0.97
CA ALA E 306 26.01 27.75 -1.67
C ALA E 306 27.08 27.19 -0.78
N GLY E 307 27.19 27.69 0.46
CA GLY E 307 28.23 27.22 1.37
C GLY E 307 28.13 25.75 1.72
N THR E 308 26.90 25.24 1.84
CA THR E 308 26.68 23.81 2.10
C THR E 308 27.29 22.98 0.96
N LEU E 309 27.11 23.42 -0.29
CA LEU E 309 27.73 22.73 -1.42
C LEU E 309 29.25 22.93 -1.43
N VAL E 310 29.76 24.13 -1.15
CA VAL E 310 31.21 24.31 -1.07
C VAL E 310 31.79 23.30 -0.08
N ALA E 311 31.18 23.21 1.10
CA ALA E 311 31.71 22.33 2.12
C ALA E 311 31.70 20.88 1.64
N THR E 312 30.65 20.49 0.93
CA THR E 312 30.57 19.14 0.36
C THR E 312 31.72 18.90 -0.59
N LEU E 313 31.92 19.84 -1.52
CA LEU E 313 32.93 19.65 -2.56
C LEU E 313 34.33 19.55 -1.96
N ILE E 314 34.65 20.38 -0.99
CA ILE E 314 36.00 20.34 -0.41
C ILE E 314 36.17 19.16 0.55
N ASN E 315 35.12 18.72 1.26
CA ASN E 315 35.33 17.66 2.21
C ASN E 315 35.21 16.30 1.56
N CYS E 316 34.17 16.10 0.76
CA CYS E 316 34.08 14.89 -0.05
C CYS E 316 35.19 14.82 -1.07
N GLY E 317 35.55 15.96 -1.66
CA GLY E 317 36.67 15.95 -2.58
C GLY E 317 37.97 15.54 -1.92
N ALA E 318 38.19 15.98 -0.67
CA ALA E 318 39.40 15.59 0.05
C ALA E 318 39.42 14.08 0.30
N GLN E 319 38.29 13.49 0.66
CA GLN E 319 38.23 12.04 0.88
C GLN E 319 38.22 11.26 -0.43
N ARG E 320 37.91 11.94 -1.54
CA ARG E 320 37.56 11.28 -2.80
C ARG E 320 36.58 10.13 -2.53
N ALA E 321 35.52 10.45 -1.80
CA ALA E 321 34.52 9.47 -1.41
C ALA E 321 33.26 10.23 -1.06
N PRO E 322 32.09 9.61 -1.14
CA PRO E 322 30.84 10.36 -0.88
C PRO E 322 30.29 10.37 0.52
N GLN E 323 30.63 9.39 1.36
CA GLN E 323 29.83 9.17 2.56
C GLN E 323 29.74 10.39 3.49
N SER E 324 30.77 11.23 3.53
CA SER E 324 30.75 12.32 4.48
C SER E 324 29.72 13.39 4.18
N VAL E 325 29.09 13.37 3.00
CA VAL E 325 28.16 14.42 2.68
C VAL E 325 27.06 14.56 3.73
N SER E 326 26.64 13.43 4.33
CA SER E 326 25.64 13.53 5.39
C SER E 326 26.13 14.40 6.54
N ALA E 327 27.36 14.17 6.98
CA ALA E 327 27.95 14.97 8.05
C ALA E 327 28.15 16.42 7.61
N VAL E 328 28.56 16.64 6.36
CA VAL E 328 28.80 18.00 5.89
C VAL E 328 27.54 18.86 6.02
N LEU E 329 26.43 18.33 5.51
CA LEU E 329 25.19 19.10 5.52
C LEU E 329 24.75 19.41 6.92
N LEU E 330 25.01 18.49 7.86
CA LEU E 330 24.67 18.71 9.25
C LEU E 330 25.54 19.80 9.86
N TYR E 331 26.87 19.59 9.83
CA TYR E 331 27.81 20.41 10.58
C TYR E 331 28.05 21.77 9.95
N PHE E 332 28.02 21.91 8.63
CA PHE E 332 28.09 23.26 8.08
C PHE E 332 26.99 24.13 8.68
N ASN E 333 25.76 23.61 8.71
CA ASN E 333 24.63 24.40 9.13
C ASN E 333 24.56 24.59 10.64
N ASP E 334 24.86 23.54 11.41
CA ASP E 334 24.90 23.68 12.87
C ASP E 334 25.95 24.73 13.25
N LEU E 335 27.15 24.62 12.66
CA LEU E 335 28.22 25.54 12.99
C LEU E 335 27.92 26.96 12.53
N ILE E 336 27.30 27.16 11.37
CA ILE E 336 27.04 28.54 10.95
C ILE E 336 26.01 29.20 11.86
N GLU E 337 25.06 28.42 12.40
CA GLU E 337 24.14 28.98 13.37
C GLU E 337 24.88 29.36 14.66
N LYS E 338 25.80 28.51 15.12
CA LYS E 338 26.56 28.84 16.33
C LYS E 338 27.42 30.08 16.10
N GLU E 339 27.96 30.24 14.88
CA GLU E 339 28.81 31.37 14.55
C GLU E 339 28.03 32.68 14.46
N THR E 340 26.75 32.66 14.08
CA THR E 340 26.04 33.88 13.74
C THR E 340 24.77 34.17 14.54
N SER E 341 24.15 33.13 15.14
CA SER E 341 22.81 33.23 15.72
C SER E 341 21.73 33.52 14.68
N LEU E 342 22.01 33.19 13.41
CA LEU E 342 21.01 33.21 12.36
C LEU E 342 20.72 31.78 11.96
N PRO E 343 19.50 31.49 11.44
CA PRO E 343 19.23 30.14 10.96
C PRO E 343 20.11 29.73 9.79
N GLY E 344 20.44 28.44 9.76
CA GLY E 344 21.20 27.84 8.69
C GLY E 344 20.33 27.58 7.47
N CYS E 345 20.89 26.83 6.53
CA CYS E 345 20.21 26.68 5.25
C CYS E 345 18.86 26.01 5.42
N ASP E 346 17.84 26.61 4.82
CA ASP E 346 16.49 26.05 4.86
C ASP E 346 15.97 25.99 6.29
N PHE E 347 16.50 26.88 7.15
CA PHE E 347 15.93 27.14 8.48
C PHE E 347 15.96 25.92 9.39
N GLY E 348 16.98 25.08 9.20
CA GLY E 348 17.11 23.85 9.94
C GLY E 348 16.82 22.60 9.13
N LYS E 349 16.19 22.73 7.95
CA LYS E 349 15.72 21.55 7.23
CA LYS E 349 15.73 21.54 7.25
C LYS E 349 16.85 20.82 6.50
N VAL E 350 17.90 21.55 6.09
CA VAL E 350 19.08 20.83 5.57
C VAL E 350 19.75 20.05 6.70
N GLN E 351 19.96 20.71 7.84
CA GLN E 351 20.55 20.03 9.00
C GLN E 351 19.70 18.82 9.40
N GLY E 352 18.38 18.98 9.43
CA GLY E 352 17.52 17.88 9.85
C GLY E 352 17.57 16.73 8.87
N ALA E 353 17.41 17.01 7.57
CA ALA E 353 17.58 15.95 6.60
C ALA E 353 18.93 15.26 6.81
N ALA E 354 19.98 16.03 7.10
CA ALA E 354 21.31 15.47 7.26
C ALA E 354 21.44 14.59 8.49
N VAL E 355 20.76 14.94 9.57
CA VAL E 355 20.77 14.08 10.77
C VAL E 355 20.25 12.69 10.41
N GLY E 356 19.06 12.65 9.79
CA GLY E 356 18.47 11.34 9.46
C GLY E 356 19.24 10.64 8.38
N PHE E 357 19.76 11.40 7.41
CA PHE E 357 20.57 10.81 6.33
C PHE E 357 21.86 10.23 6.90
N SER E 358 22.50 10.94 7.84
CA SER E 358 23.71 10.35 8.46
C SER E 358 23.36 9.00 9.10
N PHE E 359 22.30 9.00 9.91
CA PHE E 359 21.86 7.75 10.59
C PHE E 359 21.57 6.67 9.58
N PHE E 360 20.80 6.98 8.54
CA PHE E 360 20.37 5.99 7.55
C PHE E 360 21.42 5.70 6.48
N SER E 361 22.64 6.23 6.66
CA SER E 361 23.76 5.79 5.86
C SER E 361 24.89 5.18 6.68
N HIS E 362 24.68 5.00 7.98
CA HIS E 362 25.66 4.43 8.88
C HIS E 362 25.05 3.44 9.88
N SER E 363 23.88 2.87 9.59
CA SER E 363 23.16 2.05 10.56
C SER E 363 22.52 0.82 9.89
N ILE E 364 21.89 0.00 10.72
CA ILE E 364 21.27 -1.23 10.21
C ILE E 364 19.90 -1.00 9.59
N TYR E 365 19.30 0.19 9.75
CA TYR E 365 17.83 0.25 9.67
C TYR E 365 17.27 0.48 8.26
N GLY E 366 18.07 0.98 7.33
CA GLY E 366 17.58 1.31 6.01
C GLY E 366 18.60 2.21 5.35
N GLY E 367 18.15 2.89 4.29
CA GLY E 367 19.05 3.77 3.56
C GLY E 367 20.11 3.01 2.79
N GLY E 368 21.36 3.38 2.99
CA GLY E 368 22.47 2.84 2.25
C GLY E 368 23.52 3.93 2.09
N GLY E 369 24.37 3.80 1.06
CA GLY E 369 25.28 4.87 0.76
C GLY E 369 24.57 6.05 0.11
N PRO E 370 25.26 7.19 0.03
CA PRO E 370 24.63 8.37 -0.60
C PRO E 370 23.99 8.13 -1.94
N GLY E 371 24.57 7.21 -2.72
CA GLY E 371 24.09 6.99 -4.09
C GLY E 371 22.66 6.52 -4.23
N VAL E 372 22.09 5.92 -3.17
CA VAL E 372 20.72 5.40 -3.25
C VAL E 372 19.66 6.41 -2.88
N PHE E 373 20.05 7.57 -2.37
CA PHE E 373 19.10 8.58 -1.94
C PHE E 373 18.65 9.43 -3.12
N ASN E 374 17.60 10.22 -2.87
CA ASN E 374 16.99 11.07 -3.87
C ASN E 374 16.02 11.98 -3.12
N GLY E 375 15.50 12.98 -3.84
CA GLY E 375 14.57 13.90 -3.25
C GLY E 375 13.23 13.33 -2.80
N ASN E 376 12.85 12.15 -3.31
CA ASN E 376 11.64 11.46 -2.89
C ASN E 376 11.91 10.43 -1.81
N HIS E 377 13.16 10.20 -1.44
CA HIS E 377 13.45 9.20 -0.42
C HIS E 377 12.93 9.76 0.91
N VAL E 378 12.28 8.90 1.72
CA VAL E 378 11.73 9.37 3.00
C VAL E 378 12.79 10.03 3.85
N VAL E 379 14.04 9.60 3.72
CA VAL E 379 15.09 10.13 4.59
C VAL E 379 15.53 11.54 4.19
N THR E 380 15.67 11.76 2.89
CA THR E 380 16.32 12.95 2.35
C THR E 380 15.35 13.94 1.71
N ARG E 381 14.03 13.73 1.80
CA ARG E 381 13.07 14.60 1.14
C ARG E 381 12.93 15.98 1.79
N HIS E 382 13.34 16.16 3.04
CA HIS E 382 12.75 17.19 3.90
C HIS E 382 13.18 18.60 3.57
N SER E 383 14.38 18.81 3.06
CA SER E 383 14.74 20.13 2.56
C SER E 383 13.97 20.42 1.28
N LYS E 384 13.67 21.71 1.07
CA LYS E 384 13.01 22.16 -0.16
C LYS E 384 14.07 22.36 -1.24
N GLY E 385 14.68 21.24 -1.64
CA GLY E 385 15.55 21.18 -2.77
C GLY E 385 17.03 21.47 -2.56
N LEU E 386 17.49 21.69 -1.33
CA LEU E 386 18.82 22.21 -1.06
C LEU E 386 19.75 21.21 -0.42
N ALA E 387 19.36 19.94 -0.35
CA ALA E 387 20.19 18.88 0.23
C ALA E 387 20.70 17.91 -0.85
N VAL E 388 19.78 17.31 -1.61
CA VAL E 388 20.16 16.23 -2.51
C VAL E 388 21.13 16.67 -3.59
N PRO E 389 21.14 17.93 -4.08
CA PRO E 389 22.18 18.26 -5.07
C PRO E 389 23.60 18.07 -4.52
N CYS E 390 23.78 18.30 -3.22
CA CYS E 390 25.05 18.04 -2.57
C CYS E 390 25.36 16.54 -2.54
N VAL E 391 24.33 15.72 -2.26
CA VAL E 391 24.46 14.26 -2.25
C VAL E 391 24.95 13.76 -3.60
N ALA E 392 24.33 14.26 -4.67
CA ALA E 392 24.70 13.81 -6.00
C ALA E 392 26.12 14.24 -6.36
N ALA E 393 26.50 15.48 -6.05
CA ALA E 393 27.87 15.91 -6.25
C ALA E 393 28.86 15.04 -5.49
N ALA E 394 28.55 14.68 -4.23
CA ALA E 394 29.42 13.84 -3.44
C ALA E 394 29.64 12.49 -4.11
N VAL E 395 28.58 11.90 -4.65
CA VAL E 395 28.71 10.64 -5.39
C VAL E 395 29.69 10.79 -6.54
N ALA E 396 29.60 11.91 -7.29
CA ALA E 396 30.47 12.13 -8.42
C ALA E 396 31.94 12.05 -8.03
N LEU E 397 32.29 12.47 -6.80
CA LEU E 397 33.67 12.57 -6.32
C LEU E 397 34.26 11.24 -5.84
N ASP E 398 33.53 10.15 -5.89
CA ASP E 398 34.05 8.86 -5.40
C ASP E 398 35.16 8.34 -6.28
N ALA E 399 36.29 7.97 -5.68
CA ALA E 399 37.36 7.30 -6.42
C ALA E 399 37.31 5.79 -6.33
N GLY E 400 36.36 5.24 -5.58
CA GLY E 400 36.14 3.81 -5.57
C GLY E 400 35.82 3.23 -4.20
N VAL E 401 35.19 3.96 -3.30
CA VAL E 401 34.93 3.43 -1.97
C VAL E 401 33.61 2.66 -1.90
N GLN E 402 32.57 3.12 -2.59
CA GLN E 402 31.25 2.54 -2.41
C GLN E 402 31.10 1.22 -3.15
N ILE E 403 30.33 0.31 -2.52
CA ILE E 403 29.91 -0.93 -3.24
C ILE E 403 28.79 -0.57 -4.24
N TYR E 404 27.74 0.09 -3.75
CA TYR E 404 26.59 0.42 -4.60
C TYR E 404 26.84 1.77 -5.27
N SER E 405 27.76 1.72 -6.22
CA SER E 405 28.21 2.86 -7.01
C SER E 405 27.34 2.99 -8.24
N PRO E 406 27.52 4.07 -9.02
CA PRO E 406 26.78 4.17 -10.28
C PRO E 406 27.13 3.07 -11.24
N GLU E 407 28.34 2.53 -11.18
CA GLU E 407 28.69 1.42 -12.05
C GLU E 407 27.84 0.20 -11.73
N LYS E 408 27.44 0.05 -10.46
CA LYS E 408 26.64 -1.09 -10.08
C LYS E 408 25.15 -0.85 -10.28
N THR E 409 24.65 0.35 -10.00
CA THR E 409 23.22 0.62 -9.98
C THR E 409 22.67 1.30 -11.24
N SER E 410 23.52 1.88 -12.08
CA SER E 410 23.09 2.91 -13.01
C SER E 410 23.72 2.78 -14.39
N GLY E 411 24.24 1.62 -14.75
CA GLY E 411 24.94 1.53 -16.02
C GLY E 411 24.07 1.82 -17.23
N LEU E 412 22.91 1.15 -17.33
CA LEU E 412 22.05 1.33 -18.49
C LEU E 412 21.56 2.77 -18.58
N VAL E 413 20.94 3.29 -17.51
CA VAL E 413 20.37 4.62 -17.62
C VAL E 413 21.47 5.66 -17.74
N GLY E 414 22.59 5.45 -17.08
CA GLY E 414 23.67 6.41 -17.20
C GLY E 414 24.23 6.46 -18.59
N ASP E 415 24.41 5.29 -19.21
CA ASP E 415 24.91 5.26 -20.58
C ASP E 415 23.96 6.02 -21.51
N VAL E 416 22.66 5.83 -21.36
CA VAL E 416 21.69 6.43 -22.26
C VAL E 416 21.53 7.91 -21.97
N PHE E 417 21.28 8.26 -20.72
CA PHE E 417 20.99 9.67 -20.41
C PHE E 417 22.23 10.56 -20.56
N SER E 418 23.42 10.03 -20.27
CA SER E 418 24.63 10.83 -20.45
C SER E 418 24.92 11.16 -21.90
N SER E 419 24.30 10.44 -22.86
CA SER E 419 24.49 10.71 -24.27
C SER E 419 23.82 12.00 -24.72
N VAL E 420 22.92 12.56 -23.91
CA VAL E 420 22.18 13.75 -24.24
C VAL E 420 22.92 14.96 -23.68
N ASP E 421 23.40 15.82 -24.57
CA ASP E 421 24.25 16.94 -24.18
C ASP E 421 23.64 17.80 -23.09
N GLU E 422 22.37 18.20 -23.22
CA GLU E 422 21.81 19.12 -22.23
C GLU E 422 21.66 18.46 -20.86
N PHE E 423 21.42 17.14 -20.81
CA PHE E 423 21.36 16.44 -19.54
C PHE E 423 22.74 16.40 -18.87
N ARG E 424 23.75 16.08 -19.66
CA ARG E 424 25.12 15.90 -19.17
C ARG E 424 25.77 17.23 -18.82
N GLU E 425 25.45 18.30 -19.54
CA GLU E 425 26.06 19.62 -19.37
C GLU E 425 24.98 20.67 -19.15
N PRO E 426 24.27 20.59 -18.03
CA PRO E 426 23.13 21.49 -17.84
C PRO E 426 23.50 22.92 -17.53
N ILE E 427 24.65 23.17 -16.89
CA ILE E 427 25.02 24.57 -16.58
C ILE E 427 25.15 25.36 -17.87
N LYS E 428 25.88 24.79 -18.84
CA LYS E 428 26.05 25.41 -20.14
C LYS E 428 24.70 25.67 -20.78
N ALA E 429 23.81 24.70 -20.71
CA ALA E 429 22.50 24.83 -21.35
C ALA E 429 21.69 25.98 -20.73
N VAL E 430 21.63 26.02 -19.39
CA VAL E 430 20.79 27.04 -18.73
C VAL E 430 21.31 28.44 -19.06
N ALA E 431 22.61 28.65 -18.98
CA ALA E 431 23.18 29.94 -19.28
C ALA E 431 22.99 30.31 -20.74
N GLY E 432 23.08 29.32 -21.64
CA GLY E 432 22.88 29.58 -23.05
C GLY E 432 21.48 30.05 -23.40
N ALA E 433 20.50 29.78 -22.54
CA ALA E 433 19.13 30.16 -22.77
C ALA E 433 18.77 31.57 -22.30
N VAL E 434 19.74 32.27 -21.65
CA VAL E 434 19.50 33.66 -21.12
C VAL E 434 20.38 34.67 -21.89
N ALA F 2 40.66 39.54 7.24
CA ALA F 2 39.90 38.39 6.77
C ALA F 2 38.58 38.20 7.54
N TYR F 3 38.49 37.12 8.32
CA TYR F 3 37.41 36.95 9.28
C TYR F 3 37.95 36.18 10.47
N LYS F 4 37.70 36.70 11.67
CA LYS F 4 38.10 36.04 12.91
C LYS F 4 36.90 35.32 13.53
N PRO F 5 36.86 34.00 13.54
N PRO F 5 36.87 34.00 13.54
CA PRO F 5 35.68 33.33 14.06
CA PRO F 5 35.69 33.32 14.05
C PRO F 5 35.49 33.58 15.54
C PRO F 5 35.49 33.53 15.54
N GLN F 6 34.21 33.61 15.94
CA GLN F 6 33.85 33.68 17.35
C GLN F 6 33.31 32.39 17.93
N TYR F 7 32.92 31.45 17.07
CA TYR F 7 32.59 30.04 17.39
C TYR F 7 31.30 29.79 18.11
N TYR F 8 31.09 30.42 19.28
CA TYR F 8 30.04 29.98 20.20
C TYR F 8 29.92 31.02 21.29
N PRO F 9 28.72 31.27 21.78
CA PRO F 9 28.56 32.24 22.87
C PRO F 9 28.97 31.68 24.21
N GLY F 10 28.93 32.55 25.20
CA GLY F 10 29.03 32.14 26.59
C GLY F 10 30.35 32.55 27.24
N SER F 11 30.28 32.85 28.53
CA SER F 11 31.44 33.26 29.33
C SER F 11 31.80 32.28 30.44
N THR F 12 31.10 31.16 30.54
CA THR F 12 31.42 30.18 31.55
C THR F 12 32.63 29.38 31.13
N SER F 13 33.20 28.65 32.10
CA SER F 13 34.30 27.75 31.77
C SER F 13 33.89 26.74 30.71
N VAL F 14 32.65 26.24 30.78
CA VAL F 14 32.16 25.27 29.82
C VAL F 14 32.20 25.86 28.42
N ALA F 15 31.70 27.11 28.27
CA ALA F 15 31.71 27.75 26.97
C ALA F 15 33.13 28.01 26.47
N LYS F 16 34.03 28.43 27.38
CA LYS F 16 35.42 28.61 27.00
C LYS F 16 36.06 27.31 26.56
N ASN F 17 35.79 26.21 27.29
CA ASN F 17 36.32 24.92 26.88
C ASN F 17 35.74 24.48 25.54
N ARG F 18 34.45 24.76 25.31
CA ARG F 18 33.84 24.46 24.01
C ARG F 18 34.56 25.21 22.88
N ARG F 19 34.90 26.48 23.09
CA ARG F 19 35.63 27.18 22.04
C ARG F 19 37.05 26.63 21.87
N LYS F 20 37.69 26.17 22.94
CA LYS F 20 38.98 25.50 22.81
C LYS F 20 38.88 24.27 21.93
N HIS F 21 37.89 23.41 22.17
CA HIS F 21 37.75 22.20 21.36
C HIS F 21 37.45 22.56 19.90
N MET F 22 36.55 23.53 19.67
CA MET F 22 36.23 23.93 18.29
C MET F 22 37.47 24.42 17.56
N SER F 23 38.36 25.14 18.26
CA SER F 23 39.50 25.76 17.63
C SER F 23 40.79 24.95 17.74
N ASP F 24 40.71 23.73 18.28
CA ASP F 24 41.88 22.88 18.48
C ASP F 24 42.90 23.51 19.44
N ASP F 25 42.46 24.43 20.30
CA ASP F 25 43.33 25.05 21.30
C ASP F 25 43.32 24.22 22.57
N VAL F 26 43.85 23.01 22.47
CA VAL F 26 43.73 22.02 23.53
C VAL F 26 45.12 21.54 23.97
N GLU F 27 45.27 21.33 25.26
CA GLU F 27 46.56 21.00 25.85
C GLU F 27 46.91 19.54 25.62
N LYS F 28 48.16 19.30 25.21
CA LYS F 28 48.66 17.93 25.12
C LYS F 28 48.94 17.43 26.53
N MET F 29 48.36 16.28 26.90
CA MET F 29 48.47 15.76 28.25
CA MET F 29 48.53 15.79 28.26
C MET F 29 49.33 14.50 28.35
N ARG F 30 49.53 13.78 27.26
CA ARG F 30 50.19 12.49 27.30
C ARG F 30 50.74 12.15 25.94
N ASP F 31 51.66 11.20 25.91
CA ASP F 31 52.21 10.67 24.67
C ASP F 31 51.66 9.26 24.47
N ILE F 32 51.20 8.98 23.26
CA ILE F 32 50.80 7.64 22.84
C ILE F 32 51.55 7.35 21.55
N SER F 33 52.30 6.25 21.53
CA SER F 33 53.09 5.94 20.34
C SER F 33 52.17 5.61 19.15
N ASP F 34 52.69 5.81 17.94
CA ASP F 34 51.92 5.44 16.75
C ASP F 34 51.49 3.98 16.78
N GLU F 35 52.40 3.08 17.18
CA GLU F 35 52.07 1.66 17.13
C GLU F 35 51.07 1.30 18.21
N ASP F 36 51.19 1.91 19.38
CA ASP F 36 50.19 1.68 20.44
C ASP F 36 48.81 2.15 19.99
N LEU F 37 48.72 3.33 19.38
CA LEU F 37 47.45 3.82 18.86
C LEU F 37 46.87 2.86 17.81
N THR F 38 47.69 2.42 16.87
CA THR F 38 47.22 1.48 15.86
C THR F 38 46.71 0.19 16.50
N ALA F 39 47.37 -0.27 17.55
CA ALA F 39 46.92 -1.46 18.26
C ALA F 39 45.55 -1.23 18.90
N LEU F 40 45.34 -0.08 19.51
CA LEU F 40 44.05 0.21 20.14
C LEU F 40 42.93 0.35 19.11
N LEU F 41 43.25 0.85 17.92
CA LEU F 41 42.24 1.05 16.88
C LEU F 41 41.77 -0.26 16.23
N GLY F 42 42.66 -1.25 16.11
CA GLY F 42 42.28 -2.60 15.71
C GLY F 42 42.08 -2.87 14.23
N HIS F 43 42.54 -1.98 13.34
CA HIS F 43 42.31 -2.11 11.91
C HIS F 43 43.43 -2.79 11.13
N ARG F 44 44.66 -2.81 11.66
CA ARG F 44 45.79 -3.44 10.99
C ARG F 44 46.87 -3.69 12.05
N ALA F 45 47.84 -4.53 11.70
CA ALA F 45 48.93 -4.75 12.64
C ALA F 45 49.74 -3.48 12.84
N PRO F 46 50.13 -3.16 14.07
CA PRO F 46 50.97 -1.98 14.29
C PRO F 46 52.20 -1.98 13.40
N GLY F 47 52.47 -0.82 12.80
CA GLY F 47 53.63 -0.66 11.96
C GLY F 47 53.45 -1.13 10.53
N SER F 48 52.33 -1.80 10.21
CA SER F 48 52.15 -2.37 8.89
C SER F 48 51.68 -1.31 7.92
N ASP F 49 51.90 -1.59 6.63
CA ASP F 49 51.37 -0.72 5.58
C ASP F 49 49.85 -0.59 5.70
N TYR F 50 49.33 0.55 5.29
CA TYR F 50 47.88 0.77 5.28
CA TYR F 50 47.89 0.77 5.29
C TYR F 50 47.26 -0.04 4.15
N PRO F 51 46.31 -0.92 4.43
CA PRO F 51 45.63 -1.62 3.33
C PRO F 51 44.90 -0.64 2.44
N SER F 52 44.66 -1.06 1.21
CA SER F 52 43.91 -0.24 0.27
CA SER F 52 43.93 -0.27 0.24
C SER F 52 42.55 -0.86 -0.01
N THR F 53 41.57 0.00 -0.26
CA THR F 53 40.28 -0.42 -0.79
C THR F 53 40.19 -0.24 -2.30
N HIS F 54 40.95 0.67 -2.90
CA HIS F 54 41.06 0.84 -4.34
C HIS F 54 42.47 1.28 -4.64
N PRO F 55 42.89 1.28 -5.91
CA PRO F 55 44.28 1.60 -6.23
C PRO F 55 44.56 3.07 -5.92
N PRO F 56 45.84 3.42 -5.78
CA PRO F 56 46.20 4.83 -5.59
C PRO F 56 45.73 5.67 -6.76
N LEU F 57 45.44 6.93 -6.45
CA LEU F 57 44.96 7.82 -7.50
C LEU F 57 45.96 7.94 -8.65
N SER F 58 47.27 7.80 -8.38
CA SER F 58 48.28 7.85 -9.43
C SER F 58 48.15 6.68 -10.41
N GLU F 59 47.40 5.64 -10.06
CA GLU F 59 47.18 4.49 -10.93
C GLU F 59 45.77 4.48 -11.50
N ILE F 60 44.96 5.47 -11.18
CA ILE F 60 43.55 5.53 -11.57
C ILE F 60 43.39 6.70 -12.54
N GLY F 61 42.68 6.44 -13.63
CA GLY F 61 42.22 7.52 -14.50
C GLY F 61 40.94 8.16 -14.00
N GLU F 62 41.07 9.24 -13.20
CA GLU F 62 39.91 9.86 -12.60
C GLU F 62 39.10 10.62 -13.66
N PRO F 63 37.80 10.71 -13.49
CA PRO F 63 36.98 11.44 -14.46
C PRO F 63 37.41 12.91 -14.50
N ALA F 64 37.24 13.50 -15.68
CA ALA F 64 37.40 14.94 -15.80
C ALA F 64 36.34 15.64 -14.98
N CYS F 65 36.78 16.49 -14.07
CA CYS F 65 35.89 17.17 -13.16
C CYS F 65 36.60 18.41 -12.67
N SER F 66 35.96 19.56 -12.83
CA SER F 66 36.57 20.81 -12.41
C SER F 66 36.78 20.89 -10.91
N VAL F 67 36.02 20.11 -10.13
CA VAL F 67 36.23 20.10 -8.68
C VAL F 67 37.43 19.23 -8.31
N ARG F 68 37.53 18.04 -8.87
CA ARG F 68 38.71 17.23 -8.63
C ARG F 68 39.96 18.00 -8.99
N GLU F 69 39.88 18.86 -10.02
CA GLU F 69 41.08 19.60 -10.48
C GLU F 69 41.56 20.59 -9.40
N VAL F 70 40.70 21.05 -8.50
CA VAL F 70 41.05 22.10 -7.55
C VAL F 70 40.96 21.67 -6.09
N VAL F 71 40.46 20.47 -5.79
CA VAL F 71 40.39 19.99 -4.42
C VAL F 71 41.42 18.89 -4.26
N GLU F 72 42.40 19.15 -3.41
CA GLU F 72 43.48 18.20 -3.22
C GLU F 72 43.02 16.98 -2.42
N PRO F 73 43.27 15.77 -2.91
CA PRO F 73 43.01 14.59 -2.06
C PRO F 73 43.86 14.62 -0.80
N THR F 74 43.34 14.12 0.30
CA THR F 74 44.18 13.87 1.46
C THR F 74 45.25 12.83 1.09
N PRO F 75 46.28 12.67 1.93
CA PRO F 75 47.23 11.57 1.70
C PRO F 75 46.56 10.20 1.69
N GLY F 76 45.61 9.97 2.58
CA GLY F 76 44.95 8.68 2.59
C GLY F 76 44.06 8.47 1.39
N ALA F 77 43.45 9.53 0.87
CA ALA F 77 42.66 9.38 -0.36
C ALA F 77 43.58 9.09 -1.55
N ALA F 78 44.69 9.83 -1.65
CA ALA F 78 45.61 9.60 -2.74
C ALA F 78 46.11 8.16 -2.77
N ALA F 79 46.26 7.57 -1.59
CA ALA F 79 46.77 6.22 -1.48
C ALA F 79 45.69 5.15 -1.66
N GLY F 80 44.42 5.49 -1.56
CA GLY F 80 43.37 4.49 -1.67
C GLY F 80 43.06 3.77 -0.40
N ASP F 81 43.38 4.34 0.75
CA ASP F 81 43.15 3.67 2.03
C ASP F 81 41.67 3.33 2.21
N ARG F 82 41.41 2.32 3.03
CA ARG F 82 40.06 2.08 3.51
C ARG F 82 39.57 3.28 4.32
N LEU F 83 38.24 3.45 4.36
CA LEU F 83 37.57 4.28 5.36
C LEU F 83 37.50 3.44 6.63
N ARG F 84 38.22 3.88 7.67
CA ARG F 84 38.17 3.30 9.01
C ARG F 84 37.87 4.41 10.01
N TYR F 85 37.78 4.02 11.28
CA TYR F 85 37.21 5.00 12.24
C TYR F 85 37.82 4.91 13.61
N VAL F 86 37.56 5.92 14.40
CA VAL F 86 37.77 5.90 15.83
C VAL F 86 36.46 6.36 16.45
N GLN F 87 36.09 5.72 17.56
CA GLN F 87 34.84 6.02 18.25
C GLN F 87 35.11 6.16 19.73
N TRP F 88 34.49 7.20 20.33
CA TRP F 88 34.70 7.57 21.72
C TRP F 88 33.37 7.62 22.47
N SER F 89 33.43 7.25 23.75
CA SER F 89 32.35 7.43 24.70
C SER F 89 32.88 8.27 25.85
N ASP F 90 32.10 9.27 26.29
CA ASP F 90 32.52 10.25 27.28
C ASP F 90 31.47 10.35 28.39
N SER F 91 31.90 10.16 29.64
CA SER F 91 30.99 10.22 30.75
C SER F 91 30.32 11.59 30.91
N MET F 92 29.06 11.54 31.32
CA MET F 92 28.33 12.72 31.72
C MET F 92 28.74 13.26 33.08
N TYR F 93 29.61 12.55 33.80
CA TYR F 93 30.20 13.07 35.03
C TYR F 93 31.47 13.86 34.70
N ASN F 94 31.28 14.91 33.90
CA ASN F 94 32.31 15.92 33.61
C ASN F 94 33.49 15.38 32.83
N ALA F 95 33.30 14.43 31.91
CA ALA F 95 34.39 14.16 30.99
C ALA F 95 34.75 15.45 30.26
N PRO F 96 36.01 15.59 29.84
CA PRO F 96 36.37 16.82 29.11
C PRO F 96 35.55 17.01 27.85
N SER F 97 35.28 15.95 27.11
CA SER F 97 34.58 16.04 25.85
C SER F 97 33.09 15.75 25.99
N VAL F 98 32.35 16.31 25.03
CA VAL F 98 30.96 15.95 24.80
C VAL F 98 30.83 15.60 23.32
N PRO F 99 29.89 14.73 22.95
CA PRO F 99 29.83 14.27 21.56
C PRO F 99 29.83 15.37 20.50
N TYR F 100 28.93 16.35 20.57
CA TYR F 100 28.88 17.31 19.47
C TYR F 100 30.23 18.02 19.33
N TRP F 101 30.93 18.30 20.44
CA TRP F 101 32.17 19.05 20.37
C TRP F 101 33.33 18.21 19.83
N ARG F 102 33.33 16.89 20.02
CA ARG F 102 34.28 16.07 19.28
C ARG F 102 34.03 16.20 17.78
N SER F 103 32.76 16.25 17.37
CA SER F 103 32.43 16.40 15.95
C SER F 103 32.80 17.77 15.41
N TYR F 104 32.56 18.84 16.19
CA TYR F 104 32.96 20.16 15.76
C TYR F 104 34.48 20.25 15.63
N HIS F 105 35.21 19.63 16.57
CA HIS F 105 36.67 19.60 16.48
C HIS F 105 37.11 18.97 15.15
N ALA F 106 36.50 17.84 14.80
CA ALA F 106 36.77 17.19 13.51
C ALA F 106 36.48 18.14 12.33
N ALA F 107 35.26 18.67 12.30
CA ALA F 107 34.79 19.40 11.12
C ALA F 107 35.55 20.71 10.94
N ILE F 108 35.98 21.34 12.03
CA ILE F 108 36.68 22.62 11.90
C ILE F 108 38.14 22.41 11.52
N ASN F 109 38.78 21.37 12.08
CA ASN F 109 40.24 21.31 12.09
C ASN F 109 40.86 20.24 11.21
N PHE F 110 40.09 19.34 10.60
CA PHE F 110 40.66 18.29 9.78
C PHE F 110 39.93 18.26 8.44
N ARG F 111 40.71 18.08 7.38
CA ARG F 111 40.14 17.88 6.05
C ARG F 111 39.57 16.47 5.92
N GLY F 112 38.50 16.35 5.16
CA GLY F 112 38.00 15.04 4.80
C GLY F 112 37.53 14.17 5.97
N VAL F 113 36.57 14.69 6.74
CA VAL F 113 36.04 13.99 7.91
C VAL F 113 34.60 13.53 7.69
N ASP F 114 34.21 12.46 8.40
CA ASP F 114 32.84 11.95 8.40
C ASP F 114 32.43 11.70 9.85
N PRO F 115 32.17 12.76 10.61
CA PRO F 115 31.81 12.60 12.02
C PRO F 115 30.33 12.30 12.20
N GLY F 116 30.07 11.56 13.27
CA GLY F 116 28.72 11.24 13.70
C GLY F 116 28.60 11.43 15.20
N THR F 117 27.53 12.10 15.62
CA THR F 117 27.28 12.41 17.02
C THR F 117 26.05 11.67 17.54
N LEU F 118 26.22 11.00 18.68
CA LEU F 118 25.17 10.30 19.39
C LEU F 118 25.36 10.58 20.89
N SER F 119 24.44 10.14 21.73
CA SER F 119 24.58 10.41 23.15
C SER F 119 25.73 9.60 23.76
N GLY F 120 25.80 8.30 23.41
CA GLY F 120 26.76 7.39 24.08
C GLY F 120 27.98 7.07 23.25
N ARG F 121 28.12 7.74 22.11
CA ARG F 121 29.23 7.41 21.20
C ARG F 121 29.36 8.58 20.25
N GLN F 122 30.57 8.84 19.79
CA GLN F 122 30.86 9.88 18.78
C GLN F 122 31.89 9.22 17.88
N VAL F 123 31.70 9.30 16.58
CA VAL F 123 32.58 8.54 15.66
C VAL F 123 33.09 9.43 14.54
N ASN F 124 34.22 9.07 13.95
CA ASN F 124 34.70 9.80 12.75
C ASN F 124 35.32 8.76 11.82
N GLU F 125 34.81 8.68 10.60
CA GLU F 125 35.37 7.82 9.58
C GLU F 125 36.19 8.69 8.64
N MET F 126 37.43 8.25 8.40
CA MET F 126 38.31 8.95 7.44
C MET F 126 39.19 7.90 6.78
N ARG F 127 39.79 8.25 5.65
CA ARG F 127 40.81 7.38 5.08
C ARG F 127 41.80 7.05 6.20
N GLU F 128 42.21 5.78 6.28
CA GLU F 128 42.80 5.27 7.52
C GLU F 128 43.97 6.12 8.02
N ARG F 129 44.92 6.46 7.15
CA ARG F 129 46.06 7.20 7.69
C ARG F 129 45.67 8.59 8.17
N ASP F 130 44.69 9.19 7.51
CA ASP F 130 44.21 10.49 7.98
C ASP F 130 43.50 10.35 9.32
N MET F 131 42.73 9.27 9.46
CA MET F 131 42.00 9.01 10.73
C MET F 131 42.99 8.91 11.90
N GLU F 132 44.13 8.25 11.69
CA GLU F 132 45.07 8.08 12.78
C GLU F 132 45.59 9.42 13.29
N GLU F 133 45.78 10.40 12.40
N GLU F 133 45.80 10.40 12.39
CA GLU F 133 46.24 11.72 12.83
CA GLU F 133 46.24 11.72 12.84
C GLU F 133 45.19 12.38 13.72
C GLU F 133 45.18 12.37 13.74
N TYR F 134 43.91 12.29 13.33
CA TYR F 134 42.82 12.83 14.12
C TYR F 134 42.70 12.08 15.45
N ALA F 135 42.75 10.76 15.40
CA ALA F 135 42.62 9.95 16.60
C ALA F 135 43.72 10.30 17.58
N LYS F 136 44.94 10.47 17.09
CA LYS F 136 46.05 10.77 17.97
C LYS F 136 45.84 12.10 18.68
N ARG F 137 45.41 13.12 17.94
CA ARG F 137 45.19 14.42 18.54
C ARG F 137 44.15 14.35 19.66
N GLN F 138 43.01 13.71 19.39
CA GLN F 138 41.99 13.61 20.44
C GLN F 138 42.47 12.73 21.58
N ALA F 139 43.25 11.69 21.30
CA ALA F 139 43.66 10.74 22.35
C ALA F 139 44.73 11.30 23.28
N GLU F 140 45.61 12.16 22.77
CA GLU F 140 46.74 12.66 23.53
C GLU F 140 46.44 13.95 24.27
N THR F 141 45.37 14.66 23.90
CA THR F 141 45.08 15.96 24.48
C THR F 141 44.06 15.86 25.59
N GLU F 142 43.78 17.01 26.19
CA GLU F 142 42.81 17.09 27.25
C GLU F 142 41.41 16.71 26.79
N MET F 143 41.18 16.62 25.47
CA MET F 143 39.88 16.19 25.01
C MET F 143 39.51 14.80 25.52
N THR F 144 40.52 13.98 25.79
CA THR F 144 40.25 12.62 26.34
C THR F 144 40.83 12.45 27.72
N ASP F 145 39.97 12.13 28.68
CA ASP F 145 40.45 11.67 30.00
C ASP F 145 40.18 10.16 29.94
N TRP F 146 41.19 9.33 30.09
CA TRP F 146 40.99 7.87 29.85
C TRP F 146 40.33 7.17 31.04
N GLY F 147 40.03 7.87 32.13
CA GLY F 147 39.16 7.32 33.16
C GLY F 147 37.69 7.59 32.86
N LEU F 148 37.38 8.83 32.50
CA LEU F 148 36.00 9.24 32.23
C LEU F 148 35.56 8.95 30.80
N ALA F 149 36.48 8.55 29.93
CA ALA F 149 36.17 8.27 28.55
C ALA F 149 36.77 6.92 28.19
N GLY F 150 36.39 6.41 27.01
CA GLY F 150 37.02 5.24 26.44
C GLY F 150 36.88 5.26 24.94
N MET F 151 37.77 4.51 24.28
CA MET F 151 37.69 4.20 22.86
C MET F 151 36.85 2.95 22.71
N ARG F 152 35.68 3.07 22.07
CA ARG F 152 34.71 1.99 22.04
C ARG F 152 34.00 1.98 20.69
N GLY F 153 34.37 1.02 19.83
CA GLY F 153 33.71 0.86 18.56
C GLY F 153 32.41 0.09 18.62
N CYS F 154 32.10 -0.48 19.78
CA CYS F 154 30.89 -1.25 20.00
C CYS F 154 30.71 -1.35 21.51
N THR F 155 29.49 -1.71 21.92
CA THR F 155 29.17 -1.99 23.31
C THR F 155 29.57 -0.77 24.16
N VAL F 156 28.90 0.34 23.88
CA VAL F 156 29.36 1.64 24.37
C VAL F 156 28.85 1.99 25.75
N HIS F 157 27.85 1.27 26.23
CA HIS F 157 27.14 1.54 27.47
C HIS F 157 28.08 2.05 28.56
N GLY F 158 27.69 3.17 29.17
CA GLY F 158 28.49 3.73 30.25
C GLY F 158 28.37 5.23 30.45
N SER F 160 26.11 7.46 30.73
CA SER F 160 25.06 7.95 31.60
C SER F 160 24.93 7.12 32.90
N LEU F 161 25.80 6.14 33.05
CA LEU F 161 25.78 5.29 34.23
C LEU F 161 26.59 5.90 35.35
N ARG F 162 26.23 5.53 36.56
CA ARG F 162 27.06 5.88 37.71
C ARG F 162 28.49 5.38 37.52
N LEU F 163 29.44 6.21 37.91
CA LEU F 163 30.84 5.81 37.82
C LEU F 163 31.13 4.63 38.74
N GLN F 164 32.14 3.84 38.38
CA GLN F 164 32.65 2.84 39.29
C GLN F 164 33.20 3.52 40.56
N GLU F 165 33.39 2.72 41.61
CA GLU F 165 33.88 3.32 42.85
C GLU F 165 35.28 3.91 42.68
N ASP F 166 36.07 3.39 41.73
CA ASP F 166 37.38 3.95 41.44
C ASP F 166 37.35 5.18 40.55
N GLY F 167 36.17 5.68 40.20
CA GLY F 167 36.04 6.89 39.42
C GLY F 167 36.09 6.70 37.93
N VAL F 168 36.22 5.48 37.45
CA VAL F 168 36.33 5.19 36.01
C VAL F 168 34.95 4.83 35.49
N MET F 169 34.68 5.24 34.24
CA MET F 169 33.45 4.86 33.59
C MET F 169 33.44 3.38 33.21
N PHE F 170 32.37 2.70 33.59
CA PHE F 170 32.14 1.30 33.29
CA PHE F 170 32.19 1.30 33.31
C PHE F 170 32.32 1.01 31.81
N ASP F 171 32.96 -0.13 31.51
CA ASP F 171 33.07 -0.71 30.18
C ASP F 171 32.66 -2.17 30.28
N MET F 172 31.53 -2.54 29.66
CA MET F 172 31.10 -3.93 29.69
C MET F 172 32.22 -4.87 29.25
N LEU F 173 33.00 -4.46 28.25
CA LEU F 173 34.03 -5.28 27.64
C LEU F 173 35.39 -5.09 28.27
N ASP F 174 35.53 -4.23 29.27
CA ASP F 174 36.78 -4.10 30.03
C ASP F 174 37.98 -3.91 29.10
N ARG F 175 37.90 -2.90 28.23
CA ARG F 175 39.01 -2.62 27.32
C ARG F 175 40.14 -1.85 27.99
N ARG F 176 39.81 -1.06 29.02
CA ARG F 176 40.78 -0.20 29.69
C ARG F 176 40.35 -0.09 31.15
N ARG F 177 41.31 0.07 32.06
CA ARG F 177 41.03 0.09 33.48
C ARG F 177 42.21 0.71 34.21
N LEU F 178 42.00 1.08 35.49
CA LEU F 178 43.08 1.56 36.32
CA LEU F 178 43.08 1.57 36.34
C LEU F 178 43.97 0.41 36.79
N GLU F 179 45.28 0.58 36.64
N GLU F 179 45.33 0.53 36.68
CA GLU F 179 46.25 -0.31 37.24
CA GLU F 179 46.30 -0.46 37.21
C GLU F 179 47.40 0.52 37.76
C GLU F 179 47.51 0.36 37.73
N GLY F 180 47.69 0.44 39.05
CA GLY F 180 48.84 1.17 39.56
C GLY F 180 48.75 2.66 39.39
N GLY F 181 47.54 3.21 39.41
CA GLY F 181 47.39 4.64 39.34
C GLY F 181 47.30 5.20 37.94
N VAL F 182 47.48 4.37 36.92
CA VAL F 182 47.34 4.82 35.54
C VAL F 182 46.31 3.97 34.84
N ILE F 183 45.73 4.53 33.78
CA ILE F 183 44.87 3.77 32.92
C ILE F 183 45.74 2.91 32.00
N VAL F 184 45.39 1.64 31.88
CA VAL F 184 46.02 0.73 30.93
C VAL F 184 44.94 0.15 30.03
N SER F 185 45.35 -0.22 28.81
CA SER F 185 44.44 -0.82 27.84
C SER F 185 45.13 -1.97 27.11
N ASP F 186 44.47 -3.13 27.10
CA ASP F 186 45.00 -4.35 26.49
C ASP F 186 43.98 -5.01 25.55
N LYS F 187 43.03 -4.23 25.03
CA LYS F 187 42.11 -4.69 24.01
C LYS F 187 41.95 -3.61 22.96
N ASP F 188 41.60 -4.02 21.73
CA ASP F 188 41.25 -3.05 20.70
C ASP F 188 39.85 -2.50 20.96
N GLN F 189 39.46 -1.52 20.13
CA GLN F 189 38.25 -0.75 20.45
C GLN F 189 36.98 -1.56 20.26
N VAL F 190 37.04 -2.75 19.67
CA VAL F 190 35.87 -3.61 19.60
C VAL F 190 36.00 -4.82 20.52
N GLY F 191 36.92 -4.77 21.49
CA GLY F 191 37.01 -5.76 22.54
C GLY F 191 37.92 -6.92 22.27
N VAL F 192 38.66 -6.91 21.17
CA VAL F 192 39.53 -8.03 20.87
C VAL F 192 40.80 -7.90 21.69
N PRO F 193 41.20 -8.87 22.51
CA PRO F 193 42.46 -8.73 23.25
C PRO F 193 43.63 -8.51 22.31
N ILE F 194 44.55 -7.65 22.74
CA ILE F 194 45.79 -7.35 22.01
C ILE F 194 46.99 -7.79 22.83
N ASP F 195 48.12 -8.01 22.14
CA ASP F 195 49.30 -8.58 22.78
C ASP F 195 50.22 -7.52 23.37
N ARG F 196 49.66 -6.39 23.78
CA ARG F 196 50.39 -5.35 24.49
C ARG F 196 49.46 -4.69 25.50
N LYS F 197 50.07 -3.97 26.45
CA LYS F 197 49.34 -3.19 27.45
C LYS F 197 49.79 -1.74 27.32
N VAL F 198 48.89 -0.88 26.88
CA VAL F 198 49.22 0.52 26.60
C VAL F 198 48.95 1.34 27.85
N ASN F 199 49.94 2.14 28.27
CA ASN F 199 49.83 3.04 29.42
C ASN F 199 49.28 4.39 28.94
N LEU F 200 48.08 4.73 29.43
CA LEU F 200 47.37 5.95 28.94
C LEU F 200 47.35 7.06 30.00
N GLY F 201 48.19 6.96 31.03
CA GLY F 201 48.40 8.03 31.97
C GLY F 201 47.43 8.00 33.14
N LYS F 202 47.71 8.88 34.12
CA LYS F 202 46.84 9.04 35.28
C LYS F 202 45.56 9.73 34.85
N PRO F 203 44.40 9.29 35.34
CA PRO F 203 43.16 10.04 35.06
C PRO F 203 43.18 11.35 35.80
N MET F 204 42.40 12.27 35.25
CA MET F 204 42.28 13.58 35.90
C MET F 204 41.53 13.43 37.22
N SER F 205 41.90 14.26 38.21
CA SER F 205 41.07 14.35 39.41
C SER F 205 39.68 14.88 39.05
N GLU F 206 38.74 14.68 39.97
CA GLU F 206 37.41 15.25 39.78
C GLU F 206 37.49 16.77 39.61
N ALA F 207 38.36 17.41 40.38
CA ALA F 207 38.46 18.87 40.33
C ALA F 207 39.00 19.35 38.99
N GLU F 208 39.98 18.64 38.44
CA GLU F 208 40.51 19.04 37.13
C GLU F 208 39.49 18.77 36.03
N ALA F 209 38.79 17.62 36.08
CA ALA F 209 37.73 17.37 35.12
C ALA F 209 36.68 18.48 35.14
N ALA F 210 36.30 18.94 36.34
CA ALA F 210 35.29 19.99 36.44
C ALA F 210 35.74 21.26 35.74
N LYS F 211 37.05 21.56 35.83
CA LYS F 211 37.57 22.76 35.19
C LYS F 211 37.72 22.63 33.69
N ARG F 212 37.91 21.41 33.16
CA ARG F 212 38.17 21.21 31.74
C ARG F 212 36.95 20.77 30.96
N THR F 213 35.84 20.50 31.62
CA THR F 213 34.71 19.89 30.93
C THR F 213 33.94 20.87 30.05
N THR F 214 33.46 20.32 28.93
CA THR F 214 32.50 20.95 28.02
C THR F 214 31.05 20.56 28.31
N PHE F 215 30.80 19.88 29.42
CA PHE F 215 29.47 19.43 29.83
C PHE F 215 28.94 20.39 30.90
N TYR F 216 27.70 20.88 30.75
CA TYR F 216 27.06 21.64 31.82
C TYR F 216 26.40 20.69 32.82
N ARG F 217 26.73 20.86 34.09
CA ARG F 217 26.21 20.05 35.17
C ARG F 217 25.91 20.96 36.36
N VAL F 218 24.74 20.77 36.99
CA VAL F 218 24.17 21.76 37.90
C VAL F 218 25.08 22.08 39.09
N ASP F 219 25.82 21.11 39.62
CA ASP F 219 26.68 21.36 40.78
C ASP F 219 28.09 21.77 40.39
N ASN F 220 28.36 21.98 39.11
CA ASN F 220 29.65 22.47 38.65
C ASN F 220 29.46 23.80 37.93
N VAL F 221 29.00 23.75 36.68
CA VAL F 221 28.64 24.94 35.92
C VAL F 221 27.25 24.63 35.35
N ALA F 222 26.21 25.20 35.96
CA ALA F 222 24.84 24.90 35.55
C ALA F 222 24.52 25.53 34.21
N PHE F 223 23.83 24.78 33.35
CA PHE F 223 23.38 25.34 32.07
C PHE F 223 22.55 26.60 32.30
N ARG F 224 21.69 26.58 33.33
CA ARG F 224 20.86 27.73 33.67
C ARG F 224 21.68 29.00 33.83
N SER F 225 22.93 28.88 34.28
CA SER F 225 23.78 30.04 34.52
C SER F 225 24.41 30.61 33.27
N ASP F 226 24.38 29.90 32.13
CA ASP F 226 25.00 30.41 30.91
C ASP F 226 23.93 31.13 30.09
N LYS F 227 23.66 32.38 30.52
CA LYS F 227 22.56 33.16 29.97
C LYS F 227 22.78 33.44 28.50
N GLU F 228 24.04 33.60 28.08
CA GLU F 228 24.32 33.85 26.66
C GLU F 228 23.90 32.67 25.80
N VAL F 229 24.26 31.46 26.22
CA VAL F 229 23.94 30.29 25.42
C VAL F 229 22.44 30.09 25.34
N ILE F 230 21.72 30.26 26.44
CA ILE F 230 20.27 30.12 26.43
C ILE F 230 19.64 31.16 25.48
N GLU F 231 20.12 32.40 25.56
CA GLU F 231 19.59 33.45 24.69
C GLU F 231 19.84 33.11 23.22
N HIS F 232 21.03 32.60 22.92
CA HIS F 232 21.35 32.15 21.58
C HIS F 232 20.39 31.08 21.08
N VAL F 233 20.16 30.05 21.90
CA VAL F 233 19.27 28.97 21.51
C VAL F 233 17.89 29.52 21.21
N GLN F 234 17.40 30.38 22.11
CA GLN F 234 16.07 30.95 21.93
C GLN F 234 15.98 31.79 20.66
N LYS F 235 17.06 32.53 20.35
CA LYS F 235 17.06 33.36 19.15
C LYS F 235 17.00 32.53 17.89
N VAL F 236 17.83 31.48 17.80
CA VAL F 236 17.81 30.63 16.61
C VAL F 236 16.46 29.94 16.47
N TRP F 237 15.89 29.46 17.57
CA TRP F 237 14.55 28.88 17.56
C TRP F 237 13.52 29.88 17.05
N GLU F 238 13.55 31.10 17.59
CA GLU F 238 12.56 32.12 17.18
C GLU F 238 12.66 32.41 15.69
N LEU F 239 13.88 32.59 15.18
CA LEU F 239 14.03 32.94 13.77
C LEU F 239 13.66 31.77 12.87
N ARG F 240 14.09 30.57 13.23
CA ARG F 240 13.69 29.39 12.43
C ARG F 240 12.16 29.34 12.37
N THR F 241 11.49 29.59 13.48
CA THR F 241 10.02 29.50 13.55
C THR F 241 9.40 30.58 12.67
N LYS F 242 9.86 31.81 12.83
N LYS F 242 9.86 31.81 12.84
CA LYS F 242 9.23 32.93 12.10
CA LYS F 242 9.23 32.94 12.10
C LYS F 242 9.45 32.77 10.60
C LYS F 242 9.45 32.77 10.60
N TYR F 243 10.68 32.41 10.21
CA TYR F 243 10.99 32.35 8.76
C TYR F 243 10.30 31.13 8.13
N GLY F 244 9.98 30.11 8.92
CA GLY F 244 9.22 28.97 8.36
C GLY F 244 7.80 29.39 8.01
N PHE F 245 7.22 30.34 8.72
CA PHE F 245 5.91 30.88 8.35
C PHE F 245 6.03 31.76 7.12
N VAL F 246 6.85 32.81 7.20
CA VAL F 246 7.10 33.71 6.07
C VAL F 246 8.59 34.00 6.02
N PRO F 247 9.28 33.70 4.91
CA PRO F 247 10.74 33.86 4.89
C PRO F 247 11.12 35.30 4.58
N LYS F 248 10.95 36.16 5.59
CA LYS F 248 11.18 37.59 5.43
C LYS F 248 11.69 38.14 6.74
N ALA F 249 12.68 39.01 6.66
CA ALA F 249 13.28 39.54 7.87
C ALA F 249 12.28 40.32 8.69
#